data_1XY6
# 
_entry.id   1XY6 
# 
_audit_conform.dict_name       mmcif_pdbx.dic 
_audit_conform.dict_version    5.355 
_audit_conform.dict_location   http://mmcif.pdb.org/dictionaries/ascii/mmcif_pdbx.dic 
# 
loop_
_database_2.database_id 
_database_2.database_code 
_database_2.pdbx_database_accession 
_database_2.pdbx_DOI 
PDB   1XY6         pdb_00001xy6 10.2210/pdb1xy6/pdb 
RCSB  RCSB030901   ?            ?                   
WWPDB D_1000030901 ?            ?                   
# 
loop_
_pdbx_database_related.db_name 
_pdbx_database_related.db_id 
_pdbx_database_related.details 
_pdbx_database_related.content_type 
PDB 1XXZ . unspecified 
PDB 1XY4 . unspecified 
PDB 1XY5 . unspecified 
PDB 1XY8 . unspecified 
PDB 1XY9 . unspecified 
# 
_pdbx_database_status.entry_id                        1XY6 
_pdbx_database_status.status_code                     REL 
_pdbx_database_status.recvd_initial_deposition_date   2004-11-09 
_pdbx_database_status.deposit_site                    RCSB 
_pdbx_database_status.process_site                    RCSB 
_pdbx_database_status.status_code_mr                  REL 
_pdbx_database_status.SG_entry                        N 
_pdbx_database_status.status_code_sf                  ? 
_pdbx_database_status.pdb_format_compatible           Y 
_pdbx_database_status.status_code_cs                  ? 
_pdbx_database_status.status_code_nmr_data            ? 
_pdbx_database_status.methods_development_category    ? 
# 
loop_
_audit_author.name 
_audit_author.pdbx_ordinal 
'Grace, C.R.R.' 1 
'Durrer, L.'    2 
'Koerber, S.C.' 3 
'Erchegyi, J.'  4 
'Reubi, J.C.'   5 
'Rivier, J.E.'  6 
'Riek, R.'      7 
# 
_citation.id                        primary 
_citation.title                     'Somatostatin receptor 1 selective analogues: 4. Three-dimensional consensus structure by NMR' 
_citation.journal_abbrev            J.Med.Chem. 
_citation.journal_volume            48 
_citation.page_first                523 
_citation.page_last                 533 
_citation.year                      2005 
_citation.journal_id_ASTM           JMCMAR 
_citation.country                   US 
_citation.journal_id_ISSN           0022-2623 
_citation.journal_id_CSD            0151 
_citation.book_publisher            ? 
_citation.pdbx_database_id_PubMed   15658866 
_citation.pdbx_database_id_DOI      10.1021/jm049518u 
# 
loop_
_citation_author.citation_id 
_citation_author.name 
_citation_author.ordinal 
_citation_author.identifier_ORCID 
primary 'Grace, C.R.R.' 1 ? 
primary 'Durrer, L.'    2 ? 
primary 'Koerber, S.C.' 3 ? 
primary 'Erchegyi, J.'  4 ? 
primary 'Reubi, J.C.'   5 ? 
primary 'Rivier, J.E.'  6 ? 
primary 'Riek, R.'      7 ? 
# 
_cell.entry_id           1XY6 
_cell.length_a           1.000 
_cell.length_b           1.000 
_cell.length_c           1.000 
_cell.angle_alpha        90.00 
_cell.angle_beta         90.00 
_cell.angle_gamma        90.00 
_cell.Z_PDB              1 
_cell.pdbx_unique_axis   ? 
# 
_symmetry.entry_id                         1XY6 
_symmetry.space_group_name_H-M             'P 1' 
_symmetry.pdbx_full_space_group_name_H-M   ? 
_symmetry.cell_setting                     ? 
_symmetry.Int_Tables_number                1 
# 
_entity.id                         1 
_entity.type                       polymer 
_entity.src_method                 syn 
_entity.pdbx_description           'SST1-selective somatosatin analog' 
_entity.formula_weight             1661.982 
_entity.pdbx_number_of_molecules   1 
_entity.pdbx_ec                    ? 
_entity.pdbx_mutation              ? 
_entity.pdbx_fragment              ? 
_entity.details                    ? 
# 
_entity_name_com.entity_id   1 
_entity_name_com.name        SRIF 
# 
_entity_poly.entity_id                      1 
_entity_poly.type                           'polypeptide(L)' 
_entity_poly.nstd_linkage                   no 
_entity_poly.nstd_monomer                   yes 
_entity_poly.pdbx_seq_one_letter_code       'YCKFE(DTR)(IAM)TFKSC' 
_entity_poly.pdbx_seq_one_letter_code_can   YCKFEWATFKSC 
_entity_poly.pdbx_strand_id                 A 
_entity_poly.pdbx_target_identifier         ? 
# 
loop_
_entity_poly_seq.entity_id 
_entity_poly_seq.num 
_entity_poly_seq.mon_id 
_entity_poly_seq.hetero 
1 1  TYR n 
1 2  CYS n 
1 3  LYS n 
1 4  PHE n 
1 5  GLU n 
1 6  DTR n 
1 7  IAM n 
1 8  THR n 
1 9  PHE n 
1 10 LYS n 
1 11 SER n 
1 12 CYS n 
# 
_pdbx_entity_src_syn.entity_id              1 
_pdbx_entity_src_syn.pdbx_src_id            1 
_pdbx_entity_src_syn.pdbx_alt_source_flag   sample 
_pdbx_entity_src_syn.pdbx_beg_seq_num       ? 
_pdbx_entity_src_syn.pdbx_end_seq_num       ? 
_pdbx_entity_src_syn.organism_scientific    ? 
_pdbx_entity_src_syn.organism_common_name   ? 
_pdbx_entity_src_syn.ncbi_taxonomy_id       ? 
_pdbx_entity_src_syn.details                
'Peptide synthesised using solid phase approach either manually or on a CS-Biopeptide synthesizer Model CS536' 
# 
_struct_ref.id                         1 
_struct_ref.entity_id                  1 
_struct_ref.db_name                    PDB 
_struct_ref.db_code                    1XY6 
_struct_ref.pdbx_db_accession          1XY6 
_struct_ref.pdbx_db_isoform            ? 
_struct_ref.pdbx_seq_one_letter_code   ? 
_struct_ref.pdbx_align_begin           ? 
# 
_struct_ref_seq.align_id                      1 
_struct_ref_seq.ref_id                        1 
_struct_ref_seq.pdbx_PDB_id_code              1XY6 
_struct_ref_seq.pdbx_strand_id                A 
_struct_ref_seq.seq_align_beg                 1 
_struct_ref_seq.pdbx_seq_align_beg_ins_code   ? 
_struct_ref_seq.seq_align_end                 12 
_struct_ref_seq.pdbx_seq_align_end_ins_code   ? 
_struct_ref_seq.pdbx_db_accession             1XY6 
_struct_ref_seq.db_align_beg                  1 
_struct_ref_seq.pdbx_db_align_beg_ins_code    ? 
_struct_ref_seq.db_align_end                  12 
_struct_ref_seq.pdbx_db_align_end_ins_code    ? 
_struct_ref_seq.pdbx_auth_seq_align_beg       1 
_struct_ref_seq.pdbx_auth_seq_align_end       12 
# 
loop_
_chem_comp.id 
_chem_comp.type 
_chem_comp.mon_nstd_flag 
_chem_comp.name 
_chem_comp.pdbx_synonyms 
_chem_comp.formula 
_chem_comp.formula_weight 
CYS 'L-peptide linking' y CYSTEINE                                  ? 'C3 H7 N O2 S'   121.158 
DTR 'D-peptide linking' . D-TRYPTOPHAN                              ? 'C11 H12 N2 O2'  204.225 
GLU 'L-peptide linking' y 'GLUTAMIC ACID'                           ? 'C5 H9 N O4'     147.129 
IAM 'L-peptide linking' n '4-[(ISOPROPYLAMINO)METHYL]PHENYLALANINE' ? 'C13 H20 N2 O2'  236.310 
LYS 'L-peptide linking' y LYSINE                                    ? 'C6 H15 N2 O2 1' 147.195 
PHE 'L-peptide linking' y PHENYLALANINE                             ? 'C9 H11 N O2'    165.189 
SER 'L-peptide linking' y SERINE                                    ? 'C3 H7 N O3'     105.093 
THR 'L-peptide linking' y THREONINE                                 ? 'C4 H9 N O3'     119.119 
TYR 'L-peptide linking' y TYROSINE                                  ? 'C9 H11 N O3'    181.189 
# 
loop_
_pdbx_nmr_exptl.experiment_id 
_pdbx_nmr_exptl.solution_id 
_pdbx_nmr_exptl.conditions_id 
_pdbx_nmr_exptl.type 
1 1 1 DQF-COSY   
2 1 1 '2D NOESY' 
# 
_pdbx_nmr_exptl_sample_conditions.conditions_id       1 
_pdbx_nmr_exptl_sample_conditions.temperature         298 
_pdbx_nmr_exptl_sample_conditions.pressure            Ambient 
_pdbx_nmr_exptl_sample_conditions.pH                  7.0 
_pdbx_nmr_exptl_sample_conditions.ionic_strength      ? 
_pdbx_nmr_exptl_sample_conditions.pressure_units      ? 
_pdbx_nmr_exptl_sample_conditions.temperature_units   K 
# 
_pdbx_nmr_sample_details.solution_id      1 
_pdbx_nmr_sample_details.contents         '2.5 mM of the peptide' 
_pdbx_nmr_sample_details.solvent_system   DMSO-d6 
# 
_pdbx_nmr_spectrometer.spectrometer_id   1 
_pdbx_nmr_spectrometer.type              ? 
_pdbx_nmr_spectrometer.manufacturer      Bruker 
_pdbx_nmr_spectrometer.model             AVANCE 
_pdbx_nmr_spectrometer.field_strength    750 
# 
_pdbx_nmr_refine.entry_id           1XY6 
_pdbx_nmr_refine.method             'torsion angle dynamics' 
_pdbx_nmr_refine.details            'The structures are based on 151 distance restraints, 36 angle restraints' 
_pdbx_nmr_refine.software_ordinal   1 
# 
_pdbx_nmr_details.entry_id   1XY6 
_pdbx_nmr_details.text       'The structure was determined using standard 2D homonuclear techniques' 
# 
_pdbx_nmr_ensemble.entry_id                                      1XY6 
_pdbx_nmr_ensemble.conformers_calculated_total_number            20 
_pdbx_nmr_ensemble.conformers_submitted_total_number             10 
_pdbx_nmr_ensemble.conformer_selection_criteria                  'target function' 
_pdbx_nmr_ensemble.average_constraints_per_residue               ? 
_pdbx_nmr_ensemble.average_constraint_violations_per_residue     ? 
_pdbx_nmr_ensemble.maximum_distance_constraint_violation         ? 
_pdbx_nmr_ensemble.average_distance_constraint_violation         ? 
_pdbx_nmr_ensemble.maximum_upper_distance_constraint_violation   ? 
_pdbx_nmr_ensemble.maximum_lower_distance_constraint_violation   ? 
_pdbx_nmr_ensemble.distance_constraint_violation_method          ? 
_pdbx_nmr_ensemble.maximum_torsion_angle_constraint_violation    ? 
_pdbx_nmr_ensemble.average_torsion_angle_constraint_violation    ? 
_pdbx_nmr_ensemble.torsion_angle_constraint_violation_method     ? 
# 
_pdbx_nmr_representative.entry_id             1XY6 
_pdbx_nmr_representative.conformer_id         1 
_pdbx_nmr_representative.selection_criteria   'lowest energy' 
# 
loop_
_pdbx_nmr_software.name 
_pdbx_nmr_software.version 
_pdbx_nmr_software.classification 
_pdbx_nmr_software.authors 
_pdbx_nmr_software.ordinal 
DYANA 1.0.6 'structure solution' 'Peter Guntert' 1 
DYANA 1.0.6 refinement           'Peter Guntert' 2 
# 
_exptl.entry_id          1XY6 
_exptl.method            'SOLUTION NMR' 
_exptl.crystals_number   ? 
# 
_struct.entry_id                  1XY6 
_struct.title                     'NMR strcutre of sst1-selective somatostatin (SRIF) analog 1' 
_struct.pdbx_model_details        ? 
_struct.pdbx_CASP_flag            ? 
_struct.pdbx_model_type_details   ? 
# 
_struct_keywords.entry_id        1XY6 
_struct_keywords.pdbx_keywords   'HORMONE/GROWTH FACTOR' 
_struct_keywords.text            'Gamma turn, HORMONE-GROWTH FACTOR COMPLEX' 
# 
_struct_asym.id                            A 
_struct_asym.pdbx_blank_PDB_chainid_flag   N 
_struct_asym.pdbx_modified                 N 
_struct_asym.entity_id                     1 
_struct_asym.details                       ? 
# 
_struct_biol.id   1 
# 
loop_
_struct_conn.id 
_struct_conn.conn_type_id 
_struct_conn.pdbx_leaving_atom_flag 
_struct_conn.pdbx_PDB_id 
_struct_conn.ptnr1_label_asym_id 
_struct_conn.ptnr1_label_comp_id 
_struct_conn.ptnr1_label_seq_id 
_struct_conn.ptnr1_label_atom_id 
_struct_conn.pdbx_ptnr1_label_alt_id 
_struct_conn.pdbx_ptnr1_PDB_ins_code 
_struct_conn.pdbx_ptnr1_standard_comp_id 
_struct_conn.ptnr1_symmetry 
_struct_conn.ptnr2_label_asym_id 
_struct_conn.ptnr2_label_comp_id 
_struct_conn.ptnr2_label_seq_id 
_struct_conn.ptnr2_label_atom_id 
_struct_conn.pdbx_ptnr2_label_alt_id 
_struct_conn.pdbx_ptnr2_PDB_ins_code 
_struct_conn.ptnr1_auth_asym_id 
_struct_conn.ptnr1_auth_comp_id 
_struct_conn.ptnr1_auth_seq_id 
_struct_conn.ptnr2_auth_asym_id 
_struct_conn.ptnr2_auth_comp_id 
_struct_conn.ptnr2_auth_seq_id 
_struct_conn.ptnr2_symmetry 
_struct_conn.pdbx_ptnr3_label_atom_id 
_struct_conn.pdbx_ptnr3_label_seq_id 
_struct_conn.pdbx_ptnr3_label_comp_id 
_struct_conn.pdbx_ptnr3_label_asym_id 
_struct_conn.pdbx_ptnr3_label_alt_id 
_struct_conn.pdbx_ptnr3_PDB_ins_code 
_struct_conn.details 
_struct_conn.pdbx_dist_value 
_struct_conn.pdbx_value_order 
_struct_conn.pdbx_role 
disulf1 disulf ?    ? A CYS 2 SG ? ? ? 1_555 A CYS 12 SG ? ? A CYS 2 A CYS 12 1_555 ? ? ? ? ? ? ? 1.999 ? ? 
covale1 covale both ? A GLU 5 C  ? ? ? 1_555 A DTR 6  N  ? ? A GLU 5 A DTR 6  1_555 ? ? ? ? ? ? ? 1.325 ? ? 
covale2 covale one  ? A DTR 6 C  ? ? ? 1_555 A IAM 7  N  ? ? A DTR 6 A IAM 7  1_555 ? ? ? ? ? ? ? 1.325 ? ? 
covale3 covale both ? A IAM 7 C  ? ? ? 1_555 A THR 8  N  ? ? A IAM 7 A THR 8  1_555 ? ? ? ? ? ? ? 1.327 ? ? 
# 
loop_
_struct_conn_type.id 
_struct_conn_type.criteria 
_struct_conn_type.reference 
disulf ? ? 
covale ? ? 
# 
_atom_sites.entry_id                    1XY6 
_atom_sites.fract_transf_matrix[1][1]   1.000000 
_atom_sites.fract_transf_matrix[1][2]   0.000000 
_atom_sites.fract_transf_matrix[1][3]   0.000000 
_atom_sites.fract_transf_matrix[2][1]   0.000000 
_atom_sites.fract_transf_matrix[2][2]   1.000000 
_atom_sites.fract_transf_matrix[2][3]   0.000000 
_atom_sites.fract_transf_matrix[3][1]   0.000000 
_atom_sites.fract_transf_matrix[3][2]   0.000000 
_atom_sites.fract_transf_matrix[3][3]   1.000000 
_atom_sites.fract_transf_vector[1]      0.00000 
_atom_sites.fract_transf_vector[2]      0.00000 
_atom_sites.fract_transf_vector[3]      0.00000 
# 
loop_
_atom_type.symbol 
C 
H 
N 
O 
S 
# 
loop_
_atom_site.group_PDB 
_atom_site.id 
_atom_site.type_symbol 
_atom_site.label_atom_id 
_atom_site.label_alt_id 
_atom_site.label_comp_id 
_atom_site.label_asym_id 
_atom_site.label_entity_id 
_atom_site.label_seq_id 
_atom_site.pdbx_PDB_ins_code 
_atom_site.Cartn_x 
_atom_site.Cartn_y 
_atom_site.Cartn_z 
_atom_site.occupancy 
_atom_site.B_iso_or_equiv 
_atom_site.pdbx_formal_charge 
_atom_site.auth_seq_id 
_atom_site.auth_comp_id 
_atom_site.auth_asym_id 
_atom_site.auth_atom_id 
_atom_site.pdbx_PDB_model_num 
ATOM   1    N N    . TYR A 1 1  ? -3.520 2.073   -4.872 1.00 0.00 ? 1  TYR A N    1  
ATOM   2    C CA   . TYR A 1 1  ? -2.121 1.696   -4.981 1.00 0.00 ? 1  TYR A CA   1  
ATOM   3    C C    . TYR A 1 1  ? -1.273 2.427   -3.939 1.00 0.00 ? 1  TYR A C    1  
ATOM   4    O O    . TYR A 1 1  ? -1.778 3.282   -3.213 1.00 0.00 ? 1  TYR A O    1  
ATOM   5    C CB   . TYR A 1 1  ? -1.675 2.130   -6.380 1.00 0.00 ? 1  TYR A CB   1  
ATOM   6    C CG   . TYR A 1 1  ? -2.264 3.467   -6.833 1.00 0.00 ? 1  TYR A CG   1  
ATOM   7    C CD1  . TYR A 1 1  ? -3.576 3.534   -7.254 1.00 0.00 ? 1  TYR A CD1  1  
ATOM   8    C CD2  . TYR A 1 1  ? -1.483 4.603   -6.823 1.00 0.00 ? 1  TYR A CD2  1  
ATOM   9    C CE1  . TYR A 1 1  ? -4.130 4.792   -7.682 1.00 0.00 ? 1  TYR A CE1  1  
ATOM   10   C CE2  . TYR A 1 1  ? -2.037 5.862   -7.251 1.00 0.00 ? 1  TYR A CE2  1  
ATOM   11   C CZ   . TYR A 1 1  ? -3.334 5.894   -7.660 1.00 0.00 ? 1  TYR A CZ   1  
ATOM   12   O OH   . TYR A 1 1  ? -3.858 7.082   -8.065 1.00 0.00 ? 1  TYR A OH   1  
ATOM   13   H H1   . TYR A 1 1  ? -3.964 1.809   -4.015 1.00 0.00 ? 1  TYR A H1   1  
ATOM   14   H HA   . TYR A 1 1  ? -2.049 0.622   -4.809 1.00 0.00 ? 1  TYR A HA   1  
ATOM   15   H HB3  . TYR A 1 1  ? -1.957 1.357   -7.095 1.00 0.00 ? 1  TYR A HB3  1  
ATOM   16   H HD1  . TYR A 1 1  ? -4.195 2.636   -7.263 1.00 0.00 ? 1  TYR A HD1  1  
ATOM   17   H HD2  . TYR A 1 1  ? -0.445 4.551   -6.491 1.00 0.00 ? 1  TYR A HD2  1  
ATOM   18   H HE1  . TYR A 1 1  ? -5.166 4.860   -8.018 1.00 0.00 ? 1  TYR A HE1  1  
ATOM   19   H HE2  . TYR A 1 1  ? -1.431 6.767   -7.248 1.00 0.00 ? 1  TYR A HE2  1  
ATOM   20   H HH   . TYR A 1 1  ? -4.854 7.061   -7.988 1.00 0.00 ? 1  TYR A HH   1  
ATOM   21   N N    . CYS A 1 2  ? 0.001  2.065   -3.897 1.00 0.00 ? 2  CYS A N    1  
ATOM   22   C CA   . CYS A 1 2  ? 0.923  2.675   -2.955 1.00 0.00 ? 2  CYS A CA   1  
ATOM   23   C C    . CYS A 1 2  ? 0.395  2.434   -1.541 1.00 0.00 ? 2  CYS A C    1  
ATOM   24   O O    . CYS A 1 2  ? 0.575  1.352   -0.983 1.00 0.00 ? 2  CYS A O    1  
ATOM   25   C CB   . CYS A 1 2  ? 1.123  4.164   -3.245 1.00 0.00 ? 2  CYS A CB   1  
ATOM   26   S SG   . CYS A 1 2  ? 2.054  4.532   -4.776 1.00 0.00 ? 2  CYS A SG   1  
ATOM   27   H H    . CYS A 1 2  ? 0.403  1.368   -4.492 1.00 0.00 ? 2  CYS A H    1  
ATOM   28   H HA   . CYS A 1 2  ? 1.887  2.186   -3.098 1.00 0.00 ? 2  CYS A HA   1  
ATOM   29   H HB3  . CYS A 1 2  ? 1.644  4.616   -2.401 1.00 0.00 ? 2  CYS A HB3  1  
ATOM   30   N N    . LYS A 1 3  ? -0.245 3.459   -0.999 1.00 0.00 ? 3  LYS A N    1  
ATOM   31   C CA   . LYS A 1 3  ? -0.801 3.371   0.341  1.00 0.00 ? 3  LYS A CA   1  
ATOM   32   C C    . LYS A 1 3  ? -2.057 2.497   0.312  1.00 0.00 ? 3  LYS A C    1  
ATOM   33   O O    . LYS A 1 3  ? -2.948 2.714   -0.506 1.00 0.00 ? 3  LYS A O    1  
ATOM   34   C CB   . LYS A 1 3  ? -1.039 4.771   0.915  1.00 0.00 ? 3  LYS A CB   1  
ATOM   35   C CG   . LYS A 1 3  ? -2.342 5.368   0.379  1.00 0.00 ? 3  LYS A CG   1  
ATOM   36   C CD   . LYS A 1 3  ? -3.481 5.181   1.382  1.00 0.00 ? 3  LYS A CD   1  
ATOM   37   C CE   . LYS A 1 3  ? -4.747 4.675   0.685  1.00 0.00 ? 3  LYS A CE   1  
ATOM   38   N NZ   . LYS A 1 3  ? -5.726 5.774   0.528  1.00 0.00 ? 3  LYS A NZ   1  
ATOM   39   H H    . LYS A 1 3  ? -0.388 4.334   -1.458 1.00 0.00 ? 3  LYS A H    1  
ATOM   40   H HA   . LYS A 1 3  ? -0.055 2.886   0.971  1.00 0.00 ? 3  LYS A HA   1  
ATOM   41   H HB3  . LYS A 1 3  ? -0.203 5.419   0.656  1.00 0.00 ? 3  LYS A HB3  1  
ATOM   42   H HG3  . LYS A 1 3  ? -2.602 4.893   -0.567 1.00 0.00 ? 3  LYS A HG3  1  
ATOM   43   H HD3  . LYS A 1 3  ? -3.692 6.128   1.881  1.00 0.00 ? 3  LYS A HD3  1  
ATOM   44   H HE3  . LYS A 1 3  ? -5.192 3.867   1.266  1.00 0.00 ? 3  LYS A HE3  1  
ATOM   45   H HZ1  . LYS A 1 3  ? -6.543 5.481   0.002  1.00 0.00 ? 3  LYS A HZ1  1  
ATOM   46   H HZ2  . LYS A 1 3  ? -6.058 6.119   1.422  1.00 0.00 ? 3  LYS A HZ2  1  
ATOM   47   N N    . PHE A 1 4  ? -2.084 1.528   1.215  1.00 0.00 ? 4  PHE A N    1  
ATOM   48   C CA   . PHE A 1 4  ? -3.215 0.620   1.303  1.00 0.00 ? 4  PHE A CA   1  
ATOM   49   C C    . PHE A 1 4  ? -3.532 0.004   -0.062 1.00 0.00 ? 4  PHE A C    1  
ATOM   50   O O    . PHE A 1 4  ? -4.436 0.461   -0.759 1.00 0.00 ? 4  PHE A O    1  
ATOM   51   C CB   . PHE A 1 4  ? -4.416 1.445   1.769  1.00 0.00 ? 4  PHE A CB   1  
ATOM   52   C CG   . PHE A 1 4  ? -5.483 0.632   2.504  1.00 0.00 ? 4  PHE A CG   1  
ATOM   53   C CD1  . PHE A 1 4  ? -5.263 0.216   3.780  1.00 0.00 ? 4  PHE A CD1  1  
ATOM   54   C CD2  . PHE A 1 4  ? -6.652 0.322   1.881  1.00 0.00 ? 4  PHE A CD2  1  
ATOM   55   C CE1  . PHE A 1 4  ? -6.254 -0.537  4.463  1.00 0.00 ? 4  PHE A CE1  1  
ATOM   56   C CE2  . PHE A 1 4  ? -7.642 -0.434  2.561  1.00 0.00 ? 4  PHE A CE2  1  
ATOM   57   C CZ   . PHE A 1 4  ? -7.422 -0.848  3.839  1.00 0.00 ? 4  PHE A CZ   1  
ATOM   58   H H    . PHE A 1 4  ? -1.354 1.358   1.876  1.00 0.00 ? 4  PHE A H    1  
ATOM   59   H HA   . PHE A 1 4  ? -2.941 -0.171  2.001  1.00 0.00 ? 4  PHE A HA   1  
ATOM   60   H HB3  . PHE A 1 4  ? -4.872 1.925   0.902  1.00 0.00 ? 4  PHE A HB3  1  
ATOM   61   H HD1  . PHE A 1 4  ? -4.327 0.466   4.280  1.00 0.00 ? 4  PHE A HD1  1  
ATOM   62   H HD2  . PHE A 1 4  ? -6.828 0.654   0.856  1.00 0.00 ? 4  PHE A HD2  1  
ATOM   63   H HE1  . PHE A 1 4  ? -6.077 -0.870  5.485  1.00 0.00 ? 4  PHE A HE1  1  
ATOM   64   H HE2  . PHE A 1 4  ? -8.578 -0.682  2.063  1.00 0.00 ? 4  PHE A HE2  1  
ATOM   65   H HZ   . PHE A 1 4  ? -8.182 -1.428  4.363  1.00 0.00 ? 4  PHE A HZ   1  
ATOM   66   N N    . GLU A 1 5  ? -2.769 -1.024  -0.404 1.00 0.00 ? 5  GLU A N    1  
ATOM   67   C CA   . GLU A 1 5  ? -2.957 -1.705  -1.672 1.00 0.00 ? 5  GLU A CA   1  
ATOM   68   C C    . GLU A 1 5  ? -3.893 -2.903  -1.497 1.00 0.00 ? 5  GLU A C    1  
ATOM   69   O O    . GLU A 1 5  ? -4.154 -3.637  -2.449 1.00 0.00 ? 5  GLU A O    1  
ATOM   70   C CB   . GLU A 1 5  ? -1.616 -2.143  -2.264 1.00 0.00 ? 5  GLU A CB   1  
ATOM   71   C CG   . GLU A 1 5  ? -1.164 -3.479  -1.673 1.00 0.00 ? 5  GLU A CG   1  
ATOM   72   C CD   . GLU A 1 5  ? 0.292  -3.777  -2.038 1.00 0.00 ? 5  GLU A CD   1  
ATOM   73   O OE1  . GLU A 1 5  ? 0.551  -4.552  -2.970 1.00 0.00 ? 5  GLU A OE1  1  
ATOM   74   H H    . GLU A 1 5  ? -2.034 -1.389  0.169  1.00 0.00 ? 5  GLU A H    1  
ATOM   75   H HA   . GLU A 1 5  ? -3.415 -0.970  -2.333 1.00 0.00 ? 5  GLU A HA   1  
ATOM   76   H HB2  . GLU A 1 5  ? -1.704 -2.231  -3.347 1.00 0.00 ? 5  GLU A HB2  1  
ATOM   77   H HB3  . GLU A 1 5  ? -0.861 -1.381  -2.067 1.00 0.00 ? 5  GLU A HB3  1  
ATOM   78   H HG2  . GLU A 1 5  ? -1.275 -3.458  -0.588 1.00 0.00 ? 5  GLU A HG2  1  
ATOM   79   H HG3  . GLU A 1 5  ? -1.806 -4.280  -2.043 1.00 0.00 ? 5  GLU A HG3  1  
HETATM 80   N N    . DTR A 1 6  ? -4.377 -3.062  -0.274 1.00 0.00 ? 6  DTR A N    1  
HETATM 81   C CA   . DTR A 1 6  ? -5.279 -4.156  0.039  1.00 0.00 ? 6  DTR A CA   1  
HETATM 82   C CB   . DTR A 1 6  ? -6.712 -3.635  -0.101 1.00 0.00 ? 6  DTR A CB   1  
HETATM 83   C CG   . DTR A 1 6  ? -6.935 -2.745  -1.323 1.00 0.00 ? 6  DTR A CG   1  
HETATM 84   C CD1  . DTR A 1 6  ? -7.288 -1.452  -1.350 1.00 0.00 ? 6  DTR A CD1  1  
HETATM 85   N NE1  . DTR A 1 6  ? -7.395 -0.982  -2.643 1.00 0.00 ? 6  DTR A NE1  1  
HETATM 86   C CE2  . DTR A 1 6  ? -7.088 -2.037  -3.495 1.00 0.00 ? 6  DTR A CE2  1  
HETATM 87   C CZ2  . DTR A 1 6  ? -7.054 -2.069  -4.894 1.00 0.00 ? 6  DTR A CZ2  1  
HETATM 88   C CH2  . DTR A 1 6  ? -6.707 -3.291  -5.481 1.00 0.00 ? 6  DTR A CH2  1  
HETATM 89   C CZ3  . DTR A 1 6  ? -6.421 -4.387  -4.674 1.00 0.00 ? 6  DTR A CZ3  1  
HETATM 90   C CE3  . DTR A 1 6  ? -6.451 -4.370  -3.274 1.00 0.00 ? 6  DTR A CE3  1  
HETATM 91   C CD2  . DTR A 1 6  ? -6.802 -3.134  -2.707 1.00 0.00 ? 6  DTR A CD2  1  
HETATM 92   C C    . DTR A 1 6  ? -5.019 -4.588  1.482  1.00 0.00 ? 6  DTR A C    1  
HETATM 93   O O    . DTR A 1 6  ? -5.954 -4.845  2.237  1.00 0.00 ? 6  DTR A O    1  
HETATM 94   H H    . DTR A 1 6  ? -4.161 -2.461  0.495  1.00 0.00 ? 6  DTR A H    1  
HETATM 95   H HA   . DTR A 1 6  ? -5.167 -4.970  -0.678 1.00 0.00 ? 6  DTR A HA   1  
HETATM 96   H HB2  . DTR A 1 6  ? -7.393 -4.484  -0.153 1.00 0.00 ? 6  DTR A HB2  1  
HETATM 97   H HB3  . DTR A 1 6  ? -6.973 -3.075  0.798  1.00 0.00 ? 6  DTR A HB3  1  
HETATM 98   H HD1  . DTR A 1 6  ? -7.470 -0.849  -0.461 1.00 0.00 ? 6  DTR A HD1  1  
HETATM 99   H HE1  . DTR A 1 6  ? -7.667 0.031   -2.942 1.00 0.00 ? 6  DTR A HE1  1  
HETATM 100  H HZ2  . DTR A 1 6  ? -7.285 -1.188  -5.494 1.00 0.00 ? 6  DTR A HZ2  1  
HETATM 101  H HH2  . DTR A 1 6  ? -6.662 -3.385  -6.566 1.00 0.00 ? 6  DTR A HH2  1  
HETATM 102  H HZ3  . DTR A 1 6  ? -6.154 -5.323  -5.165 1.00 0.00 ? 6  DTR A HZ3  1  
HETATM 103  H HE3  . DTR A 1 6  ? -6.220 -5.252  -2.675 1.00 0.00 ? 6  DTR A HE3  1  
HETATM 104  N N    . IAM A 1 7  ? -3.740 -4.657  1.823  1.00 0.00 ? 7  IAM A N    1  
HETATM 105  C CA   . IAM A 1 7  ? -3.342 -5.054  3.162  1.00 0.00 ? 7  IAM A CA   1  
HETATM 106  C CB   . IAM A 1 7  ? -2.065 -5.882  3.023  1.00 0.00 ? 7  IAM A CB   1  
HETATM 107  C CG   . IAM A 1 7  ? -1.243 -5.980  4.309  1.00 0.00 ? 7  IAM A CG   1  
HETATM 108  C CD1  . IAM A 1 7  ? -0.258 -5.074  4.559  1.00 0.00 ? 7  IAM A CD1  1  
HETATM 109  C CE1  . IAM A 1 7  ? 0.504  -5.164  5.756  1.00 0.00 ? 7  IAM A CE1  1  
HETATM 110  C CZ   . IAM A 1 7  ? 0.252  -6.157  6.649  1.00 0.00 ? 7  IAM A CZ   1  
HETATM 111  C CE2  . IAM A 1 7  ? -0.733 -7.062  6.400  1.00 0.00 ? 7  IAM A CE2  1  
HETATM 112  C CD2  . IAM A 1 7  ? -1.496 -6.972  5.205  1.00 0.00 ? 7  IAM A CD2  1  
HETATM 113  C CT   . IAM A 1 7  ? 1.075  -6.253  7.944  1.00 0.00 ? 7  IAM A CT   1  
HETATM 114  N NH   . IAM A 1 7  ? 2.475  -5.871  7.664  1.00 0.00 ? 7  IAM A NH   1  
HETATM 115  C CI   . IAM A 1 7  ? 3.168  -6.412  6.474  1.00 0.00 ? 7  IAM A CI   1  
HETATM 116  C CK1  . IAM A 1 7  ? 2.989  -7.940  6.427  1.00 0.00 ? 7  IAM A CK1  1  
HETATM 117  C CK2  . IAM A 1 7  ? 4.667  -6.070  6.529  1.00 0.00 ? 7  IAM A CK2  1  
HETATM 118  C C    . IAM A 1 7  ? -3.052 -3.831  4.035  1.00 0.00 ? 7  IAM A C    1  
HETATM 119  O O    . IAM A 1 7  ? -3.749 -3.583  5.017  1.00 0.00 ? 7  IAM A O    1  
HETATM 120  H H    . IAM A 1 7  ? -2.984 -4.447  1.202  1.00 0.00 ? 7  IAM A H    1  
HETATM 121  H HA   . IAM A 1 7  ? -4.172 -5.615  3.593  1.00 0.00 ? 7  IAM A HA   1  
HETATM 122  H HB   . IAM A 1 7  ? -2.328 -6.887  2.697  1.00 0.00 ? 7  IAM A HB   1  
HETATM 123  H HB1  . IAM A 1 7  ? -1.444 -5.445  2.242  1.00 0.00 ? 7  IAM A HB1  1  
HETATM 124  H HD1  . IAM A 1 7  ? -0.056 -4.279  3.842  1.00 0.00 ? 7  IAM A HD1  1  
HETATM 125  H HE1  . IAM A 1 7  ? 1.291  -4.438  5.956  1.00 0.00 ? 7  IAM A HE1  1  
HETATM 126  H HE2  . IAM A 1 7  ? -0.936 -7.858  7.117  1.00 0.00 ? 7  IAM A HE2  1  
HETATM 127  H HD2  . IAM A 1 7  ? -2.281 -7.697  5.004  1.00 0.00 ? 7  IAM A HD2  1  
HETATM 128  H HT1  . IAM A 1 7  ? 1.046  -7.258  8.312  1.00 0.00 ? 7  IAM A HT1  1  
HETATM 129  H HT2  . IAM A 1 7  ? 0.666  -5.591  8.680  1.00 0.00 ? 7  IAM A HT2  1  
HETATM 130  H HH   . IAM A 1 7  ? 2.970  -5.224  8.298  1.00 0.00 ? 7  IAM A HH   1  
HETATM 131  H HI   . IAM A 1 7  ? 2.748  -5.977  5.590  1.00 0.00 ? 7  IAM A HI   1  
HETATM 132  H HK11 . IAM A 1 7  ? 3.423  -8.377  7.305  1.00 0.00 ? 7  IAM A HK11 1  
HETATM 133  H HK12 . IAM A 1 7  ? 1.946  -8.177  6.391  1.00 0.00 ? 7  IAM A HK12 1  
HETATM 134  H HK13 . IAM A 1 7  ? 3.475  -8.329  5.557  1.00 0.00 ? 7  IAM A HK13 1  
HETATM 135  H HK21 . IAM A 1 7  ? 4.846  -5.161  5.994  1.00 0.00 ? 7  IAM A HK21 1  
HETATM 136  H HK22 . IAM A 1 7  ? 4.971  -5.948  7.548  1.00 0.00 ? 7  IAM A HK22 1  
HETATM 137  H HK23 . IAM A 1 7  ? 5.232  -6.863  6.082  1.00 0.00 ? 7  IAM A HK23 1  
ATOM   138  N N    . THR A 1 8  ? -2.019 -3.097  3.641  1.00 0.00 ? 8  THR A N    1  
ATOM   139  C CA   . THR A 1 8  ? -1.628 -1.904  4.373  1.00 0.00 ? 8  THR A CA   1  
ATOM   140  C C    . THR A 1 8  ? -0.498 -1.178  3.643  1.00 0.00 ? 8  THR A C    1  
ATOM   141  O O    . THR A 1 8  ? 0.065  -1.702  2.684  1.00 0.00 ? 8  THR A O    1  
ATOM   142  C CB   . THR A 1 8  ? -1.260 -2.325  5.799  1.00 0.00 ? 8  THR A CB   1  
ATOM   143  O OG1  . THR A 1 8  ? -1.884 -1.343  6.622  1.00 0.00 ? 8  THR A OG1  1  
ATOM   144  C CG2  . THR A 1 8  ? 0.233  -2.162  6.090  1.00 0.00 ? 8  THR A CG2  1  
ATOM   145  H H    . THR A 1 8  ? -1.457 -3.305  2.842  1.00 0.00 ? 8  THR A H    1  
ATOM   146  H HA   . THR A 1 8  ? -2.479 -1.223  4.404  1.00 0.00 ? 8  THR A HA   1  
ATOM   147  H HB   . THR A 1 8  ? -1.587 -3.345  6.000  1.00 0.00 ? 8  THR A HB   1  
ATOM   148  H HG1  . THR A 1 8  ? -1.499 -0.440  6.430  1.00 0.00 ? 8  THR A HG1  1  
ATOM   149  H HG21 . THR A 1 8  ? 0.475  -1.102  6.161  1.00 0.00 ? 8  THR A HG21 1  
ATOM   150  H HG22 . THR A 1 8  ? 0.475  -2.653  7.032  1.00 0.00 ? 8  THR A HG22 1  
ATOM   151  H HG23 . THR A 1 8  ? 0.812  -2.616  5.285  1.00 0.00 ? 8  THR A HG23 1  
ATOM   152  N N    . PHE A 1 9  ? -0.197 0.019   4.126  1.00 0.00 ? 9  PHE A N    1  
ATOM   153  C CA   . PHE A 1 9  ? 0.856  0.824   3.532  1.00 0.00 ? 9  PHE A CA   1  
ATOM   154  C C    . PHE A 1 9  ? 2.042  -0.049  3.116  1.00 0.00 ? 9  PHE A C    1  
ATOM   155  O O    . PHE A 1 9  ? 2.901  -0.367  3.937  1.00 0.00 ? 9  PHE A O    1  
ATOM   156  C CB   . PHE A 1 9  ? 1.318  1.816   4.600  1.00 0.00 ? 9  PHE A CB   1  
ATOM   157  C CG   . PHE A 1 9  ? 1.446  1.210   6.000  1.00 0.00 ? 9  PHE A CG   1  
ATOM   158  C CD1  . PHE A 1 9  ? 0.367  1.180   6.828  1.00 0.00 ? 9  PHE A CD1  1  
ATOM   159  C CD2  . PHE A 1 9  ? 2.636  0.702   6.413  1.00 0.00 ? 9  PHE A CD2  1  
ATOM   160  C CE1  . PHE A 1 9  ? 0.485  0.617   8.126  1.00 0.00 ? 9  PHE A CE1  1  
ATOM   161  C CE2  . PHE A 1 9  ? 2.756  0.139   7.714  1.00 0.00 ? 9  PHE A CE2  1  
ATOM   162  C CZ   . PHE A 1 9  ? 1.678  0.110   8.540  1.00 0.00 ? 9  PHE A CZ   1  
ATOM   163  H H    . PHE A 1 9  ? -0.659 0.439   4.906  1.00 0.00 ? 9  PHE A H    1  
ATOM   164  H HA   . PHE A 1 9  ? 0.436  1.306   2.650  1.00 0.00 ? 9  PHE A HA   1  
ATOM   165  H HB3  . PHE A 1 9  ? 0.613  2.647   4.639  1.00 0.00 ? 9  PHE A HB3  1  
ATOM   166  H HD1  . PHE A 1 9  ? -0.586 1.589   6.496  1.00 0.00 ? 9  PHE A HD1  1  
ATOM   167  H HD2  . PHE A 1 9  ? 3.500  0.727   5.749  1.00 0.00 ? 9  PHE A HD2  1  
ATOM   168  H HE1  . PHE A 1 9  ? -0.378 0.593   8.791  1.00 0.00 ? 9  PHE A HE1  1  
ATOM   169  H HE2  . PHE A 1 9  ? 3.710  -0.268  8.045  1.00 0.00 ? 9  PHE A HE2  1  
ATOM   170  H HZ   . PHE A 1 9  ? 1.768  -0.322  9.538  1.00 0.00 ? 9  PHE A HZ   1  
ATOM   171  N N    . LYS A 1 10 ? 2.053  -0.407  1.840  1.00 0.00 ? 10 LYS A N    1  
ATOM   172  C CA   . LYS A 1 10 ? 3.120  -1.235  1.305  1.00 0.00 ? 10 LYS A CA   1  
ATOM   173  C C    . LYS A 1 10 ? 3.294  -0.936  -0.186 1.00 0.00 ? 10 LYS A C    1  
ATOM   174  O O    . LYS A 1 10 ? 2.352  -0.505  -0.849 1.00 0.00 ? 10 LYS A O    1  
ATOM   175  C CB   . LYS A 1 10 ? 2.857  -2.713  1.607  1.00 0.00 ? 10 LYS A CB   1  
ATOM   176  C CG   . LYS A 1 10 ? 1.754  -3.270  0.705  1.00 0.00 ? 10 LYS A CG   1  
ATOM   177  C CD   . LYS A 1 10 ? 1.365  -4.688  1.126  1.00 0.00 ? 10 LYS A CD   1  
ATOM   178  C CE   . LYS A 1 10 ? 1.256  -5.610  -0.091 1.00 0.00 ? 10 LYS A CE   1  
ATOM   179  N NZ   . LYS A 1 10 ? 0.104  -5.218  -0.935 1.00 0.00 ? 10 LYS A NZ   1  
ATOM   180  H H    . LYS A 1 10 ? 1.351  -0.142  1.178  1.00 0.00 ? 10 LYS A H    1  
ATOM   181  H HA   . LYS A 1 10 ? 4.038  -0.960  1.821  1.00 0.00 ? 10 LYS A HA   1  
ATOM   182  H HB2  . LYS A 1 10 ? 3.772  -3.285  1.468  1.00 0.00 ? 10 LYS A HB2  1  
ATOM   183  H HB3  . LYS A 1 10 ? 2.568  -2.826  2.654  1.00 0.00 ? 10 LYS A HB3  1  
ATOM   184  H HG2  . LYS A 1 10 ? 0.879  -2.621  0.748  1.00 0.00 ? 10 LYS A HG2  1  
ATOM   185  H HG3  . LYS A 1 10 ? 2.096  -3.273  -0.330 1.00 0.00 ? 10 LYS A HG3  1  
ATOM   186  H HD2  . LYS A 1 10 ? 2.108  -5.082  1.818  1.00 0.00 ? 10 LYS A HD2  1  
ATOM   187  H HD3  . LYS A 1 10 ? 0.415  -4.667  1.657  1.00 0.00 ? 10 LYS A HD3  1  
ATOM   188  H HE2  . LYS A 1 10 ? 2.176  -5.563  -0.675 1.00 0.00 ? 10 LYS A HE2  1  
ATOM   189  H HE3  . LYS A 1 10 ? 1.140  -6.642  0.238  1.00 0.00 ? 10 LYS A HE3  1  
ATOM   190  H HZ1  . LYS A 1 10 ? 0.273  -5.407  -1.917 1.00 0.00 ? 10 LYS A HZ1  1  
ATOM   191  N N    . SER A 1 11 ? 4.504  -1.178  -0.668 1.00 0.00 ? 11 SER A N    1  
ATOM   192  C CA   . SER A 1 11 ? 4.813  -0.939  -2.068 1.00 0.00 ? 11 SER A CA   1  
ATOM   193  C C    . SER A 1 11 ? 4.719  0.556   -2.376 1.00 0.00 ? 11 SER A C    1  
ATOM   194  O O    . SER A 1 11 ? 3.818  1.239   -1.887 1.00 0.00 ? 11 SER A O    1  
ATOM   195  C CB   . SER A 1 11 ? 3.876  -1.730  -2.981 1.00 0.00 ? 11 SER A CB   1  
ATOM   196  O OG   . SER A 1 11 ? 4.559  -2.768  -3.678 1.00 0.00 ? 11 SER A OG   1  
ATOM   197  H H    . SER A 1 11 ? 5.263  -1.528  -0.122 1.00 0.00 ? 11 SER A H    1  
ATOM   198  H HA   . SER A 1 11 ? 5.835  -1.293  -2.202 1.00 0.00 ? 11 SER A HA   1  
ATOM   199  H HB3  . SER A 1 11 ? 3.413  -1.054  -3.699 1.00 0.00 ? 11 SER A HB3  1  
ATOM   200  H HG   . SER A 1 11 ? 4.245  -2.808  -4.626 1.00 0.00 ? 11 SER A HG   1  
ATOM   201  N N    . CYS A 1 12 ? 5.658  1.022   -3.188 1.00 0.00 ? 12 CYS A N    1  
ATOM   202  C CA   . CYS A 1 12 ? 5.691  2.424   -3.568 1.00 0.00 ? 12 CYS A CA   1  
ATOM   203  C C    . CYS A 1 12 ? 5.776  3.265   -2.293 1.00 0.00 ? 12 CYS A C    1  
ATOM   204  O O    . CYS A 1 12 ? 6.856  3.707   -1.907 1.00 0.00 ? 12 CYS A O    1  
ATOM   205  C CB   . CYS A 1 12 ? 4.482  2.806   -4.426 1.00 0.00 ? 12 CYS A CB   1  
ATOM   206  S SG   . CYS A 1 12 ? 4.003  4.570   -4.330 1.00 0.00 ? 12 CYS A SG   1  
ATOM   207  H H    . CYS A 1 12 ? 6.385  0.460   -3.581 1.00 0.00 ? 12 CYS A H    1  
ATOM   208  H HA   . CYS A 1 12 ? 6.582  2.560   -4.181 1.00 0.00 ? 12 CYS A HA   1  
ATOM   209  H HB3  . CYS A 1 12 ? 3.631  2.196   -4.123 1.00 0.00 ? 12 CYS A HB3  1  
ATOM   210  N N    . TYR A 1 1  ? 4.875  7.458   -1.783 1.00 0.00 ? 1  TYR A N    2  
ATOM   211  C CA   . TYR A 1 1  ? 5.033  6.311   -0.903 1.00 0.00 ? 1  TYR A CA   2  
ATOM   212  C C    . TYR A 1 1  ? 3.793  5.414   -0.944 1.00 0.00 ? 1  TYR A C    2  
ATOM   213  O O    . TYR A 1 1  ? 3.568  4.619   -0.035 1.00 0.00 ? 1  TYR A O    2  
ATOM   214  C CB   . TYR A 1 1  ? 5.187  6.881   0.508  1.00 0.00 ? 1  TYR A CB   2  
ATOM   215  C CG   . TYR A 1 1  ? 6.519  6.537   1.176  1.00 0.00 ? 1  TYR A CG   2  
ATOM   216  C CD1  . TYR A 1 1  ? 7.693  7.079   0.694  1.00 0.00 ? 1  TYR A CD1  2  
ATOM   217  C CD2  . TYR A 1 1  ? 6.547  5.682   2.260  1.00 0.00 ? 1  TYR A CD2  2  
ATOM   218  C CE1  . TYR A 1 1  ? 8.948  6.755   1.322  1.00 0.00 ? 1  TYR A CE1  2  
ATOM   219  C CE2  . TYR A 1 1  ? 7.802  5.358   2.887  1.00 0.00 ? 1  TYR A CE2  2  
ATOM   220  C CZ   . TYR A 1 1  ? 8.939  5.909   2.388  1.00 0.00 ? 1  TYR A CZ   2  
ATOM   221  O OH   . TYR A 1 1  ? 10.124 5.604   2.982  1.00 0.00 ? 1  TYR A OH   2  
ATOM   222  H H1   . TYR A 1 1  ? 4.430  8.251   -1.369 1.00 0.00 ? 1  TYR A H1   2  
ATOM   223  H HA   . TYR A 1 1  ? 5.896  5.741   -1.243 1.00 0.00 ? 1  TYR A HA   2  
ATOM   224  H HB3  . TYR A 1 1  ? 4.373  6.509   1.130  1.00 0.00 ? 1  TYR A HB3  2  
ATOM   225  H HD1  . TYR A 1 1  ? 7.670  7.755   -0.162 1.00 0.00 ? 1  TYR A HD1  2  
ATOM   226  H HD2  . TYR A 1 1  ? 5.620  5.254   2.640  1.00 0.00 ? 1  TYR A HD2  2  
ATOM   227  H HE1  . TYR A 1 1  ? 9.882  7.177   0.953  1.00 0.00 ? 1  TYR A HE1  2  
ATOM   228  H HE2  . TYR A 1 1  ? 7.839  4.685   3.744  1.00 0.00 ? 1  TYR A HE2  2  
ATOM   229  H HH   . TYR A 1 1  ? 9.972  4.980   3.749  1.00 0.00 ? 1  TYR A HH   2  
ATOM   230  N N    . CYS A 1 2  ? 3.022  5.575   -2.012 1.00 0.00 ? 2  CYS A N    2  
ATOM   231  C CA   . CYS A 1 2  ? 1.811  4.790   -2.182 1.00 0.00 ? 2  CYS A CA   2  
ATOM   232  C C    . CYS A 1 2  ? 1.006  4.857   -0.883 1.00 0.00 ? 2  CYS A C    2  
ATOM   233  O O    . CYS A 1 2  ? 1.341  5.619   0.021  1.00 0.00 ? 2  CYS A O    2  
ATOM   234  C CB   . CYS A 1 2  ? 2.124  3.347   -2.586 1.00 0.00 ? 2  CYS A CB   2  
ATOM   235  S SG   . CYS A 1 2  ? 1.842  2.965   -4.353 1.00 0.00 ? 2  CYS A SG   2  
ATOM   236  H H    . CYS A 1 2  ? 3.212  6.226   -2.746 1.00 0.00 ? 2  CYS A H    2  
ATOM   237  H HA   . CYS A 1 2  ? 1.257  5.243   -3.005 1.00 0.00 ? 2  CYS A HA   2  
ATOM   238  H HB3  . CYS A 1 2  ? 1.516  2.675   -1.981 1.00 0.00 ? 2  CYS A HB3  2  
ATOM   239  N N    . LYS A 1 3  ? -0.042 4.048   -0.831 1.00 0.00 ? 3  LYS A N    2  
ATOM   240  C CA   . LYS A 1 3  ? -0.899 4.006   0.341  1.00 0.00 ? 3  LYS A CA   2  
ATOM   241  C C    . LYS A 1 3  ? -2.031 3.005   0.106  1.00 0.00 ? 3  LYS A C    2  
ATOM   242  O O    . LYS A 1 3  ? -2.887 3.219   -0.752 1.00 0.00 ? 3  LYS A O    2  
ATOM   243  C CB   . LYS A 1 3  ? -1.385 5.412   0.700  1.00 0.00 ? 3  LYS A CB   2  
ATOM   244  C CG   . LYS A 1 3  ? -0.900 5.823   2.090  1.00 0.00 ? 3  LYS A CG   2  
ATOM   245  C CD   . LYS A 1 3  ? -1.362 4.820   3.150  1.00 0.00 ? 3  LYS A CD   2  
ATOM   246  C CE   . LYS A 1 3  ? -2.828 4.434   2.939  1.00 0.00 ? 3  LYS A CE   2  
ATOM   247  N NZ   . LYS A 1 3  ? -3.473 4.120   4.233  1.00 0.00 ? 3  LYS A NZ   2  
ATOM   248  H H    . LYS A 1 3  ? -0.309 3.430   -1.571 1.00 0.00 ? 3  LYS A H    2  
ATOM   249  H HA   . LYS A 1 3  ? -0.292 3.653   1.175  1.00 0.00 ? 3  LYS A HA   2  
ATOM   250  H HB3  . LYS A 1 3  ? -2.475 5.443   0.666  1.00 0.00 ? 3  LYS A HB3  2  
ATOM   251  H HG3  . LYS A 1 3  ? -1.280 6.814   2.334  1.00 0.00 ? 3  LYS A HG3  2  
ATOM   252  H HD3  . LYS A 1 3  ? -1.235 5.250   4.144  1.00 0.00 ? 3  LYS A HD3  2  
ATOM   253  H HE3  . LYS A 1 3  ? -2.892 3.572   2.276  1.00 0.00 ? 3  LYS A HE3  2  
ATOM   254  H HZ1  . LYS A 1 3  ? -4.024 4.897   4.583  1.00 0.00 ? 3  LYS A HZ1  2  
ATOM   255  H HZ2  . LYS A 1 3  ? -4.097 3.324   4.164  1.00 0.00 ? 3  LYS A HZ2  2  
ATOM   256  N N    . PHE A 1 4  ? -1.999 1.931   0.883  1.00 0.00 ? 4  PHE A N    2  
ATOM   257  C CA   . PHE A 1 4  ? -3.012 0.896   0.769  1.00 0.00 ? 4  PHE A CA   2  
ATOM   258  C C    . PHE A 1 4  ? -2.828 0.086   -0.516 1.00 0.00 ? 4  PHE A C    2  
ATOM   259  O O    . PHE A 1 4  ? -3.316 0.474   -1.574 1.00 0.00 ? 4  PHE A O    2  
ATOM   260  C CB   . PHE A 1 4  ? -4.369 1.602   0.721  1.00 0.00 ? 4  PHE A CB   2  
ATOM   261  C CG   . PHE A 1 4  ? -5.425 0.984   1.642  1.00 0.00 ? 4  PHE A CG   2  
ATOM   262  C CD1  . PHE A 1 4  ? -5.656 -0.356  1.607  1.00 0.00 ? 4  PHE A CD1  2  
ATOM   263  C CD2  . PHE A 1 4  ? -6.132 1.775   2.494  1.00 0.00 ? 4  PHE A CD2  2  
ATOM   264  C CE1  . PHE A 1 4  ? -6.635 -0.930  2.461  1.00 0.00 ? 4  PHE A CE1  2  
ATOM   265  C CE2  . PHE A 1 4  ? -7.110 1.201   3.348  1.00 0.00 ? 4  PHE A CE2  2  
ATOM   266  C CZ   . PHE A 1 4  ? -7.341 -0.140  3.313  1.00 0.00 ? 4  PHE A CZ   2  
ATOM   267  H H    . PHE A 1 4  ? -1.300 1.766   1.577  1.00 0.00 ? 4  PHE A H    2  
ATOM   268  H HA   . PHE A 1 4  ? -2.901 0.239   1.630  1.00 0.00 ? 4  PHE A HA   2  
ATOM   269  H HB3  . PHE A 1 4  ? -4.741 1.584   -0.303 1.00 0.00 ? 4  PHE A HB3  2  
ATOM   270  H HD1  . PHE A 1 4  ? -5.091 -0.991  0.925  1.00 0.00 ? 4  PHE A HD1  2  
ATOM   271  H HD2  . PHE A 1 4  ? -5.945 2.848   2.521  1.00 0.00 ? 4  PHE A HD2  2  
ATOM   272  H HE1  . PHE A 1 4  ? -6.821 -2.003  2.433  1.00 0.00 ? 4  PHE A HE1  2  
ATOM   273  H HE2  . PHE A 1 4  ? -7.677 1.833   4.031  1.00 0.00 ? 4  PHE A HE2  2  
ATOM   274  H HZ   . PHE A 1 4  ? -8.093 -0.579  3.968  1.00 0.00 ? 4  PHE A HZ   2  
ATOM   275  N N    . GLU A 1 5  ? -2.120 -1.026  -0.378 1.00 0.00 ? 5  GLU A N    2  
ATOM   276  C CA   . GLU A 1 5  ? -1.863 -1.894  -1.514 1.00 0.00 ? 5  GLU A CA   2  
ATOM   277  C C    . GLU A 1 5  ? -2.836 -3.074  -1.511 1.00 0.00 ? 5  GLU A C    2  
ATOM   278  O O    . GLU A 1 5  ? -2.912 -3.824  -2.483 1.00 0.00 ? 5  GLU A O    2  
ATOM   279  C CB   . GLU A 1 5  ? -0.412 -2.380  -1.518 1.00 0.00 ? 5  GLU A CB   2  
ATOM   280  C CG   . GLU A 1 5  ? -0.267 -3.675  -0.715 1.00 0.00 ? 5  GLU A CG   2  
ATOM   281  C CD   . GLU A 1 5  ? 1.204  -4.076  -0.585 1.00 0.00 ? 5  GLU A CD   2  
ATOM   282  O OE1  . GLU A 1 5  ? 1.805  -4.549  -1.563 1.00 0.00 ? 5  GLU A OE1  2  
ATOM   283  H H    . GLU A 1 5  ? -1.724 -1.334  0.487  1.00 0.00 ? 5  GLU A H    2  
ATOM   284  H HA   . GLU A 1 5  ? -2.033 -1.276  -2.397 1.00 0.00 ? 5  GLU A HA   2  
ATOM   285  H HB2  . GLU A 1 5  ? -0.081 -2.545  -2.544 1.00 0.00 ? 5  GLU A HB2  2  
ATOM   286  H HB3  . GLU A 1 5  ? 0.234  -1.610  -1.094 1.00 0.00 ? 5  GLU A HB3  2  
ATOM   287  H HG2  . GLU A 1 5  ? -0.700 -3.543  0.277  1.00 0.00 ? 5  GLU A HG2  2  
ATOM   288  H HG3  . GLU A 1 5  ? -0.825 -4.474  -1.203 1.00 0.00 ? 5  GLU A HG3  2  
HETATM 289  N N    . DTR A 1 6  ? -3.558 -3.201  -0.406 1.00 0.00 ? 6  DTR A N    2  
HETATM 290  C CA   . DTR A 1 6  ? -4.522 -4.277  -0.265 1.00 0.00 ? 6  DTR A CA   2  
HETATM 291  C CB   . DTR A 1 6  ? -5.875 -3.764  -0.765 1.00 0.00 ? 6  DTR A CB   2  
HETATM 292  C CG   . DTR A 1 6  ? -5.839 -3.202  -2.187 1.00 0.00 ? 6  DTR A CG   2  
HETATM 293  C CD1  . DTR A 1 6  ? -6.241 -1.994  -2.608 1.00 0.00 ? 6  DTR A CD1  2  
HETATM 294  N NE1  . DTR A 1 6  ? -6.054 -1.844  -3.966 1.00 0.00 ? 6  DTR A NE1  2  
HETATM 295  C CE2  . DTR A 1 6  ? -5.498 -3.027  -4.443 1.00 0.00 ? 6  DTR A CE2  2  
HETATM 296  C CZ2  . DTR A 1 6  ? -5.124 -3.370  -5.747 1.00 0.00 ? 6  DTR A CZ2  2  
HETATM 297  C CH2  . DTR A 1 6  ? -4.584 -4.650  -5.923 1.00 0.00 ? 6  DTR A CH2  2  
HETATM 298  C CZ3  . DTR A 1 6  ? -4.447 -5.495  -4.829 1.00 0.00 ? 6  DTR A CZ3  2  
HETATM 299  C CE3  . DTR A 1 6  ? -4.815 -5.166  -3.519 1.00 0.00 ? 6  DTR A CE3  2  
HETATM 300  C CD2  . DTR A 1 6  ? -5.356 -3.878  -3.367 1.00 0.00 ? 6  DTR A CD2  2  
HETATM 301  C C    . DTR A 1 6  ? -4.616 -4.636  1.221  1.00 0.00 ? 6  DTR A C    2  
HETATM 302  O O    . DTR A 1 6  ? -5.684 -4.532  1.822  1.00 0.00 ? 6  DTR A O    2  
HETATM 303  H H    . DTR A 1 6  ? -3.490 -2.588  0.379  1.00 0.00 ? 6  DTR A H    2  
HETATM 304  H HA   . DTR A 1 6  ? -4.255 -5.129  -0.891 1.00 0.00 ? 6  DTR A HA   2  
HETATM 305  H HB2  . DTR A 1 6  ? -6.599 -4.576  -0.724 1.00 0.00 ? 6  DTR A HB2  2  
HETATM 306  H HB3  . DTR A 1 6  ? -6.228 -2.985  -0.086 1.00 0.00 ? 6  DTR A HB3  2  
HETATM 307  H HD1  . DTR A 1 6  ? -6.666 -1.229  -1.959 1.00 0.00 ? 6  DTR A HD1  2  
HETATM 308  H HE1  . DTR A 1 6  ? -6.298 -0.962  -4.556 1.00 0.00 ? 6  DTR A HE1  2  
HETATM 309  H HZ2  . DTR A 1 6  ? -5.247 -2.678  -6.582 1.00 0.00 ? 6  DTR A HZ2  2  
HETATM 310  H HH2  . DTR A 1 6  ? -4.271 -4.980  -6.914 1.00 0.00 ? 6  DTR A HH2  2  
HETATM 311  H HZ3  . DTR A 1 6  ? -4.022 -6.484  -5.003 1.00 0.00 ? 6  DTR A HZ3  2  
HETATM 312  H HE3  . DTR A 1 6  ? -4.691 -5.858  -2.685 1.00 0.00 ? 6  DTR A HE3  2  
HETATM 313  N N    . IAM A 1 7  ? -3.483 -5.049  1.770  1.00 0.00 ? 7  IAM A N    2  
HETATM 314  C CA   . IAM A 1 7  ? -3.423 -5.421  3.172  1.00 0.00 ? 7  IAM A CA   2  
HETATM 315  C CB   . IAM A 1 7  ? -2.249 -6.391  3.326  1.00 0.00 ? 7  IAM A CB   2  
HETATM 316  C CG   . IAM A 1 7  ? -1.974 -7.237  2.084  1.00 0.00 ? 7  IAM A CG   2  
HETATM 317  C CD1  . IAM A 1 7  ? -0.699 -7.602  1.779  1.00 0.00 ? 7  IAM A CD1  2  
HETATM 318  C CE1  . IAM A 1 7  ? -0.441 -8.388  0.625  1.00 0.00 ? 7  IAM A CE1  2  
HETATM 319  C CZ   . IAM A 1 7  ? -1.469 -8.774  -0.177 1.00 0.00 ? 7  IAM A CZ   2  
HETATM 320  C CE2  . IAM A 1 7  ? -2.742 -8.410  0.127  1.00 0.00 ? 7  IAM A CE2  2  
HETATM 321  C CD2  . IAM A 1 7  ? -3.000 -7.624  1.281  1.00 0.00 ? 7  IAM A CD2  2  
HETATM 322  C CT   . IAM A 1 7  ? -1.189 -9.627  -1.428 1.00 0.00 ? 7  IAM A CT   2  
HETATM 323  N NH   . IAM A 1 7  ? -0.620 -8.771  -2.489 1.00 0.00 ? 7  IAM A NH   2  
HETATM 324  C CI   . IAM A 1 7  ? 0.596  -7.969  -2.220 1.00 0.00 ? 7  IAM A CI   2  
HETATM 325  C CK1  . IAM A 1 7  ? 0.832  -6.990  -3.385 1.00 0.00 ? 7  IAM A CK1  2  
HETATM 326  C CK2  . IAM A 1 7  ? 1.817  -8.890  -2.065 1.00 0.00 ? 7  IAM A CK2  2  
HETATM 327  C C    . IAM A 1 7  ? -3.177 -4.197  4.054  1.00 0.00 ? 7  IAM A C    2  
HETATM 328  O O    . IAM A 1 7  ? -3.913 -3.960  5.015  1.00 0.00 ? 7  IAM A O    2  
HETATM 329  H H    . IAM A 1 7  ? -2.618 -5.128  1.273  1.00 0.00 ? 7  IAM A H    2  
HETATM 330  H HA   . IAM A 1 7  ? -4.384 -5.867  3.430  1.00 0.00 ? 7  IAM A HA   2  
HETATM 331  H HB   . IAM A 1 7  ? -1.354 -5.822  3.575  1.00 0.00 ? 7  IAM A HB   2  
HETATM 332  H HB1  . IAM A 1 7  ? -2.447 -7.053  4.169  1.00 0.00 ? 7  IAM A HB1  2  
HETATM 333  H HD1  . IAM A 1 7  ? 0.126  -7.290  2.422  1.00 0.00 ? 7  IAM A HD1  2  
HETATM 334  H HE1  . IAM A 1 7  ? 0.581  -8.682  0.381  1.00 0.00 ? 7  IAM A HE1  2  
HETATM 335  H HE2  . IAM A 1 7  ? -3.567 -8.719  -0.517 1.00 0.00 ? 7  IAM A HE2  2  
HETATM 336  H HD2  . IAM A 1 7  ? -4.021 -7.331  1.526  1.00 0.00 ? 7  IAM A HD2  2  
HETATM 337  H HT1  . IAM A 1 7  ? -2.105 -10.064 -1.773 1.00 0.00 ? 7  IAM A HT1  2  
HETATM 338  H HT2  . IAM A 1 7  ? -0.492 -10.403 -1.184 1.00 0.00 ? 7  IAM A HT2  2  
HETATM 339  H HH   . IAM A 1 7  ? -1.067 -8.733  -3.416 1.00 0.00 ? 7  IAM A HH   2  
HETATM 340  H HI   . IAM A 1 7  ? 0.462  -7.416  -1.313 1.00 0.00 ? 7  IAM A HI   2  
HETATM 341  H HK11 . IAM A 1 7  ? 0.978  -7.543  -4.291 1.00 0.00 ? 7  IAM A HK11 2  
HETATM 342  H HK12 . IAM A 1 7  ? -0.018 -6.349  -3.494 1.00 0.00 ? 7  IAM A HK12 2  
HETATM 343  H HK13 . IAM A 1 7  ? 1.701  -6.399  -3.185 1.00 0.00 ? 7  IAM A HK13 2  
HETATM 344  H HK21 . IAM A 1 7  ? 1.506  -9.829  -1.659 1.00 0.00 ? 7  IAM A HK21 2  
HETATM 345  H HK22 . IAM A 1 7  ? 2.267  -9.052  -3.023 1.00 0.00 ? 7  IAM A HK22 2  
HETATM 346  H HK23 . IAM A 1 7  ? 2.528  -8.435  -1.410 1.00 0.00 ? 7  IAM A HK23 2  
ATOM   347  N N    . THR A 1 8  ? -2.144 -3.449  3.700  1.00 0.00 ? 8  THR A N    2  
ATOM   348  C CA   . THR A 1 8  ? -1.793 -2.254  4.449  1.00 0.00 ? 8  THR A CA   2  
ATOM   349  C C    . THR A 1 8  ? -0.693 -1.474  3.724  1.00 0.00 ? 8  THR A C    2  
ATOM   350  O O    . THR A 1 8  ? -0.086 -1.981  2.783  1.00 0.00 ? 8  THR A O    2  
ATOM   351  C CB   . THR A 1 8  ? -1.402 -2.680  5.865  1.00 0.00 ? 8  THR A CB   2  
ATOM   352  O OG1  . THR A 1 8  ? -1.904 -1.635  6.694  1.00 0.00 ? 8  THR A OG1  2  
ATOM   353  C CG2  . THR A 1 8  ? 0.110  -2.643  6.092  1.00 0.00 ? 8  THR A CG2  2  
ATOM   354  H H    . THR A 1 8  ? -1.553 -3.647  2.920  1.00 0.00 ? 8  THR A H    2  
ATOM   355  H HA   . THR A 1 8  ? -2.668 -1.606  4.493  1.00 0.00 ? 8  THR A HA   2  
ATOM   356  H HB   . THR A 1 8  ? -1.807 -3.665  6.099  1.00 0.00 ? 8  THR A HB   2  
ATOM   357  H HG1  . THR A 1 8  ? -1.335 -0.818  6.593  1.00 0.00 ? 8  THR A HG1  2  
ATOM   358  H HG21 . THR A 1 8  ? 0.486  -1.645  5.871  1.00 0.00 ? 8  THR A HG21 2  
ATOM   359  H HG22 . THR A 1 8  ? 0.328  -2.892  7.131  1.00 0.00 ? 8  THR A HG22 2  
ATOM   360  H HG23 . THR A 1 8  ? 0.594  -3.366  5.436  1.00 0.00 ? 8  THR A HG23 2  
ATOM   361  N N    . PHE A 1 9  ? -0.472 -0.254  4.192  1.00 0.00 ? 9  PHE A N    2  
ATOM   362  C CA   . PHE A 1 9  ? 0.543  0.601   3.600  1.00 0.00 ? 9  PHE A CA   2  
ATOM   363  C C    . PHE A 1 9  ? 1.771  -0.212  3.184  1.00 0.00 ? 9  PHE A C    2  
ATOM   364  O O    . PHE A 1 9  ? 2.611  -0.547  4.019  1.00 0.00 ? 9  PHE A O    2  
ATOM   365  C CB   . PHE A 1 9  ? 0.956  1.613   4.671  1.00 0.00 ? 9  PHE A CB   2  
ATOM   366  C CG   . PHE A 1 9  ? 2.356  2.196   4.469  1.00 0.00 ? 9  PHE A CG   2  
ATOM   367  C CD1  . PHE A 1 9  ? 2.663  2.847   3.315  1.00 0.00 ? 9  PHE A CD1  2  
ATOM   368  C CD2  . PHE A 1 9  ? 3.296  2.063   5.445  1.00 0.00 ? 9  PHE A CD2  2  
ATOM   369  C CE1  . PHE A 1 9  ? 3.961  3.389   3.128  1.00 0.00 ? 9  PHE A CE1  2  
ATOM   370  C CE2  . PHE A 1 9  ? 4.594  2.605   5.258  1.00 0.00 ? 9  PHE A CE2  2  
ATOM   371  C CZ   . PHE A 1 9  ? 4.901  3.256   4.104  1.00 0.00 ? 9  PHE A CZ   2  
ATOM   372  H H    . PHE A 1 9  ? -0.970 0.151   4.958  1.00 0.00 ? 9  PHE A H    2  
ATOM   373  H HA   . PHE A 1 9  ? 0.102  1.064   2.719  1.00 0.00 ? 9  PHE A HA   2  
ATOM   374  H HB3  . PHE A 1 9  ? 0.912  1.130   5.649  1.00 0.00 ? 9  PHE A HB3  2  
ATOM   375  H HD1  . PHE A 1 9  ? 1.910  2.952   2.534  1.00 0.00 ? 9  PHE A HD1  2  
ATOM   376  H HD2  . PHE A 1 9  ? 3.050  1.541   6.370  1.00 0.00 ? 9  PHE A HD2  2  
ATOM   377  H HE1  . PHE A 1 9  ? 4.208  3.910   2.203  1.00 0.00 ? 9  PHE A HE1  2  
ATOM   378  H HE2  . PHE A 1 9  ? 5.348  2.498   6.039  1.00 0.00 ? 9  PHE A HE2  2  
ATOM   379  H HZ   . PHE A 1 9  ? 5.897  3.671   3.959  1.00 0.00 ? 9  PHE A HZ   2  
ATOM   380  N N    . LYS A 1 10 ? 1.836  -0.510  1.894  1.00 0.00 ? 10 LYS A N    2  
ATOM   381  C CA   . LYS A 1 10 ? 2.947  -1.278  1.358  1.00 0.00 ? 10 LYS A CA   2  
ATOM   382  C C    . LYS A 1 10 ? 3.318  -0.733  -0.022 1.00 0.00 ? 10 LYS A C    2  
ATOM   383  O O    . LYS A 1 10 ? 2.547  -0.858  -0.972 1.00 0.00 ? 10 LYS A O    2  
ATOM   384  C CB   . LYS A 1 10 ? 2.616  -2.771  1.359  1.00 0.00 ? 10 LYS A CB   2  
ATOM   385  C CG   . LYS A 1 10 ? 2.616  -3.332  2.785  1.00 0.00 ? 10 LYS A CG   2  
ATOM   386  C CD   . LYS A 1 10 ? 3.243  -4.725  2.826  1.00 0.00 ? 10 LYS A CD   2  
ATOM   387  C CE   . LYS A 1 10 ? 2.823  -5.551  1.609  1.00 0.00 ? 10 LYS A CE   2  
ATOM   388  N NZ   . LYS A 1 10 ? 1.530  -5.069  1.074  1.00 0.00 ? 10 LYS A NZ   2  
ATOM   389  H H    . LYS A 1 10 ? 1.149  -0.234  1.223  1.00 0.00 ? 10 LYS A H    2  
ATOM   390  H HA   . LYS A 1 10 ? 3.796  -1.135  2.025  1.00 0.00 ? 10 LYS A HA   2  
ATOM   391  H HB2  . LYS A 1 10 ? 1.638  -2.931  0.902  1.00 0.00 ? 10 LYS A HB2  2  
ATOM   392  H HB3  . LYS A 1 10 ? 3.343  -3.310  0.754  1.00 0.00 ? 10 LYS A HB3  2  
ATOM   393  H HG2  . LYS A 1 10 ? 3.169  -2.660  3.443  1.00 0.00 ? 10 LYS A HG2  2  
ATOM   394  H HG3  . LYS A 1 10 ? 1.594  -3.377  3.161  1.00 0.00 ? 10 LYS A HG3  2  
ATOM   395  H HD2  . LYS A 1 10 ? 4.329  -4.639  2.854  1.00 0.00 ? 10 LYS A HD2  2  
ATOM   396  H HD3  . LYS A 1 10 ? 2.940  -5.238  3.739  1.00 0.00 ? 10 LYS A HD3  2  
ATOM   397  H HE2  . LYS A 1 10 ? 3.590  -5.486  0.835  1.00 0.00 ? 10 LYS A HE2  2  
ATOM   398  H HE3  . LYS A 1 10 ? 2.741  -6.603  1.885  1.00 0.00 ? 10 LYS A HE3  2  
ATOM   399  H HZ1  . LYS A 1 10 ? 1.225  -5.606  0.272  1.00 0.00 ? 10 LYS A HZ1  2  
ATOM   400  N N    . SER A 1 11 ? 4.500  -0.137  -0.090 1.00 0.00 ? 11 SER A N    2  
ATOM   401  C CA   . SER A 1 11 ? 4.983  0.428   -1.337 1.00 0.00 ? 11 SER A CA   2  
ATOM   402  C C    . SER A 1 11 ? 4.608  -0.486  -2.506 1.00 0.00 ? 11 SER A C    2  
ATOM   403  O O    . SER A 1 11 ? 5.010  -1.647  -2.544 1.00 0.00 ? 11 SER A O    2  
ATOM   404  C CB   . SER A 1 11 ? 6.499  0.641   -1.298 1.00 0.00 ? 11 SER A CB   2  
ATOM   405  O OG   . SER A 1 11 ? 7.185  -0.505  -0.799 1.00 0.00 ? 11 SER A OG   2  
ATOM   406  H H    . SER A 1 11 ? 5.121  -0.038  0.687  1.00 0.00 ? 11 SER A H    2  
ATOM   407  H HA   . SER A 1 11 ? 4.484  1.392   -1.433 1.00 0.00 ? 11 SER A HA   2  
ATOM   408  H HB3  . SER A 1 11 ? 6.725  1.502   -0.669 1.00 0.00 ? 11 SER A HB3  2  
ATOM   409  H HG   . SER A 1 11 ? 7.225  -1.213  -1.504 1.00 0.00 ? 11 SER A HG   2  
ATOM   410  N N    . CYS A 1 12 ? 3.840  0.072   -3.430 1.00 0.00 ? 12 CYS A N    2  
ATOM   411  C CA   . CYS A 1 12 ? 3.407  -0.678  -4.597 1.00 0.00 ? 12 CYS A CA   2  
ATOM   412  C C    . CYS A 1 12 ? 4.646  -1.075  -5.401 1.00 0.00 ? 12 CYS A C    2  
ATOM   413  O O    . CYS A 1 12 ? 4.744  -2.204  -5.878 1.00 0.00 ? 12 CYS A O    2  
ATOM   414  C CB   . CYS A 1 12 ? 2.408  0.116   -5.441 1.00 0.00 ? 12 CYS A CB   2  
ATOM   415  S SG   . CYS A 1 12 ? 1.185  1.078   -4.479 1.00 0.00 ? 12 CYS A SG   2  
ATOM   416  H H    . CYS A 1 12 ? 3.517  1.018   -3.391 1.00 0.00 ? 12 CYS A H    2  
ATOM   417  H HA   . CYS A 1 12 ? 2.887  -1.560  -4.224 1.00 0.00 ? 12 CYS A HA   2  
ATOM   418  H HB3  . CYS A 1 12 ? 1.874  -0.574  -6.092 1.00 0.00 ? 12 CYS A HB3  2  
ATOM   419  N N    . TYR A 1 1  ? -0.524 4.770   -7.633 1.00 0.00 ? 1  TYR A N    3  
ATOM   420  C CA   . TYR A 1 1  ? -1.010 4.720   -6.264 1.00 0.00 ? 1  TYR A CA   3  
ATOM   421  C C    . TYR A 1 1  ? -0.029 3.971   -5.362 1.00 0.00 ? 1  TYR A C    3  
ATOM   422  O O    . TYR A 1 1  ? 0.686  3.079   -5.819 1.00 0.00 ? 1  TYR A O    3  
ATOM   423  C CB   . TYR A 1 1  ? -2.329 3.948   -6.312 1.00 0.00 ? 1  TYR A CB   3  
ATOM   424  C CG   . TYR A 1 1  ? -3.543 4.760   -5.853 1.00 0.00 ? 1  TYR A CG   3  
ATOM   425  C CD1  . TYR A 1 1  ? -3.601 5.244   -4.561 1.00 0.00 ? 1  TYR A CD1  3  
ATOM   426  C CD2  . TYR A 1 1  ? -4.578 5.011   -6.731 1.00 0.00 ? 1  TYR A CD2  3  
ATOM   427  C CE1  . TYR A 1 1  ? -4.743 6.009   -4.128 1.00 0.00 ? 1  TYR A CE1  3  
ATOM   428  C CE2  . TYR A 1 1  ? -5.719 5.775   -6.298 1.00 0.00 ? 1  TYR A CE2  3  
ATOM   429  C CZ   . TYR A 1 1  ? -5.745 6.236   -5.018 1.00 0.00 ? 1  TYR A CZ   3  
ATOM   430  O OH   . TYR A 1 1  ? -6.822 6.958   -4.610 1.00 0.00 ? 1  TYR A OH   3  
ATOM   431  H H1   . TYR A 1 1  ? -0.008 5.592   -7.869 1.00 0.00 ? 1  TYR A H1   3  
ATOM   432  H HA   . TYR A 1 1  ? -1.112 5.744   -5.907 1.00 0.00 ? 1  TYR A HA   3  
ATOM   433  H HB3  . TYR A 1 1  ? -2.243 3.060   -5.687 1.00 0.00 ? 1  TYR A HB3  3  
ATOM   434  H HD1  . TYR A 1 1  ? -2.783 5.045   -3.868 1.00 0.00 ? 1  TYR A HD1  3  
ATOM   435  H HD2  . TYR A 1 1  ? -4.532 4.629   -7.750 1.00 0.00 ? 1  TYR A HD2  3  
ATOM   436  H HE1  . TYR A 1 1  ? -4.800 6.395   -3.111 1.00 0.00 ? 1  TYR A HE1  3  
ATOM   437  H HE2  . TYR A 1 1  ? -6.544 5.981   -6.981 1.00 0.00 ? 1  TYR A HE2  3  
ATOM   438  H HH   . TYR A 1 1  ? -7.166 7.515   -5.364 1.00 0.00 ? 1  TYR A HH   3  
ATOM   439  N N    . CYS A 1 2  ? -0.023 4.362   -4.096 1.00 0.00 ? 2  CYS A N    3  
ATOM   440  C CA   . CYS A 1 2  ? 0.860  3.737   -3.124 1.00 0.00 ? 2  CYS A CA   3  
ATOM   441  C C    . CYS A 1 2  ? 0.243  3.908   -1.736 1.00 0.00 ? 2  CYS A C    3  
ATOM   442  O O    . CYS A 1 2  ? -0.676 4.704   -1.555 1.00 0.00 ? 2  CYS A O    3  
ATOM   443  C CB   . CYS A 1 2  ? 2.276  4.313   -3.195 1.00 0.00 ? 2  CYS A CB   3  
ATOM   444  S SG   . CYS A 1 2  ? 3.011  4.338   -4.869 1.00 0.00 ? 2  CYS A SG   3  
ATOM   445  H H    . CYS A 1 2  ? -0.606 5.086   -3.731 1.00 0.00 ? 2  CYS A H    3  
ATOM   446  H HA   . CYS A 1 2  ? 0.925  2.682   -3.392 1.00 0.00 ? 2  CYS A HA   3  
ATOM   447  H HB3  . CYS A 1 2  ? 2.923  3.732   -2.537 1.00 0.00 ? 2  CYS A HB3  3  
ATOM   448  N N    . LYS A 1 3  ? 0.776  3.149   -0.788 1.00 0.00 ? 3  LYS A N    3  
ATOM   449  C CA   . LYS A 1 3  ? 0.288  3.206   0.580  1.00 0.00 ? 3  LYS A CA   3  
ATOM   450  C C    . LYS A 1 3  ? -1.106 2.579   0.646  1.00 0.00 ? 3  LYS A C    3  
ATOM   451  O O    . LYS A 1 3  ? -2.033 3.175   1.191  1.00 0.00 ? 3  LYS A O    3  
ATOM   452  C CB   . LYS A 1 3  ? 0.343  4.642   1.108  1.00 0.00 ? 3  LYS A CB   3  
ATOM   453  C CG   . LYS A 1 3  ? 1.758  5.212   0.999  1.00 0.00 ? 3  LYS A CG   3  
ATOM   454  C CD   . LYS A 1 3  ? 2.738  4.420   1.868  1.00 0.00 ? 3  LYS A CD   3  
ATOM   455  C CE   . LYS A 1 3  ? 3.371  3.274   1.075  1.00 0.00 ? 3  LYS A CE   3  
ATOM   456  N NZ   . LYS A 1 3  ? 4.835  3.248   1.282  1.00 0.00 ? 3  LYS A NZ   3  
ATOM   457  H H    . LYS A 1 3  ? 1.525  2.505   -0.943 1.00 0.00 ? 3  LYS A H    3  
ATOM   458  H HA   . LYS A 1 3  ? 0.966  2.613   1.193  1.00 0.00 ? 3  LYS A HA   3  
ATOM   459  H HB3  . LYS A 1 3  ? 0.018  4.661   2.148  1.00 0.00 ? 3  LYS A HB3  3  
ATOM   460  H HG3  . LYS A 1 3  ? 1.757  6.258   1.305  1.00 0.00 ? 3  LYS A HG3  3  
ATOM   461  H HD3  . LYS A 1 3  ? 2.216  4.021   2.738  1.00 0.00 ? 3  LYS A HD3  3  
ATOM   462  H HE3  . LYS A 1 3  ? 3.149  3.391   0.016  1.00 0.00 ? 3  LYS A HE3  3  
ATOM   463  H HZ1  . LYS A 1 3  ? 5.085  2.853   2.183  1.00 0.00 ? 3  LYS A HZ1  3  
ATOM   464  H HZ2  . LYS A 1 3  ? 5.308  2.695   0.577  1.00 0.00 ? 3  LYS A HZ2  3  
ATOM   465  N N    . PHE A 1 4  ? -1.210 1.383   0.087  1.00 0.00 ? 4  PHE A N    3  
ATOM   466  C CA   . PHE A 1 4  ? -2.475 0.670   0.076  1.00 0.00 ? 4  PHE A CA   3  
ATOM   467  C C    . PHE A 1 4  ? -2.459 -0.457  -0.961 1.00 0.00 ? 4  PHE A C    3  
ATOM   468  O O    . PHE A 1 4  ? -2.657 -0.214  -2.149 1.00 0.00 ? 4  PHE A O    3  
ATOM   469  C CB   . PHE A 1 4  ? -3.556 1.681   -0.302 1.00 0.00 ? 4  PHE A CB   3  
ATOM   470  C CG   . PHE A 1 4  ? -4.419 2.138   0.874  1.00 0.00 ? 4  PHE A CG   3  
ATOM   471  C CD1  . PHE A 1 4  ? -5.033 1.220   1.666  1.00 0.00 ? 4  PHE A CD1  3  
ATOM   472  C CD2  . PHE A 1 4  ? -4.574 3.466   1.129  1.00 0.00 ? 4  PHE A CD2  3  
ATOM   473  C CE1  . PHE A 1 4  ? -5.834 1.644   2.757  1.00 0.00 ? 4  PHE A CE1  3  
ATOM   474  C CE2  . PHE A 1 4  ? -5.374 3.891   2.222  1.00 0.00 ? 4  PHE A CE2  3  
ATOM   475  C CZ   . PHE A 1 4  ? -5.989 2.971   3.012  1.00 0.00 ? 4  PHE A CZ   3  
ATOM   476  H H    . PHE A 1 4  ? -0.450 0.904   -0.355 1.00 0.00 ? 4  PHE A H    3  
ATOM   477  H HA   . PHE A 1 4  ? -2.614 0.242   1.070  1.00 0.00 ? 4  PHE A HA   3  
ATOM   478  H HB3  . PHE A 1 4  ? -4.202 1.241   -1.064 1.00 0.00 ? 4  PHE A HB3  3  
ATOM   479  H HD1  . PHE A 1 4  ? -4.910 0.155   1.462  1.00 0.00 ? 4  PHE A HD1  3  
ATOM   480  H HD2  . PHE A 1 4  ? -4.081 4.203   0.494  1.00 0.00 ? 4  PHE A HD2  3  
ATOM   481  H HE1  . PHE A 1 4  ? -6.326 0.907   3.394  1.00 0.00 ? 4  PHE A HE1  3  
ATOM   482  H HE2  . PHE A 1 4  ? -5.496 4.954   2.426  1.00 0.00 ? 4  PHE A HE2  3  
ATOM   483  H HZ   . PHE A 1 4  ? -6.603 3.298   3.853  1.00 0.00 ? 4  PHE A HZ   3  
ATOM   484  N N    . GLU A 1 5  ? -2.223 -1.664  -0.473 1.00 0.00 ? 5  GLU A N    3  
ATOM   485  C CA   . GLU A 1 5  ? -2.180 -2.829  -1.341 1.00 0.00 ? 5  GLU A CA   3  
ATOM   486  C C    . GLU A 1 5  ? -3.328 -3.783  -1.007 1.00 0.00 ? 5  GLU A C    3  
ATOM   487  O O    . GLU A 1 5  ? -3.595 -4.725  -1.752 1.00 0.00 ? 5  GLU A O    3  
ATOM   488  C CB   . GLU A 1 5  ? -0.828 -3.541  -1.240 1.00 0.00 ? 5  GLU A CB   3  
ATOM   489  C CG   . GLU A 1 5  ? -0.849 -4.603  -0.139 1.00 0.00 ? 5  GLU A CG   3  
ATOM   490  C CD   . GLU A 1 5  ? 0.547  -5.185  0.088  1.00 0.00 ? 5  GLU A CD   3  
ATOM   491  O OE1  . GLU A 1 5  ? 1.278  -5.439  -0.883 1.00 0.00 ? 5  GLU A OE1  3  
ATOM   492  H H    . GLU A 1 5  ? -2.063 -1.856  0.495  1.00 0.00 ? 5  GLU A H    3  
ATOM   493  H HA   . GLU A 1 5  ? -2.304 -2.440  -2.352 1.00 0.00 ? 5  GLU A HA   3  
ATOM   494  H HB2  . GLU A 1 5  ? -0.585 -4.006  -2.195 1.00 0.00 ? 5  GLU A HB2  3  
ATOM   495  H HB3  . GLU A 1 5  ? -0.045 -2.811  -1.032 1.00 0.00 ? 5  GLU A HB3  3  
ATOM   496  H HG2  . GLU A 1 5  ? -1.219 -4.163  0.788  1.00 0.00 ? 5  GLU A HG2  3  
ATOM   497  H HG3  . GLU A 1 5  ? -1.541 -5.399  -0.411 1.00 0.00 ? 5  GLU A HG3  3  
HETATM 498  N N    . DTR A 1 6  ? -3.977 -3.509  0.115  1.00 0.00 ? 6  DTR A N    3  
HETATM 499  C CA   . DTR A 1 6  ? -5.089 -4.332  0.558  1.00 0.00 ? 6  DTR A CA   3  
HETATM 500  C CB   . DTR A 1 6  ? -6.374 -3.728  -0.015 1.00 0.00 ? 6  DTR A CB   3  
HETATM 501  C CG   . DTR A 1 6  ? -6.352 -3.545  -1.532 1.00 0.00 ? 6  DTR A CG   3  
HETATM 502  C CD1  . DTR A 1 6  ? -6.587 -2.426  -2.233 1.00 0.00 ? 6  DTR A CD1  3  
HETATM 503  N NE1  . DTR A 1 6  ? -6.477 -2.648  -3.592 1.00 0.00 ? 6  DTR A NE1  3  
HETATM 504  C CE2  . DTR A 1 6  ? -6.156 -3.989  -3.770 1.00 0.00 ? 6  DTR A CE2  3  
HETATM 505  C CZ2  . DTR A 1 6  ? -5.939 -4.700  -4.955 1.00 0.00 ? 6  DTR A CZ2  3  
HETATM 506  C CH2  . DTR A 1 6  ? -5.624 -6.057  -4.818 1.00 0.00 ? 6  DTR A CH2  3  
HETATM 507  C CZ3  . DTR A 1 6  ? -5.545 -6.621  -3.550 1.00 0.00 ? 6  DTR A CZ3  3  
HETATM 508  C CE3  . DTR A 1 6  ? -5.759 -5.923  -2.355 1.00 0.00 ? 6  DTR A CE3  3  
HETATM 509  C CD2  . DTR A 1 6  ? -6.073 -4.563  -2.517 1.00 0.00 ? 6  DTR A CD2  3  
HETATM 510  C C    . DTR A 1 6  ? -5.129 -4.292  2.087  1.00 0.00 ? 6  DTR A C    3  
HETATM 511  O O    . DTR A 1 6  ? -6.092 -3.804  2.673  1.00 0.00 ? 6  DTR A O    3  
HETATM 512  H H    . DTR A 1 6  ? -3.752 -2.742  0.717  1.00 0.00 ? 6  DTR A H    3  
HETATM 513  H HA   . DTR A 1 6  ? -5.010 -5.343  0.159  1.00 0.00 ? 6  DTR A HA   3  
HETATM 514  H HB2  . DTR A 1 6  ? -7.214 -4.367  0.252  1.00 0.00 ? 6  DTR A HB2  3  
HETATM 515  H HB3  . DTR A 1 6  ? -6.547 -2.759  0.456  1.00 0.00 ? 6  DTR A HB3  3  
HETATM 516  H HD1  . DTR A 1 6  ? -6.833 -1.464  -1.787 1.00 0.00 ? 6  DTR A HD1  3  
HETATM 517  H HE1  . DTR A 1 6  ? -6.621 -1.908  -4.378 1.00 0.00 ? 6  DTR A HE1  3  
HETATM 518  H HZ2  . DTR A 1 6  ? -6.010 -4.223  -5.933 1.00 0.00 ? 6  DTR A HZ2  3  
HETATM 519  H HH2  . DTR A 1 6  ? -5.443 -6.669  -5.702 1.00 0.00 ? 6  DTR A HH2  3  
HETATM 520  H HZ3  . DTR A 1 6  ? -5.298 -7.679  -3.482 1.00 0.00 ? 6  DTR A HZ3  3  
HETATM 521  H HE3  . DTR A 1 6  ? -5.687 -6.401  -1.378 1.00 0.00 ? 6  DTR A HE3  3  
HETATM 522  N N    . IAM A 1 7  ? -4.067 -4.813  2.686  1.00 0.00 ? 7  IAM A N    3  
HETATM 523  C CA   . IAM A 1 7  ? -3.970 -4.844  4.135  1.00 0.00 ? 7  IAM A CA   3  
HETATM 524  C CB   . IAM A 1 7  ? -2.942 -5.921  4.491  1.00 0.00 ? 7  IAM A CB   3  
HETATM 525  C CG   . IAM A 1 7  ? -2.913 -7.099  3.517  1.00 0.00 ? 7  IAM A CG   3  
HETATM 526  C CD1  . IAM A 1 7  ? -1.735 -7.714  3.228  1.00 0.00 ? 7  IAM A CD1  3  
HETATM 527  C CE1  . IAM A 1 7  ? -1.707 -8.810  2.322  1.00 0.00 ? 7  IAM A CE1  3  
HETATM 528  C CZ   . IAM A 1 7  ? -2.860 -9.241  1.745  1.00 0.00 ? 7  IAM A CZ   3  
HETATM 529  C CE2  . IAM A 1 7  ? -4.040 -8.627  2.035  1.00 0.00 ? 7  IAM A CE2  3  
HETATM 530  C CD2  . IAM A 1 7  ? -4.065 -7.533  2.940  1.00 0.00 ? 7  IAM A CD2  3  
HETATM 531  C CT   . IAM A 1 7  ? -2.831 -10.430 0.767  1.00 0.00 ? 7  IAM A CT   3  
HETATM 532  N NH   . IAM A 1 7  ? -2.292 -9.980  -0.535 1.00 0.00 ? 7  IAM A NH   3  
HETATM 533  C CI   . IAM A 1 7  ? -0.870 -9.588  -0.652 1.00 0.00 ? 7  IAM A CI   3  
HETATM 534  C CK1  . IAM A 1 7  ? -0.636 -8.900  -2.011 1.00 0.00 ? 7  IAM A CK1  3  
HETATM 535  C CK2  . IAM A 1 7  ? 0.034  -10.828 -0.539 1.00 0.00 ? 7  IAM A CK2  3  
HETATM 536  C C    . IAM A 1 7  ? -3.489 -3.498  4.682  1.00 0.00 ? 7  IAM A C    3  
HETATM 537  O O    . IAM A 1 7  ? -4.058 -2.974  5.638  1.00 0.00 ? 7  IAM A O    3  
HETATM 538  H H    . IAM A 1 7  ? -3.288 -5.209  2.199  1.00 0.00 ? 7  IAM A H    3  
HETATM 539  H HA   . IAM A 1 7  ? -4.966 -5.058  4.524  1.00 0.00 ? 7  IAM A HA   3  
HETATM 540  H HB   . IAM A 1 7  ? -1.952 -5.466  4.525  1.00 0.00 ? 7  IAM A HB   3  
HETATM 541  H HB1  . IAM A 1 7  ? -3.154 -6.295  5.492  1.00 0.00 ? 7  IAM A HB1  3  
HETATM 542  H HD1  . IAM A 1 7  ? -0.810 -7.365  3.689  1.00 0.00 ? 7  IAM A HD1  3  
HETATM 543  H HE1  . IAM A 1 7  ? -0.763 -9.302  2.092  1.00 0.00 ? 7  IAM A HE1  3  
HETATM 544  H HE2  . IAM A 1 7  ? -4.963 -8.976  1.572  1.00 0.00 ? 7  IAM A HE2  3  
HETATM 545  H HD2  . IAM A 1 7  ? -5.009 -7.041  3.172  1.00 0.00 ? 7  IAM A HD2  3  
HETATM 546  H HT1  . IAM A 1 7  ? -3.824 -10.804 0.633  1.00 0.00 ? 7  IAM A HT1  3  
HETATM 547  H HT2  . IAM A 1 7  ? -2.204 -11.204 1.162  1.00 0.00 ? 7  IAM A HT2  3  
HETATM 548  H HH   . IAM A 1 7  ? -2.907 -9.939  -1.361 1.00 0.00 ? 7  IAM A HH   3  
HETATM 549  H HI   . IAM A 1 7  ? -0.621 -8.908  0.137  1.00 0.00 ? 7  IAM A HI   3  
HETATM 550  H HK11 . IAM A 1 7  ? -0.869 -9.586  -2.800 1.00 0.00 ? 7  IAM A HK11 3  
HETATM 551  H HK12 . IAM A 1 7  ? -1.264 -8.040  -2.089 1.00 0.00 ? 7  IAM A HK12 3  
HETATM 552  H HK13 . IAM A 1 7  ? 0.389  -8.605  -2.088 1.00 0.00 ? 7  IAM A HK13 3  
HETATM 553  H HK21 . IAM A 1 7  ? 0.743  -10.683 0.249  1.00 0.00 ? 7  IAM A HK21 3  
HETATM 554  H HK22 . IAM A 1 7  ? -0.565 -11.689 -0.324 1.00 0.00 ? 7  IAM A HK22 3  
HETATM 555  H HK23 . IAM A 1 7  ? 0.554  -10.978 -1.461 1.00 0.00 ? 7  IAM A HK23 3  
ATOM   556  N N    . THR A 1 8  ? -2.448 -2.977  4.050  1.00 0.00 ? 8  THR A N    3  
ATOM   557  C CA   . THR A 1 8  ? -1.885 -1.702  4.459  1.00 0.00 ? 8  THR A CA   3  
ATOM   558  C C    . THR A 1 8  ? -0.812 -1.248  3.469  1.00 0.00 ? 8  THR A C    3  
ATOM   559  O O    . THR A 1 8  ? -0.452 -1.990  2.558  1.00 0.00 ? 8  THR A O    3  
ATOM   560  C CB   . THR A 1 8  ? -1.366 -1.852  5.891  1.00 0.00 ? 8  THR A CB   3  
ATOM   561  O OG1  . THR A 1 8  ? -1.776 -0.652  6.538  1.00 0.00 ? 8  THR A OG1  3  
ATOM   562  C CG2  . THR A 1 8  ? 0.162  -1.813  5.966  1.00 0.00 ? 8  THR A CG2  3  
ATOM   563  H H    . THR A 1 8  ? -1.991 -3.409  3.272  1.00 0.00 ? 8  THR A H    3  
ATOM   564  H HA   . THR A 1 8  ? -2.678 -0.953  4.437  1.00 0.00 ? 8  THR A HA   3  
ATOM   565  H HB   . THR A 1 8  ? -1.754 -2.760  6.352  1.00 0.00 ? 8  THR A HB   3  
ATOM   566  H HG1  . THR A 1 8  ? -1.225 0.118   6.214  1.00 0.00 ? 8  THR A HG1  3  
ATOM   567  H HG21 . THR A 1 8  ? 0.508  -0.794  5.790  1.00 0.00 ? 8  THR A HG21 3  
ATOM   568  H HG22 . THR A 1 8  ? 0.487  -2.141  6.953  1.00 0.00 ? 8  THR A HG22 3  
ATOM   569  H HG23 . THR A 1 8  ? 0.581  -2.474  5.208  1.00 0.00 ? 8  THR A HG23 3  
ATOM   570  N N    . PHE A 1 9  ? -0.334 -0.031  3.678  1.00 0.00 ? 9  PHE A N    3  
ATOM   571  C CA   . PHE A 1 9  ? 0.689  0.531   2.815  1.00 0.00 ? 9  PHE A CA   3  
ATOM   572  C C    . PHE A 1 9  ? 1.690  -0.543  2.380  1.00 0.00 ? 9  PHE A C    3  
ATOM   573  O O    . PHE A 1 9  ? 2.513  -0.989  3.178  1.00 0.00 ? 9  PHE A O    3  
ATOM   574  C CB   . PHE A 1 9  ? 1.427  1.597   3.627  1.00 0.00 ? 9  PHE A CB   3  
ATOM   575  C CG   . PHE A 1 9  ? 1.530  1.281   5.120  1.00 0.00 ? 9  PHE A CG   3  
ATOM   576  C CD1  . PHE A 1 9  ? 2.565  0.531   5.586  1.00 0.00 ? 9  PHE A CD1  3  
ATOM   577  C CD2  . PHE A 1 9  ? 0.587  1.747   5.981  1.00 0.00 ? 9  PHE A CD2  3  
ATOM   578  C CE1  . PHE A 1 9  ? 2.664  0.238   6.971  1.00 0.00 ? 9  PHE A CE1  3  
ATOM   579  C CE2  . PHE A 1 9  ? 0.684  1.453   7.367  1.00 0.00 ? 9  PHE A CE2  3  
ATOM   580  C CZ   . PHE A 1 9  ? 1.721  0.704   7.833  1.00 0.00 ? 9  PHE A CZ   3  
ATOM   581  H H    . PHE A 1 9  ? -0.635 0.567   4.421  1.00 0.00 ? 9  PHE A H    3  
ATOM   582  H HA   . PHE A 1 9  ? 0.188  0.932   1.935  1.00 0.00 ? 9  PHE A HA   3  
ATOM   583  H HB3  . PHE A 1 9  ? 0.913  2.552   3.504  1.00 0.00 ? 9  PHE A HB3  3  
ATOM   584  H HD1  . PHE A 1 9  ? 3.322  0.158   4.895  1.00 0.00 ? 9  PHE A HD1  3  
ATOM   585  H HD2  . PHE A 1 9  ? -0.242 2.346   5.610  1.00 0.00 ? 9  PHE A HD2  3  
ATOM   586  H HE1  . PHE A 1 9  ? 3.493  -0.364  7.345  1.00 0.00 ? 9  PHE A HE1  3  
ATOM   587  H HE2  . PHE A 1 9  ? -0.072 1.826   8.060  1.00 0.00 ? 9  PHE A HE2  3  
ATOM   588  H HZ   . PHE A 1 9  ? 1.794  0.477   8.896  1.00 0.00 ? 9  PHE A HZ   3  
ATOM   589  N N    . LYS A 1 10 ? 1.585  -0.926  1.116  1.00 0.00 ? 10 LYS A N    3  
ATOM   590  C CA   . LYS A 1 10 ? 2.472  -1.940  0.566  1.00 0.00 ? 10 LYS A CA   3  
ATOM   591  C C    . LYS A 1 10 ? 2.663  -1.685  -0.929 1.00 0.00 ? 10 LYS A C    3  
ATOM   592  O O    . LYS A 1 10 ? 1.954  -2.258  -1.756 1.00 0.00 ? 10 LYS A O    3  
ATOM   593  C CB   . LYS A 1 10 ? 1.948  -3.340  0.890  1.00 0.00 ? 10 LYS A CB   3  
ATOM   594  C CG   . LYS A 1 10 ? 2.572  -3.874  2.181  1.00 0.00 ? 10 LYS A CG   3  
ATOM   595  C CD   . LYS A 1 10 ? 1.506  -4.485  3.093  1.00 0.00 ? 10 LYS A CD   3  
ATOM   596  C CE   . LYS A 1 10 ? 1.335  -5.978  2.812  1.00 0.00 ? 10 LYS A CE   3  
ATOM   597  N NZ   . LYS A 1 10 ? 0.199  -6.205  1.890  1.00 0.00 ? 10 LYS A NZ   3  
ATOM   598  H H    . LYS A 1 10 ? 0.914  -0.559  0.474  1.00 0.00 ? 10 LYS A H    3  
ATOM   599  H HA   . LYS A 1 10 ? 3.437  -1.834  1.061  1.00 0.00 ? 10 LYS A HA   3  
ATOM   600  H HB2  . LYS A 1 10 ? 0.863  -3.314  0.990  1.00 0.00 ? 10 LYS A HB2  3  
ATOM   601  H HB3  . LYS A 1 10 ? 2.175  -4.016  0.067  1.00 0.00 ? 10 LYS A HB3  3  
ATOM   602  H HG2  . LYS A 1 10 ? 3.325  -4.624  1.943  1.00 0.00 ? 10 LYS A HG2  3  
ATOM   603  H HG3  . LYS A 1 10 ? 3.082  -3.064  2.703  1.00 0.00 ? 10 LYS A HG3  3  
ATOM   604  H HD2  . LYS A 1 10 ? 1.787  -4.338  4.137  1.00 0.00 ? 10 LYS A HD2  3  
ATOM   605  H HD3  . LYS A 1 10 ? 0.557  -3.971  2.946  1.00 0.00 ? 10 LYS A HD3  3  
ATOM   606  H HE2  . LYS A 1 10 ? 2.249  -6.380  2.377  1.00 0.00 ? 10 LYS A HE2  3  
ATOM   607  H HE3  . LYS A 1 10 ? 1.165  -6.514  3.746  1.00 0.00 ? 10 LYS A HE3  3  
ATOM   608  H HZ1  . LYS A 1 10 ? 0.507  -6.542  0.984  1.00 0.00 ? 10 LYS A HZ1  3  
ATOM   609  N N    . SER A 1 11 ? 3.625  -0.826  -1.233 1.00 0.00 ? 11 SER A N    3  
ATOM   610  C CA   . SER A 1 11 ? 3.918  -0.491  -2.617 1.00 0.00 ? 11 SER A CA   3  
ATOM   611  C C    . SER A 1 11 ? 5.009  0.582   -2.675 1.00 0.00 ? 11 SER A C    3  
ATOM   612  O O    . SER A 1 11 ? 6.148  0.295   -3.035 1.00 0.00 ? 11 SER A O    3  
ATOM   613  C CB   . SER A 1 11 ? 2.662  -0.012  -3.346 1.00 0.00 ? 11 SER A CB   3  
ATOM   614  O OG   . SER A 1 11 ? 2.588  -0.522  -4.673 1.00 0.00 ? 11 SER A OG   3  
ATOM   615  H H    . SER A 1 11 ? 4.199  -0.366  -0.556 1.00 0.00 ? 11 SER A H    3  
ATOM   616  H HA   . SER A 1 11 ? 4.270  -1.417  -3.070 1.00 0.00 ? 11 SER A HA   3  
ATOM   617  H HB3  . SER A 1 11 ? 2.654  1.079   -3.376 1.00 0.00 ? 11 SER A HB3  3  
ATOM   618  H HG   . SER A 1 11 ? 2.259  -1.467  -4.658 1.00 0.00 ? 11 SER A HG   3  
ATOM   619  N N    . CYS A 1 12 ? 4.619  1.795   -2.312 1.00 0.00 ? 12 CYS A N    3  
ATOM   620  C CA   . CYS A 1 12 ? 5.549  2.913   -2.316 1.00 0.00 ? 12 CYS A CA   3  
ATOM   621  C C    . CYS A 1 12 ? 5.014  3.986   -1.364 1.00 0.00 ? 12 CYS A C    3  
ATOM   622  O O    . CYS A 1 12 ? 5.782  4.793   -0.843 1.00 0.00 ? 12 CYS A O    3  
ATOM   623  C CB   . CYS A 1 12 ? 5.767  3.459   -3.730 1.00 0.00 ? 12 CYS A CB   3  
ATOM   624  S SG   . CYS A 1 12 ? 4.479  2.989   -4.942 1.00 0.00 ? 12 CYS A SG   3  
ATOM   625  H H    . CYS A 1 12 ? 3.689  2.020   -2.018 1.00 0.00 ? 12 CYS A H    3  
ATOM   626  H HA   . CYS A 1 12 ? 6.505  2.525   -1.966 1.00 0.00 ? 12 CYS A HA   3  
ATOM   627  H HB3  . CYS A 1 12 ? 6.734  3.112   -4.093 1.00 0.00 ? 12 CYS A HB3  3  
ATOM   628  N N    . TYR A 1 1  ? -2.818 6.787   -2.493 1.00 0.00 ? 1  TYR A N    4  
ATOM   629  C CA   . TYR A 1 1  ? -1.591 6.689   -3.265 1.00 0.00 ? 1  TYR A CA   4  
ATOM   630  C C    . TYR A 1 1  ? -1.125 5.234   -3.370 1.00 0.00 ? 1  TYR A C    4  
ATOM   631  O O    . TYR A 1 1  ? -1.906 4.311   -3.147 1.00 0.00 ? 1  TYR A O    4  
ATOM   632  C CB   . TYR A 1 1  ? -0.541 7.492   -2.494 1.00 0.00 ? 1  TYR A CB   4  
ATOM   633  C CG   . TYR A 1 1  ? 0.000  8.704   -3.256 1.00 0.00 ? 1  TYR A CG   4  
ATOM   634  C CD1  . TYR A 1 1  ? 0.629  8.527   -4.472 1.00 0.00 ? 1  TYR A CD1  4  
ATOM   635  C CD2  . TYR A 1 1  ? -0.139 9.970   -2.728 1.00 0.00 ? 1  TYR A CD2  4  
ATOM   636  C CE1  . TYR A 1 1  ? 1.137  9.667   -5.191 1.00 0.00 ? 1  TYR A CE1  4  
ATOM   637  C CE2  . TYR A 1 1  ? 0.369  11.109  -3.446 1.00 0.00 ? 1  TYR A CE2  4  
ATOM   638  C CZ   . TYR A 1 1  ? 0.983  10.901  -4.642 1.00 0.00 ? 1  TYR A CZ   4  
ATOM   639  O OH   . TYR A 1 1  ? 1.464  11.978  -5.320 1.00 0.00 ? 1  TYR A OH   4  
ATOM   640  H H1   . TYR A 1 1  ? -3.335 7.633   -2.629 1.00 0.00 ? 1  TYR A H1   4  
ATOM   641  H HA   . TYR A 1 1  ? -1.790 7.072   -4.266 1.00 0.00 ? 1  TYR A HA   4  
ATOM   642  H HB3  . TYR A 1 1  ? 0.290  6.834   -2.239 1.00 0.00 ? 1  TYR A HB3  4  
ATOM   643  H HD1  . TYR A 1 1  ? 0.738  7.527   -4.890 1.00 0.00 ? 1  TYR A HD1  4  
ATOM   644  H HD2  . TYR A 1 1  ? -0.635 10.108  -1.767 1.00 0.00 ? 1  TYR A HD2  4  
ATOM   645  H HE1  . TYR A 1 1  ? 1.634  9.543   -6.153 1.00 0.00 ? 1  TYR A HE1  4  
ATOM   646  H HE2  . TYR A 1 1  ? 0.267  12.116  -3.040 1.00 0.00 ? 1  TYR A HE2  4  
ATOM   647  H HH   . TYR A 1 1  ? 0.996  12.811  -5.020 1.00 0.00 ? 1  TYR A HH   4  
ATOM   648  N N    . CYS A 1 2  ? 0.146  5.077   -3.712 1.00 0.00 ? 2  CYS A N    4  
ATOM   649  C CA   . CYS A 1 2  ? 0.724  3.751   -3.850 1.00 0.00 ? 2  CYS A CA   4  
ATOM   650  C C    . CYS A 1 2  ? 0.362  2.937   -2.608 1.00 0.00 ? 2  CYS A C    4  
ATOM   651  O O    . CYS A 1 2  ? -0.265 1.885   -2.712 1.00 0.00 ? 2  CYS A O    4  
ATOM   652  C CB   . CYS A 1 2  ? 2.237  3.816   -4.070 1.00 0.00 ? 2  CYS A CB   4  
ATOM   653  S SG   . CYS A 1 2  ? 3.119  5.013   -3.006 1.00 0.00 ? 2  CYS A SG   4  
ATOM   654  H H    . CYS A 1 2  ? 0.775  5.833   -3.894 1.00 0.00 ? 2  CYS A H    4  
ATOM   655  H HA   . CYS A 1 2  ? 0.285  3.309   -4.745 1.00 0.00 ? 2  CYS A HA   4  
ATOM   656  H HB3  . CYS A 1 2  ? 2.429  4.067   -5.115 1.00 0.00 ? 2  CYS A HB3  4  
ATOM   657  N N    . LYS A 1 3  ? 0.774  3.454   -1.460 1.00 0.00 ? 3  LYS A N    4  
ATOM   658  C CA   . LYS A 1 3  ? 0.501  2.787   -0.198 1.00 0.00 ? 3  LYS A CA   4  
ATOM   659  C C    . LYS A 1 3  ? -0.933 2.258   -0.207 1.00 0.00 ? 3  LYS A C    4  
ATOM   660  O O    . LYS A 1 3  ? -1.755 2.692   -1.012 1.00 0.00 ? 3  LYS A O    4  
ATOM   661  C CB   . LYS A 1 3  ? 0.806  3.719   0.977  1.00 0.00 ? 3  LYS A CB   4  
ATOM   662  C CG   . LYS A 1 3  ? 2.278  4.138   0.977  1.00 0.00 ? 3  LYS A CG   4  
ATOM   663  C CD   . LYS A 1 3  ? 2.952  3.777   2.303  1.00 0.00 ? 3  LYS A CD   4  
ATOM   664  C CE   . LYS A 1 3  ? 3.728  2.464   2.181  1.00 0.00 ? 3  LYS A CE   4  
ATOM   665  N NZ   . LYS A 1 3  ? 5.152  2.732   1.877  1.00 0.00 ? 3  LYS A NZ   4  
ATOM   666  H H    . LYS A 1 3  ? 1.286  4.309   -1.383 1.00 0.00 ? 3  LYS A H    4  
ATOM   667  H HA   . LYS A 1 3  ? 1.182  1.939   -0.123 1.00 0.00 ? 3  LYS A HA   4  
ATOM   668  H HB3  . LYS A 1 3  ? 0.568  3.217   1.916  1.00 0.00 ? 3  LYS A HB3  4  
ATOM   669  H HG3  . LYS A 1 3  ? 2.354  5.214   0.807  1.00 0.00 ? 3  LYS A HG3  4  
ATOM   670  H HD3  . LYS A 1 3  ? 2.198  3.686   3.084  1.00 0.00 ? 3  LYS A HD3  4  
ATOM   671  H HE3  . LYS A 1 3  ? 3.291  1.846   1.398  1.00 0.00 ? 3  LYS A HE3  4  
ATOM   672  H HZ1  . LYS A 1 3  ? 5.304  2.896   0.889  1.00 0.00 ? 3  LYS A HZ1  4  
ATOM   673  H HZ2  . LYS A 1 3  ? 5.498  3.549   2.367  1.00 0.00 ? 3  LYS A HZ2  4  
ATOM   674  N N    . PHE A 1 4  ? -1.192 1.326   0.701  1.00 0.00 ? 4  PHE A N    4  
ATOM   675  C CA   . PHE A 1 4  ? -2.514 0.732   0.808  1.00 0.00 ? 4  PHE A CA   4  
ATOM   676  C C    . PHE A 1 4  ? -2.863 -0.059  -0.453 1.00 0.00 ? 4  PHE A C    4  
ATOM   677  O O    . PHE A 1 4  ? -3.433 0.488   -1.396 1.00 0.00 ? 4  PHE A O    4  
ATOM   678  C CB   . PHE A 1 4  ? -3.510 1.883   0.966  1.00 0.00 ? 4  PHE A CB   4  
ATOM   679  C CG   . PHE A 1 4  ? -4.794 1.498   1.702  1.00 0.00 ? 4  PHE A CG   4  
ATOM   680  C CD1  . PHE A 1 4  ? -4.728 0.960   2.948  1.00 0.00 ? 4  PHE A CD1  4  
ATOM   681  C CD2  . PHE A 1 4  ? -6.002 1.693   1.109  1.00 0.00 ? 4  PHE A CD2  4  
ATOM   682  C CE1  . PHE A 1 4  ? -5.920 0.602   3.633  1.00 0.00 ? 4  PHE A CE1  4  
ATOM   683  C CE2  . PHE A 1 4  ? -7.195 1.334   1.792  1.00 0.00 ? 4  PHE A CE2  4  
ATOM   684  C CZ   . PHE A 1 4  ? -7.129 0.797   3.040  1.00 0.00 ? 4  PHE A CZ   4  
ATOM   685  H H    . PHE A 1 4  ? -0.518 0.978   1.353  1.00 0.00 ? 4  PHE A H    4  
ATOM   686  H HA   . PHE A 1 4  ? -2.497 0.058   1.664  1.00 0.00 ? 4  PHE A HA   4  
ATOM   687  H HB3  . PHE A 1 4  ? -3.770 2.264   -0.022 1.00 0.00 ? 4  PHE A HB3  4  
ATOM   688  H HD1  . PHE A 1 4  ? -3.758 0.805   3.425  1.00 0.00 ? 4  PHE A HD1  4  
ATOM   689  H HD2  . PHE A 1 4  ? -6.056 2.122   0.108  1.00 0.00 ? 4  PHE A HD2  4  
ATOM   690  H HE1  . PHE A 1 4  ? -5.868 0.172   4.633  1.00 0.00 ? 4  PHE A HE1  4  
ATOM   691  H HE2  . PHE A 1 4  ? -8.163 1.491   1.316  1.00 0.00 ? 4  PHE A HE2  4  
ATOM   692  H HZ   . PHE A 1 4  ? -8.044 0.522   3.563  1.00 0.00 ? 4  PHE A HZ   4  
ATOM   693  N N    . GLU A 1 5  ? -2.507 -1.337  -0.431 1.00 0.00 ? 5  GLU A N    4  
ATOM   694  C CA   . GLU A 1 5  ? -2.775 -2.208  -1.561 1.00 0.00 ? 5  GLU A CA   4  
ATOM   695  C C    . GLU A 1 5  ? -3.834 -3.249  -1.189 1.00 0.00 ? 5  GLU A C    4  
ATOM   696  O O    . GLU A 1 5  ? -4.124 -4.152  -1.972 1.00 0.00 ? 5  GLU A O    4  
ATOM   697  C CB   . GLU A 1 5  ? -1.493 -2.881  -2.053 1.00 0.00 ? 5  GLU A CB   4  
ATOM   698  C CG   . GLU A 1 5  ? -1.232 -4.183  -1.293 1.00 0.00 ? 5  GLU A CG   4  
ATOM   699  C CD   . GLU A 1 5  ? 0.223  -4.628  -1.453 1.00 0.00 ? 5  GLU A CD   4  
ATOM   700  O OE1  . GLU A 1 5  ? 0.924  -4.148  -2.359 1.00 0.00 ? 5  GLU A OE1  4  
ATOM   701  H H    . GLU A 1 5  ? -2.045 -1.772  0.339  1.00 0.00 ? 5  GLU A H    4  
ATOM   702  H HA   . GLU A 1 5  ? -3.161 -1.555  -2.347 1.00 0.00 ? 5  GLU A HA   4  
ATOM   703  H HB2  . GLU A 1 5  ? -1.572 -3.087  -3.120 1.00 0.00 ? 5  GLU A HB2  4  
ATOM   704  H HB3  . GLU A 1 5  ? -0.650 -2.202  -1.922 1.00 0.00 ? 5  GLU A HB3  4  
ATOM   705  H HG2  . GLU A 1 5  ? -1.460 -4.044  -0.237 1.00 0.00 ? 5  GLU A HG2  4  
ATOM   706  H HG3  . GLU A 1 5  ? -1.897 -4.963  -1.663 1.00 0.00 ? 5  GLU A HG3  4  
HETATM 707  N N    . DTR A 1 6  ? -4.379 -3.089  0.007  1.00 0.00 ? 6  DTR A N    4  
HETATM 708  C CA   . DTR A 1 6  ? -5.400 -4.004  0.494  1.00 0.00 ? 6  DTR A CA   4  
HETATM 709  C CB   . DTR A 1 6  ? -6.741 -3.272  0.454  1.00 0.00 ? 6  DTR A CB   4  
HETATM 710  C CG   . DTR A 1 6  ? -6.943 -2.404  -0.791 1.00 0.00 ? 6  DTR A CG   4  
HETATM 711  C CD1  . DTR A 1 6  ? -7.240 -1.100  -0.848 1.00 0.00 ? 6  DTR A CD1  4  
HETATM 712  N NE1  . DTR A 1 6  ? -7.343 -0.660  -2.151 1.00 0.00 ? 6  DTR A NE1  4  
HETATM 713  C CE2  . DTR A 1 6  ? -7.095 -1.751  -2.978 1.00 0.00 ? 6  DTR A CE2  4  
HETATM 714  C CZ2  . DTR A 1 6  ? -7.083 -1.822  -4.376 1.00 0.00 ? 6  DTR A CZ2  4  
HETATM 715  C CH2  . DTR A 1 6  ? -6.799 -3.073  -4.934 1.00 0.00 ? 6  DTR A CH2  4  
HETATM 716  C CZ3  . DTR A 1 6  ? -6.550 -4.157  -4.099 1.00 0.00 ? 6  DTR A CZ3  4  
HETATM 717  C CE3  . DTR A 1 6  ? -6.559 -4.104  -2.700 1.00 0.00 ? 6  DTR A CE3  4  
HETATM 718  C CD2  . DTR A 1 6  ? -6.846 -2.837  -2.164 1.00 0.00 ? 6  DTR A CD2  4  
HETATM 719  C C    . DTR A 1 6  ? -5.048 -4.379  1.936  1.00 0.00 ? 6  DTR A C    4  
HETATM 720  O O    . DTR A 1 6  ? -5.771 -4.021  2.865  1.00 0.00 ? 6  DTR A O    4  
HETATM 721  H H    . DTR A 1 6  ? -4.139 -2.351  0.638  1.00 0.00 ? 6  DTR A H    4  
HETATM 722  H HA   . DTR A 1 6  ? -5.490 -4.870  -0.161 1.00 0.00 ? 6  DTR A HA   4  
HETATM 723  H HB2  . DTR A 1 6  ? -7.546 -4.007  0.505  1.00 0.00 ? 6  DTR A HB2  4  
HETATM 724  H HB3  . DTR A 1 6  ? -6.828 -2.643  1.341  1.00 0.00 ? 6  DTR A HB3  4  
HETATM 725  H HD1  . DTR A 1 6  ? -7.382 -0.464  0.027  1.00 0.00 ? 6  DTR A HD1  4  
HETATM 726  H HE1  . DTR A 1 6  ? -7.576 0.355   -2.475 1.00 0.00 ? 6  DTR A HE1  4  
HETATM 727  H HZ2  . DTR A 1 6  ? -7.285 -0.948  -4.997 1.00 0.00 ? 6  DTR A HZ2  4  
HETATM 728  H HH2  . DTR A 1 6  ? -6.774 -3.198  -6.016 1.00 0.00 ? 6  DTR A HH2  4  
HETATM 729  H HZ3  . DTR A 1 6  ? -6.333 -5.117  -4.568 1.00 0.00 ? 6  DTR A HZ3  4  
HETATM 730  H HE3  . DTR A 1 6  ? -6.360 -4.977  -2.079 1.00 0.00 ? 6  DTR A HE3  4  
HETATM 731  N N    . IAM A 1 7  ? -3.942 -5.094  2.075  1.00 0.00 ? 7  IAM A N    4  
HETATM 732  C CA   . IAM A 1 7  ? -3.488 -5.520  3.387  1.00 0.00 ? 7  IAM A CA   4  
HETATM 733  C CB   . IAM A 1 7  ? -2.164 -6.259  3.184  1.00 0.00 ? 7  IAM A CB   4  
HETATM 734  C CG   . IAM A 1 7  ? -1.264 -6.275  4.420  1.00 0.00 ? 7  IAM A CG   4  
HETATM 735  C CD1  . IAM A 1 7  ? -1.423 -7.239  5.366  1.00 0.00 ? 7  IAM A CD1  4  
HETATM 736  C CE1  . IAM A 1 7  ? -0.587 -7.255  6.515  1.00 0.00 ? 7  IAM A CE1  4  
HETATM 737  C CZ   . IAM A 1 7  ? 0.373  -6.304  6.667  1.00 0.00 ? 7  IAM A CZ   4  
HETATM 738  C CE2  . IAM A 1 7  ? 0.533  -5.339  5.724  1.00 0.00 ? 7  IAM A CE2  4  
HETATM 739  C CD2  . IAM A 1 7  ? -0.303 -5.325  4.574  1.00 0.00 ? 7  IAM A CD2  4  
HETATM 740  C CT   . IAM A 1 7  ? 1.279  -6.320  7.912  1.00 0.00 ? 7  IAM A CT   4  
HETATM 741  N NH   . IAM A 1 7  ? 2.612  -6.840  7.538  1.00 0.00 ? 7  IAM A NH   4  
HETATM 742  C CI   . IAM A 1 7  ? 3.630  -5.928  6.973  1.00 0.00 ? 7  IAM A CI   4  
HETATM 743  C CK1  . IAM A 1 7  ? 4.813  -6.753  6.429  1.00 0.00 ? 7  IAM A CK1  4  
HETATM 744  C CK2  . IAM A 1 7  ? 4.135  -4.956  8.052  1.00 0.00 ? 7  IAM A CK2  4  
HETATM 745  C C    . IAM A 1 7  ? -3.251 -4.316  4.304  1.00 0.00 ? 7  IAM A C    4  
HETATM 746  O O    . IAM A 1 7  ? -3.934 -4.160  5.315  1.00 0.00 ? 7  IAM A O    4  
HETATM 747  H H    . IAM A 1 7  ? -3.361 -5.380  1.312  1.00 0.00 ? 7  IAM A H    4  
HETATM 748  H HA   . IAM A 1 7  ? -4.269 -6.149  3.811  1.00 0.00 ? 7  IAM A HA   4  
HETATM 749  H HB   . IAM A 1 7  ? -2.375 -7.286  2.888  1.00 0.00 ? 7  IAM A HB   4  
HETATM 750  H HB1  . IAM A 1 7  ? -1.622 -5.794  2.360  1.00 0.00 ? 7  IAM A HB1  4  
HETATM 751  H HD1  . IAM A 1 7  ? -2.195 -7.999  5.243  1.00 0.00 ? 7  IAM A HD1  4  
HETATM 752  H HE1  . IAM A 1 7  ? -0.717 -8.027  7.272  1.00 0.00 ? 7  IAM A HE1  4  
HETATM 753  H HE2  . IAM A 1 7  ? 1.304  -4.577  5.846  1.00 0.00 ? 7  IAM A HE2  4  
HETATM 754  H HD2  . IAM A 1 7  ? -0.175 -4.552  3.818  1.00 0.00 ? 7  IAM A HD2  4  
HETATM 755  H HT1  . IAM A 1 7  ? 0.845  -6.952  8.661  1.00 0.00 ? 7  IAM A HT1  4  
HETATM 756  H HT2  . IAM A 1 7  ? 1.381  -5.325  8.295  1.00 0.00 ? 7  IAM A HT2  4  
HETATM 757  H HH   . IAM A 1 7  ? 2.833  -7.838  7.676  1.00 0.00 ? 7  IAM A HH   4  
HETATM 758  H HI   . IAM A 1 7  ? 3.195  -5.362  6.175  1.00 0.00 ? 7  IAM A HI   4  
HETATM 759  H HK11 . IAM A 1 7  ? 5.257  -7.307  7.229  1.00 0.00 ? 7  IAM A HK11 4  
HETATM 760  H HK12 . IAM A 1 7  ? 4.460  -7.429  5.678  1.00 0.00 ? 7  IAM A HK12 4  
HETATM 761  H HK13 . IAM A 1 7  ? 5.540  -6.095  6.004  1.00 0.00 ? 7  IAM A HK13 4  
HETATM 762  H HK21 . IAM A 1 7  ? 5.126  -4.638  7.810  1.00 0.00 ? 7  IAM A HK21 4  
HETATM 763  H HK22 . IAM A 1 7  ? 3.490  -4.103  8.095  1.00 0.00 ? 7  IAM A HK22 4  
HETATM 764  H HK23 . IAM A 1 7  ? 4.139  -5.448  9.003  1.00 0.00 ? 7  IAM A HK23 4  
ATOM   765  N N    . THR A 1 8  ? -2.284 -3.499  3.916  1.00 0.00 ? 8  THR A N    4  
ATOM   766  C CA   . THR A 1 8  ? -1.949 -2.317  4.690  1.00 0.00 ? 8  THR A CA   4  
ATOM   767  C C    . THR A 1 8  ? -0.884 -1.491  3.966  1.00 0.00 ? 8  THR A C    4  
ATOM   768  O O    . THR A 1 8  ? -0.444 -1.854  2.877  1.00 0.00 ? 8  THR A O    4  
ATOM   769  C CB   . THR A 1 8  ? -1.521 -2.770  6.087  1.00 0.00 ? 8  THR A CB   4  
ATOM   770  O OG1  . THR A 1 8  ? -2.228 -1.900  6.967  1.00 0.00 ? 8  THR A OG1  4  
ATOM   771  C CG2  . THR A 1 8  ? -0.047 -2.474  6.373  1.00 0.00 ? 8  THR A CG2  4  
ATOM   772  H H    . THR A 1 8  ? -1.733 -3.634  3.091  1.00 0.00 ? 8  THR A H    4  
ATOM   773  H HA   . THR A 1 8  ? -2.839 -1.692  4.767  1.00 0.00 ? 8  THR A HA   4  
ATOM   774  H HB   . THR A 1 8  ? -1.742 -3.827  6.237  1.00 0.00 ? 8  THR A HB   4  
ATOM   775  H HG1  . THR A 1 8  ? -1.846 -0.977  6.913  1.00 0.00 ? 8  THR A HG1  4  
ATOM   776  H HG21 . THR A 1 8  ? 0.073  -1.412  6.588  1.00 0.00 ? 8  THR A HG21 4  
ATOM   777  H HG22 . THR A 1 8  ? 0.280  -3.059  7.233  1.00 0.00 ? 8  THR A HG22 4  
ATOM   778  H HG23 . THR A 1 8  ? 0.553  -2.740  5.504  1.00 0.00 ? 8  THR A HG23 4  
ATOM   779  N N    . PHE A 1 9  ? -0.499 -0.392  4.603  1.00 0.00 ? 9  PHE A N    4  
ATOM   780  C CA   . PHE A 1 9  ? 0.508  0.489   4.034  1.00 0.00 ? 9  PHE A CA   4  
ATOM   781  C C    . PHE A 1 9  ? 1.692  -0.312  3.490  1.00 0.00 ? 9  PHE A C    4  
ATOM   782  O O    . PHE A 1 9  ? 2.585  -0.697  4.242  1.00 0.00 ? 9  PHE A O    4  
ATOM   783  C CB   . PHE A 1 9  ? 0.994  1.397   5.163  1.00 0.00 ? 9  PHE A CB   4  
ATOM   784  C CG   . PHE A 1 9  ? -0.128 2.080   5.945  1.00 0.00 ? 9  PHE A CG   4  
ATOM   785  C CD1  . PHE A 1 9  ? -0.711 3.207   5.455  1.00 0.00 ? 9  PHE A CD1  4  
ATOM   786  C CD2  . PHE A 1 9  ? -0.548 1.557   7.128  1.00 0.00 ? 9  PHE A CD2  4  
ATOM   787  C CE1  . PHE A 1 9  ? -1.754 3.840   6.180  1.00 0.00 ? 9  PHE A CE1  4  
ATOM   788  C CE2  . PHE A 1 9  ? -1.592 2.189   7.855  1.00 0.00 ? 9  PHE A CE2  4  
ATOM   789  C CZ   . PHE A 1 9  ? -2.174 3.317   7.365  1.00 0.00 ? 9  PHE A CZ   4  
ATOM   790  H H    . PHE A 1 9  ? -0.861 -0.103  5.488  1.00 0.00 ? 9  PHE A H    4  
ATOM   791  H HA   . PHE A 1 9  ? 0.034  1.035   3.218  1.00 0.00 ? 9  PHE A HA   4  
ATOM   792  H HB3  . PHE A 1 9  ? 1.648  2.163   4.743  1.00 0.00 ? 9  PHE A HB3  4  
ATOM   793  H HD1  . PHE A 1 9  ? -0.375 3.625   4.506  1.00 0.00 ? 9  PHE A HD1  4  
ATOM   794  H HD2  . PHE A 1 9  ? -0.081 0.653   7.520  1.00 0.00 ? 9  PHE A HD2  4  
ATOM   795  H HE1  . PHE A 1 9  ? -2.221 4.744   5.788  1.00 0.00 ? 9  PHE A HE1  4  
ATOM   796  H HE2  . PHE A 1 9  ? -1.927 1.773   8.804  1.00 0.00 ? 9  PHE A HE2  4  
ATOM   797  H HZ   . PHE A 1 9  ? -2.974 3.804   7.921  1.00 0.00 ? 9  PHE A HZ   4  
ATOM   798  N N    . LYS A 1 10 ? 1.663  -0.538  2.183  1.00 0.00 ? 10 LYS A N    4  
ATOM   799  C CA   . LYS A 1 10 ? 2.723  -1.285  1.532  1.00 0.00 ? 10 LYS A CA   4  
ATOM   800  C C    . LYS A 1 10 ? 2.680  -1.012  0.025  1.00 0.00 ? 10 LYS A C    4  
ATOM   801  O O    . LYS A 1 10 ? 1.844  -1.568  -0.684 1.00 0.00 ? 10 LYS A O    4  
ATOM   802  C CB   . LYS A 1 10 ? 2.634  -2.770  1.890  1.00 0.00 ? 10 LYS A CB   4  
ATOM   803  C CG   . LYS A 1 10 ? 1.528  -3.462  1.087  1.00 0.00 ? 10 LYS A CG   4  
ATOM   804  C CD   . LYS A 1 10 ? 1.139  -4.795  1.729  1.00 0.00 ? 10 LYS A CD   4  
ATOM   805  C CE   . LYS A 1 10 ? 1.608  -5.973  0.874  1.00 0.00 ? 10 LYS A CE   4  
ATOM   806  N NZ   . LYS A 1 10 ? 0.662  -6.216  -0.238 1.00 0.00 ? 10 LYS A NZ   4  
ATOM   807  H H    . LYS A 1 10 ? 0.933  -0.221  1.577  1.00 0.00 ? 10 LYS A H    4  
ATOM   808  H HA   . LYS A 1 10 ? 3.671  -0.916  1.922  1.00 0.00 ? 10 LYS A HA   4  
ATOM   809  H HB2  . LYS A 1 10 ? 3.589  -3.255  1.691  1.00 0.00 ? 10 LYS A HB2  4  
ATOM   810  H HB3  . LYS A 1 10 ? 2.435  -2.879  2.955  1.00 0.00 ? 10 LYS A HB3  4  
ATOM   811  H HG2  . LYS A 1 10 ? 0.655  -2.813  1.029  1.00 0.00 ? 10 LYS A HG2  4  
ATOM   812  H HG3  . LYS A 1 10 ? 1.868  -3.631  0.066  1.00 0.00 ? 10 LYS A HG3  4  
ATOM   813  H HD2  . LYS A 1 10 ? 1.576  -4.864  2.726  1.00 0.00 ? 10 LYS A HD2  4  
ATOM   814  H HD3  . LYS A 1 10 ? 0.057  -4.841  1.854  1.00 0.00 ? 10 LYS A HD3  4  
ATOM   815  H HE2  . LYS A 1 10 ? 2.603  -5.768  0.476  1.00 0.00 ? 10 LYS A HE2  4  
ATOM   816  H HE3  . LYS A 1 10 ? 1.691  -6.867  1.492  1.00 0.00 ? 10 LYS A HE3  4  
ATOM   817  H HZ1  . LYS A 1 10 ? -0.188 -6.666  0.079  1.00 0.00 ? 10 LYS A HZ1  4  
ATOM   818  N N    . SER A 1 11 ? 3.592  -0.159  -0.415 1.00 0.00 ? 11 SER A N    4  
ATOM   819  C CA   . SER A 1 11 ? 3.667  0.195   -1.822 1.00 0.00 ? 11 SER A CA   4  
ATOM   820  C C    . SER A 1 11 ? 4.898  1.067   -2.077 1.00 0.00 ? 11 SER A C    4  
ATOM   821  O O    . SER A 1 11 ? 5.658  1.358   -1.156 1.00 0.00 ? 11 SER A O    4  
ATOM   822  C CB   . SER A 1 11 ? 2.399  0.917   -2.279 1.00 0.00 ? 11 SER A CB   4  
ATOM   823  O OG   . SER A 1 11 ? 2.129  0.703   -3.663 1.00 0.00 ? 11 SER A OG   4  
ATOM   824  H H    . SER A 1 11 ? 4.267  0.289   0.169  1.00 0.00 ? 11 SER A H    4  
ATOM   825  H HA   . SER A 1 11 ? 3.755  -0.754  -2.355 1.00 0.00 ? 11 SER A HA   4  
ATOM   826  H HB3  . SER A 1 11 ? 2.505  1.987   -2.094 1.00 0.00 ? 11 SER A HB3  4  
ATOM   827  H HG   . SER A 1 11 ? 2.318  -0.251  -3.901 1.00 0.00 ? 11 SER A HG   4  
ATOM   828  N N    . CYS A 1 12 ? 5.054  1.462   -3.331 1.00 0.00 ? 12 CYS A N    4  
ATOM   829  C CA   . CYS A 1 12 ? 6.179  2.297   -3.720 1.00 0.00 ? 12 CYS A CA   4  
ATOM   830  C C    . CYS A 1 12 ? 7.436  1.758   -3.033 1.00 0.00 ? 12 CYS A C    4  
ATOM   831  O O    . CYS A 1 12 ? 8.544  1.922   -3.544 1.00 0.00 ? 12 CYS A O    4  
ATOM   832  C CB   . CYS A 1 12 ? 5.934  3.771   -3.385 1.00 0.00 ? 12 CYS A CB   4  
ATOM   833  S SG   . CYS A 1 12 ? 4.640  4.063   -2.124 1.00 0.00 ? 12 CYS A SG   4  
ATOM   834  H H    . CYS A 1 12 ? 4.431  1.221   -4.077 1.00 0.00 ? 12 CYS A H    4  
ATOM   835  H HA   . CYS A 1 12 ? 6.266  2.221   -4.804 1.00 0.00 ? 12 CYS A HA   4  
ATOM   836  H HB3  . CYS A 1 12 ? 5.655  4.294   -4.300 1.00 0.00 ? 12 CYS A HB3  4  
ATOM   837  N N    . TYR A 1 1  ? 5.475  3.833   -5.974 1.00 0.00 ? 1  TYR A N    5  
ATOM   838  C CA   . TYR A 1 1  ? 5.284  4.424   -4.662 1.00 0.00 ? 1  TYR A CA   5  
ATOM   839  C C    . TYR A 1 1  ? 3.822  4.820   -4.446 1.00 0.00 ? 1  TYR A C    5  
ATOM   840  O O    . TYR A 1 1  ? 3.330  5.757   -5.074 1.00 0.00 ? 1  TYR A O    5  
ATOM   841  C CB   . TYR A 1 1  ? 6.150  5.683   -4.635 1.00 0.00 ? 1  TYR A CB   5  
ATOM   842  C CG   . TYR A 1 1  ? 7.245  5.662   -3.566 1.00 0.00 ? 1  TYR A CG   5  
ATOM   843  C CD1  . TYR A 1 1  ? 8.422  4.979   -3.796 1.00 0.00 ? 1  TYR A CD1  5  
ATOM   844  C CD2  . TYR A 1 1  ? 7.056  6.327   -2.370 1.00 0.00 ? 1  TYR A CD2  5  
ATOM   845  C CE1  . TYR A 1 1  ? 9.453  4.959   -2.789 1.00 0.00 ? 1  TYR A CE1  5  
ATOM   846  C CE2  . TYR A 1 1  ? 8.086  6.308   -1.366 1.00 0.00 ? 1  TYR A CE2  5  
ATOM   847  C CZ   . TYR A 1 1  ? 9.233  5.625   -1.624 1.00 0.00 ? 1  TYR A CZ   5  
ATOM   848  O OH   . TYR A 1 1  ? 10.206 5.606   -0.673 1.00 0.00 ? 1  TYR A OH   5  
ATOM   849  H H1   . TYR A 1 1  ? 6.315  3.299   -6.080 1.00 0.00 ? 1  TYR A H1   5  
ATOM   850  H HA   . TYR A 1 1  ? 5.563  3.680   -3.916 1.00 0.00 ? 1  TYR A HA   5  
ATOM   851  H HB3  . TYR A 1 1  ? 5.511  6.550   -4.467 1.00 0.00 ? 1  TYR A HB3  5  
ATOM   852  H HD1  . TYR A 1 1  ? 8.571  4.454   -4.739 1.00 0.00 ? 1  TYR A HD1  5  
ATOM   853  H HD2  . TYR A 1 1  ? 6.126  6.868   -2.189 1.00 0.00 ? 1  TYR A HD2  5  
ATOM   854  H HE1  . TYR A 1 1  ? 10.385 4.423   -2.959 1.00 0.00 ? 1  TYR A HE1  5  
ATOM   855  H HE2  . TYR A 1 1  ? 7.949  6.829   -0.418 1.00 0.00 ? 1  TYR A HE2  5  
ATOM   856  H HH   . TYR A 1 1  ? 10.523 4.670   -0.525 1.00 0.00 ? 1  TYR A HH   5  
ATOM   857  N N    . CYS A 1 2  ? 3.165  4.085   -3.560 1.00 0.00 ? 2  CYS A N    5  
ATOM   858  C CA   . CYS A 1 2  ? 1.770  4.349   -3.256 1.00 0.00 ? 2  CYS A CA   5  
ATOM   859  C C    . CYS A 1 2  ? 1.313  3.349   -2.193 1.00 0.00 ? 2  CYS A C    5  
ATOM   860  O O    . CYS A 1 2  ? 1.454  2.139   -2.372 1.00 0.00 ? 2  CYS A O    5  
ATOM   861  C CB   . CYS A 1 2  ? 0.896  4.288   -4.512 1.00 0.00 ? 2  CYS A CB   5  
ATOM   862  S SG   . CYS A 1 2  ? 1.625  3.361   -5.909 1.00 0.00 ? 2  CYS A SG   5  
ATOM   863  H H    . CYS A 1 2  ? 3.572  3.325   -3.055 1.00 0.00 ? 2  CYS A H    5  
ATOM   864  H HA   . CYS A 1 2  ? 1.720  5.368   -2.874 1.00 0.00 ? 2  CYS A HA   5  
ATOM   865  H HB3  . CYS A 1 2  ? 0.685  5.305   -4.838 1.00 0.00 ? 2  CYS A HB3  5  
ATOM   866  N N    . LYS A 1 3  ? 0.774  3.889   -1.111 1.00 0.00 ? 3  LYS A N    5  
ATOM   867  C CA   . LYS A 1 3  ? 0.296  3.057   -0.018 1.00 0.00 ? 3  LYS A CA   5  
ATOM   868  C C    . LYS A 1 3  ? -1.083 2.498   -0.374 1.00 0.00 ? 3  LYS A C    5  
ATOM   869  O O    . LYS A 1 3  ? -1.539 2.639   -1.509 1.00 0.00 ? 3  LYS A O    5  
ATOM   870  C CB   . LYS A 1 3  ? 0.321  3.836   1.300  1.00 0.00 ? 3  LYS A CB   5  
ATOM   871  C CG   . LYS A 1 3  ? 1.729  4.354   1.603  1.00 0.00 ? 3  LYS A CG   5  
ATOM   872  C CD   . LYS A 1 3  ? 2.687  3.195   1.889  1.00 0.00 ? 3  LYS A CD   5  
ATOM   873  C CE   . LYS A 1 3  ? 3.926  3.683   2.643  1.00 0.00 ? 3  LYS A CE   5  
ATOM   874  N NZ   . LYS A 1 3  ? 4.902  4.282   1.706  1.00 0.00 ? 3  LYS A NZ   5  
ATOM   875  H H    . LYS A 1 3  ? 0.662  4.873   -0.972 1.00 0.00 ? 3  LYS A H    5  
ATOM   876  H HA   . LYS A 1 3  ? 0.989  2.224   0.087  1.00 0.00 ? 3  LYS A HA   5  
ATOM   877  H HB3  . LYS A 1 3  ? -0.018 3.194   2.112  1.00 0.00 ? 3  LYS A HB3  5  
ATOM   878  H HG3  . LYS A 1 3  ? 1.696  5.023   2.462  1.00 0.00 ? 3  LYS A HG3  5  
ATOM   879  H HD3  . LYS A 1 3  ? 2.990  2.730   0.951  1.00 0.00 ? 3  LYS A HD3  5  
ATOM   880  H HE3  . LYS A 1 3  ? 4.387  2.850   3.174  1.00 0.00 ? 3  LYS A HE3  5  
ATOM   881  H HZ1  . LYS A 1 3  ? 4.807  5.291   1.653  1.00 0.00 ? 3  LYS A HZ1  5  
ATOM   882  H HZ2  . LYS A 1 3  ? 5.860  4.090   1.980  1.00 0.00 ? 3  LYS A HZ2  5  
ATOM   883  N N    . PHE A 1 4  ? -1.708 1.875   0.613  1.00 0.00 ? 4  PHE A N    5  
ATOM   884  C CA   . PHE A 1 4  ? -3.025 1.295   0.418  1.00 0.00 ? 4  PHE A CA   5  
ATOM   885  C C    . PHE A 1 4  ? -3.029 0.330   -0.769 1.00 0.00 ? 4  PHE A C    5  
ATOM   886  O O    . PHE A 1 4  ? -3.411 0.703   -1.877 1.00 0.00 ? 4  PHE A O    5  
ATOM   887  C CB   . PHE A 1 4  ? -3.985 2.450   0.123  1.00 0.00 ? 4  PHE A CB   5  
ATOM   888  C CG   . PHE A 1 4  ? -4.530 3.140   1.375  1.00 0.00 ? 4  PHE A CG   5  
ATOM   889  C CD1  . PHE A 1 4  ? -5.073 2.401   2.378  1.00 0.00 ? 4  PHE A CD1  5  
ATOM   890  C CD2  . PHE A 1 4  ? -4.471 4.494   1.485  1.00 0.00 ? 4  PHE A CD2  5  
ATOM   891  C CE1  . PHE A 1 4  ? -5.580 3.041   3.540  1.00 0.00 ? 4  PHE A CE1  5  
ATOM   892  C CE2  . PHE A 1 4  ? -4.976 5.136   2.647  1.00 0.00 ? 4  PHE A CE2  5  
ATOM   893  C CZ   . PHE A 1 4  ? -5.519 4.396   3.649  1.00 0.00 ? 4  PHE A CZ   5  
ATOM   894  H H    . PHE A 1 4  ? -1.330 1.766   1.532  1.00 0.00 ? 4  PHE A H    5  
ATOM   895  H HA   . PHE A 1 4  ? -3.276 0.749   1.328  1.00 0.00 ? 4  PHE A HA   5  
ATOM   896  H HB3  . PHE A 1 4  ? -4.821 2.072   -0.465 1.00 0.00 ? 4  PHE A HB3  5  
ATOM   897  H HD1  . PHE A 1 4  ? -5.121 1.315   2.290  1.00 0.00 ? 4  PHE A HD1  5  
ATOM   898  H HD2  . PHE A 1 4  ? -4.035 5.089   0.681  1.00 0.00 ? 4  PHE A HD2  5  
ATOM   899  H HE1  . PHE A 1 4  ? -6.015 2.448   4.344  1.00 0.00 ? 4  PHE A HE1  5  
ATOM   900  H HE2  . PHE A 1 4  ? -4.929 6.221   2.733  1.00 0.00 ? 4  PHE A HE2  5  
ATOM   901  H HZ   . PHE A 1 4  ? -5.907 4.887   4.540  1.00 0.00 ? 4  PHE A HZ   5  
ATOM   902  N N    . GLU A 1 5  ? -2.597 -0.894  -0.498 1.00 0.00 ? 5  GLU A N    5  
ATOM   903  C CA   . GLU A 1 5  ? -2.545 -1.915  -1.530 1.00 0.00 ? 5  GLU A CA   5  
ATOM   904  C C    . GLU A 1 5  ? -3.643 -2.956  -1.302 1.00 0.00 ? 5  GLU A C    5  
ATOM   905  O O    . GLU A 1 5  ? -3.949 -3.744  -2.194 1.00 0.00 ? 5  GLU A O    5  
ATOM   906  C CB   . GLU A 1 5  ? -1.166 -2.574  -1.579 1.00 0.00 ? 5  GLU A CB   5  
ATOM   907  C CG   . GLU A 1 5  ? -0.061 -1.559  -1.283 1.00 0.00 ? 5  GLU A CG   5  
ATOM   908  C CD   . GLU A 1 5  ? 1.309  -2.102  -1.695 1.00 0.00 ? 5  GLU A CD   5  
ATOM   909  O OE1  . GLU A 1 5  ? 1.461  -2.616  -2.815 1.00 0.00 ? 5  GLU A OE1  5  
ATOM   910  H H    . GLU A 1 5  ? -2.288 -1.190  0.407  1.00 0.00 ? 5  GLU A H    5  
ATOM   911  H HA   . GLU A 1 5  ? -2.724 -1.389  -2.468 1.00 0.00 ? 5  GLU A HA   5  
ATOM   912  H HB2  . GLU A 1 5  ? -1.120 -3.387  -0.854 1.00 0.00 ? 5  GLU A HB2  5  
ATOM   913  H HB3  . GLU A 1 5  ? -1.004 -3.015  -2.563 1.00 0.00 ? 5  GLU A HB3  5  
ATOM   914  H HG2  . GLU A 1 5  ? -0.263 -0.630  -1.816 1.00 0.00 ? 5  GLU A HG2  5  
ATOM   915  H HG3  . GLU A 1 5  ? -0.057 -1.322  -0.219 1.00 0.00 ? 5  GLU A HG3  5  
HETATM 916  N N    . DTR A 1 6  ? -4.203 -2.924  -0.104 1.00 0.00 ? 6  DTR A N    5  
HETATM 917  C CA   . DTR A 1 6  ? -5.262 -3.856  0.253  1.00 0.00 ? 6  DTR A CA   5  
HETATM 918  C CB   . DTR A 1 6  ? -6.521 -3.041  0.556  1.00 0.00 ? 6  DTR A CB   5  
HETATM 919  C CG   . DTR A 1 6  ? -6.529 -1.649  -0.083 1.00 0.00 ? 6  DTR A CG   5  
HETATM 920  C CD1  . DTR A 1 6  ? -6.649 -0.463  0.527  1.00 0.00 ? 6  DTR A CD1  5  
HETATM 921  N NE1  . DTR A 1 6  ? -6.616 0.578   -0.377 1.00 0.00 ? 6  DTR A NE1  5  
HETATM 922  C CE2  . DTR A 1 6  ? -6.462 0.022   -1.643 1.00 0.00 ? 6  DTR A CE2  5  
HETATM 923  C CZ2  . DTR A 1 6  ? -6.373 0.658   -2.888 1.00 0.00 ? 6  DTR A CZ2  5  
HETATM 924  C CH2  . DTR A 1 6  ? -6.221 -0.175  -4.003 1.00 0.00 ? 6  DTR A CH2  5  
HETATM 925  C CZ3  . DTR A 1 6  ? -6.167 -1.553  -3.829 1.00 0.00 ? 6  DTR A CZ3  5  
HETATM 926  C CE3  . DTR A 1 6  ? -6.253 -2.205  -2.593 1.00 0.00 ? 6  DTR A CE3  5  
HETATM 927  C CD2  . DTR A 1 6  ? -6.407 -1.349  -1.489 1.00 0.00 ? 6  DTR A CD2  5  
HETATM 928  C C    . DTR A 1 6  ? -4.819 -4.619  1.503  1.00 0.00 ? 6  DTR A C    5  
HETATM 929  O O    . DTR A 1 6  ? -5.616 -4.841  2.414  1.00 0.00 ? 6  DTR A O    5  
HETATM 930  H H    . DTR A 1 6  ? -3.949 -2.280  0.617  1.00 0.00 ? 6  DTR A H    5  
HETATM 931  H HA   . DTR A 1 6  ? -5.501 -4.512  -0.583 1.00 0.00 ? 6  DTR A HA   5  
HETATM 932  H HB2  . DTR A 1 6  ? -7.391 -3.595  0.207  1.00 0.00 ? 6  DTR A HB2  5  
HETATM 933  H HB3  . DTR A 1 6  ? -6.621 -2.933  1.636  1.00 0.00 ? 6  DTR A HB3  5  
HETATM 934  H HD1  . DTR A 1 6  ? -6.763 -0.335  1.604  1.00 0.00 ? 6  DTR A HD1  5  
HETATM 935  H HE1  . DTR A 1 6  ? -6.692 1.639   -0.144 1.00 0.00 ? 6  DTR A HE1  5  
HETATM 936  H HZ2  . DTR A 1 6  ? -6.421 1.742   -2.983 1.00 0.00 ? 6  DTR A HZ2  5  
HETATM 937  H HH2  . DTR A 1 6  ? -6.145 0.254   -5.001 1.00 0.00 ? 6  DTR A HH2  5  
HETATM 938  H HZ3  . DTR A 1 6  ? -6.048 -2.172  -4.719 1.00 0.00 ? 6  DTR A HZ3  5  
HETATM 939  H HE3  . DTR A 1 6  ? -6.209 -3.289  -2.497 1.00 0.00 ? 6  DTR A HE3  5  
HETATM 940  N N    . IAM A 1 7  ? -3.548 -4.996  1.509  1.00 0.00 ? 7  IAM A N    5  
HETATM 941  C CA   . IAM A 1 7  ? -2.991 -5.729  2.633  1.00 0.00 ? 7  IAM A CA   5  
HETATM 942  C CB   . IAM A 1 7  ? -1.676 -6.349  2.153  1.00 0.00 ? 7  IAM A CB   5  
HETATM 943  C CG   . IAM A 1 7  ? -0.756 -6.807  3.285  1.00 0.00 ? 7  IAM A CG   5  
HETATM 944  C CD1  . IAM A 1 7  ? -0.831 -8.082  3.749  1.00 0.00 ? 7  IAM A CD1  5  
HETATM 945  C CE1  . IAM A 1 7  ? 0.025  -8.509  4.800  1.00 0.00 ? 7  IAM A CE1  5  
HETATM 946  C CZ   . IAM A 1 7  ? 0.917  -7.638  5.344  1.00 0.00 ? 7  IAM A CZ   5  
HETATM 947  C CE2  . IAM A 1 7  ? 0.992  -6.363  4.881  1.00 0.00 ? 7  IAM A CE2  5  
HETATM 948  C CD2  . IAM A 1 7  ? 0.137  -5.937  3.828  1.00 0.00 ? 7  IAM A CD2  5  
HETATM 949  C CT   . IAM A 1 7  ? 1.846  -8.099  6.481  1.00 0.00 ? 7  IAM A CT   5  
HETATM 950  N NH   . IAM A 1 7  ? 3.239  -7.721  6.163  1.00 0.00 ? 7  IAM A NH   5  
HETATM 951  C CI   . IAM A 1 7  ? 3.722  -7.787  4.767  1.00 0.00 ? 7  IAM A CI   5  
HETATM 952  C CK1  . IAM A 1 7  ? 3.731  -9.254  4.294  1.00 0.00 ? 7  IAM A CK1  5  
HETATM 953  C CK2  . IAM A 1 7  ? 5.143  -7.206  4.666  1.00 0.00 ? 7  IAM A CK2  5  
HETATM 954  C C    . IAM A 1 7  ? -2.702 -4.794  3.807  1.00 0.00 ? 7  IAM A C    5  
HETATM 955  O O    . IAM A 1 7  ? -3.171 -5.025  4.921  1.00 0.00 ? 7  IAM A O    5  
HETATM 956  H H    . IAM A 1 7  ? -2.908 -4.811  0.764  1.00 0.00 ? 7  IAM A H    5  
HETATM 957  H HA   . IAM A 1 7  ? -3.730 -6.471  2.935  1.00 0.00 ? 7  IAM A HA   5  
HETATM 958  H HB   . IAM A 1 7  ? -1.902 -7.203  1.515  1.00 0.00 ? 7  IAM A HB   5  
HETATM 959  H HB1  . IAM A 1 7  ? -1.146 -5.624  1.539  1.00 0.00 ? 7  IAM A HB1  5  
HETATM 960  H HD1  . IAM A 1 7  ? -1.546 -8.780  3.314  1.00 0.00 ? 7  IAM A HD1  5  
HETATM 961  H HE1  . IAM A 1 7  ? -0.034 -9.532  5.170  1.00 0.00 ? 7  IAM A HE1  5  
HETATM 962  H HE2  . IAM A 1 7  ? 1.709  -5.666  5.316  1.00 0.00 ? 7  IAM A HE2  5  
HETATM 963  H HD2  . IAM A 1 7  ? 0.196  -4.915  3.459  1.00 0.00 ? 7  IAM A HD2  5  
HETATM 964  H HT1  . IAM A 1 7  ? 1.778  -9.163  6.589  1.00 0.00 ? 7  IAM A HT1  5  
HETATM 965  H HT2  . IAM A 1 7  ? 1.550  -7.629  7.399  1.00 0.00 ? 7  IAM A HT2  5  
HETATM 966  H HH   . IAM A 1 7  ? 3.874  -7.410  6.912  1.00 0.00 ? 7  IAM A HH   5  
HETATM 967  H HI   . IAM A 1 7  ? 3.071  -7.217  4.136  1.00 0.00 ? 7  IAM A HI   5  
HETATM 968  H HK11 . IAM A 1 7  ? 4.395  -9.823  4.915  1.00 0.00 ? 7  IAM A HK11 5  
HETATM 969  H HK12 . IAM A 1 7  ? 2.742  -9.658  4.365  1.00 0.00 ? 7  IAM A HK12 5  
HETATM 970  H HK13 . IAM A 1 7  ? 4.066  -9.300  3.278  1.00 0.00 ? 7  IAM A HK13 5  
HETATM 971  H HK21 . IAM A 1 7  ? 5.229  -6.626  3.770  1.00 0.00 ? 7  IAM A HK21 5  
HETATM 972  H HK22 . IAM A 1 7  ? 5.335  -6.581  5.512  1.00 0.00 ? 7  IAM A HK22 5  
HETATM 973  H HK23 . IAM A 1 7  ? 5.856  -8.003  4.645  1.00 0.00 ? 7  IAM A HK23 5  
ATOM   974  N N    . THR A 1 8  ? -1.930 -3.757  3.519  1.00 0.00 ? 8  THR A N    5  
ATOM   975  C CA   . THR A 1 8  ? -1.572 -2.785  4.539  1.00 0.00 ? 8  THR A CA   5  
ATOM   976  C C    . THR A 1 8  ? -0.796 -1.620  3.917  1.00 0.00 ? 8  THR A C    5  
ATOM   977  O O    . THR A 1 8  ? -0.580 -1.591  2.707  1.00 0.00 ? 8  THR A O    5  
ATOM   978  C CB   . THR A 1 8  ? -0.795 -3.514  5.636  1.00 0.00 ? 8  THR A CB   5  
ATOM   979  O OG1  . THR A 1 8  ? -1.395 -3.063  6.845  1.00 0.00 ? 8  THR A OG1  5  
ATOM   980  C CG2  . THR A 1 8  ? 0.656  -3.039  5.741  1.00 0.00 ? 8  THR A CG2  5  
ATOM   981  H H    . THR A 1 8  ? -1.552 -3.576  2.611  1.00 0.00 ? 8  THR A H    5  
ATOM   982  H HA   . THR A 1 8  ? -2.490 -2.370  4.956  1.00 0.00 ? 8  THR A HA   5  
ATOM   983  H HB   . THR A 1 8  ? -0.841 -4.594  5.493  1.00 0.00 ? 8  THR A HB   5  
ATOM   984  H HG1  . THR A 1 8  ? -1.175 -2.098  6.999  1.00 0.00 ? 8  THR A HG1  5  
ATOM   985  H HG21 . THR A 1 8  ? 1.064  -2.894  4.739  1.00 0.00 ? 8  THR A HG21 5  
ATOM   986  H HG22 . THR A 1 8  ? 0.691  -2.098  6.288  1.00 0.00 ? 8  THR A HG22 5  
ATOM   987  H HG23 . THR A 1 8  ? 1.248  -3.788  6.268  1.00 0.00 ? 8  THR A HG23 5  
ATOM   988  N N    . PHE A 1 9  ? -0.401 -0.690  4.773  1.00 0.00 ? 9  PHE A N    5  
ATOM   989  C CA   . PHE A 1 9  ? 0.345  0.473   4.324  1.00 0.00 ? 9  PHE A CA   5  
ATOM   990  C C    . PHE A 1 9  ? 1.735  0.074   3.829  1.00 0.00 ? 9  PHE A C    5  
ATOM   991  O O    . PHE A 1 9  ? 2.689  0.038   4.605  1.00 0.00 ? 9  PHE A O    5  
ATOM   992  C CB   . PHE A 1 9  ? 0.493  1.403   5.530  1.00 0.00 ? 9  PHE A CB   5  
ATOM   993  C CG   . PHE A 1 9  ? 0.301  2.884   5.200  1.00 0.00 ? 9  PHE A CG   5  
ATOM   994  C CD1  . PHE A 1 9  ? -0.952 3.388   5.044  1.00 0.00 ? 9  PHE A CD1  5  
ATOM   995  C CD2  . PHE A 1 9  ? 1.383  3.697   5.065  1.00 0.00 ? 9  PHE A CD2  5  
ATOM   996  C CE1  . PHE A 1 9  ? -1.131 4.764   4.738  1.00 0.00 ? 9  PHE A CE1  5  
ATOM   997  C CE2  . PHE A 1 9  ? 1.205  5.072   4.759  1.00 0.00 ? 9  PHE A CE2  5  
ATOM   998  C CZ   . PHE A 1 9  ? -0.048 5.576   4.603  1.00 0.00 ? 9  PHE A CZ   5  
ATOM   999  H H    . PHE A 1 9  ? -0.580 -0.722  5.757  1.00 0.00 ? 9  PHE A H    5  
ATOM   1000 H HA   . PHE A 1 9  ? -0.217 0.920   3.503  1.00 0.00 ? 9  PHE A HA   5  
ATOM   1001 H HB3  . PHE A 1 9  ? 1.484  1.262   5.963  1.00 0.00 ? 9  PHE A HB3  5  
ATOM   1002 H HD1  . PHE A 1 9  ? -1.820 2.738   5.155  1.00 0.00 ? 9  PHE A HD1  5  
ATOM   1003 H HD2  . PHE A 1 9  ? 2.387  3.292   5.189  1.00 0.00 ? 9  PHE A HD2  5  
ATOM   1004 H HE1  . PHE A 1 9  ? -2.136 5.169   4.614  1.00 0.00 ? 9  PHE A HE1  5  
ATOM   1005 H HE2  . PHE A 1 9  ? 2.072  5.723   4.647  1.00 0.00 ? 9  PHE A HE2  5  
ATOM   1006 H HZ   . PHE A 1 9  ? -0.186 6.633   4.368  1.00 0.00 ? 9  PHE A HZ   5  
ATOM   1007 N N    . LYS A 1 10 ? 1.808  -0.216  2.538  1.00 0.00 ? 10 LYS A N    5  
ATOM   1008 C CA   . LYS A 1 10 ? 3.066  -0.611  1.929  1.00 0.00 ? 10 LYS A CA   5  
ATOM   1009 C C    . LYS A 1 10 ? 3.201  0.063   0.561  1.00 0.00 ? 10 LYS A C    5  
ATOM   1010 O O    . LYS A 1 10 ? 2.201  0.335   -0.103 1.00 0.00 ? 10 LYS A O    5  
ATOM   1011 C CB   . LYS A 1 10 ? 3.181  -2.136  1.875  1.00 0.00 ? 10 LYS A CB   5  
ATOM   1012 C CG   . LYS A 1 10 ? 2.325  -2.711  0.745  1.00 0.00 ? 10 LYS A CG   5  
ATOM   1013 C CD   . LYS A 1 10 ? 2.363  -4.240  0.754  1.00 0.00 ? 10 LYS A CD   5  
ATOM   1014 C CE   . LYS A 1 10 ? 1.625  -4.813  -0.458 1.00 0.00 ? 10 LYS A CE   5  
ATOM   1015 N NZ   . LYS A 1 10 ? 1.815  -3.943  -1.639 1.00 0.00 ? 10 LYS A NZ   5  
ATOM   1016 H H    . LYS A 1 10 ? 1.028  -0.185  1.911  1.00 0.00 ? 10 LYS A H    5  
ATOM   1017 H HA   . LYS A 1 10 ? 3.868  -0.249  2.571  1.00 0.00 ? 10 LYS A HA   5  
ATOM   1018 H HB2  . LYS A 1 10 ? 4.223  -2.421  1.728  1.00 0.00 ? 10 LYS A HB2  5  
ATOM   1019 H HB3  . LYS A 1 10 ? 2.867  -2.561  2.830  1.00 0.00 ? 10 LYS A HB3  5  
ATOM   1020 H HG2  . LYS A 1 10 ? 1.296  -2.369  0.853  1.00 0.00 ? 10 LYS A HG2  5  
ATOM   1021 H HG3  . LYS A 1 10 ? 2.686  -2.340  -0.214 1.00 0.00 ? 10 LYS A HG3  5  
ATOM   1022 H HD2  . LYS A 1 10 ? 3.397  -4.582  0.751  1.00 0.00 ? 10 LYS A HD2  5  
ATOM   1023 H HD3  . LYS A 1 10 ? 1.907  -4.614  1.672  1.00 0.00 ? 10 LYS A HD3  5  
ATOM   1024 H HE2  . LYS A 1 10 ? 1.995  -5.816  -0.674 1.00 0.00 ? 10 LYS A HE2  5  
ATOM   1025 H HE3  . LYS A 1 10 ? 0.562  -4.910  -0.233 1.00 0.00 ? 10 LYS A HE3  5  
ATOM   1026 H HZ1  . LYS A 1 10 ? 0.935  -3.733  -2.099 1.00 0.00 ? 10 LYS A HZ1  5  
ATOM   1027 N N    . SER A 1 11 ? 4.444  0.315   0.180  1.00 0.00 ? 11 SER A N    5  
ATOM   1028 C CA   . SER A 1 11 ? 4.721  0.951   -1.096 1.00 0.00 ? 11 SER A CA   5  
ATOM   1029 C C    . SER A 1 11 ? 4.423  -0.018  -2.241 1.00 0.00 ? 11 SER A C    5  
ATOM   1030 O O    . SER A 1 11 ? 4.817  -1.184  -2.192 1.00 0.00 ? 11 SER A O    5  
ATOM   1031 C CB   . SER A 1 11 ? 6.174  1.428   -1.170 1.00 0.00 ? 11 SER A CB   5  
ATOM   1032 O OG   . SER A 1 11 ? 7.089  0.420   -0.750 1.00 0.00 ? 11 SER A OG   5  
ATOM   1033 H H    . SER A 1 11 ? 5.252  0.091   0.725  1.00 0.00 ? 11 SER A H    5  
ATOM   1034 H HA   . SER A 1 11 ? 4.055  1.812   -1.139 1.00 0.00 ? 11 SER A HA   5  
ATOM   1035 H HB3  . SER A 1 11 ? 6.298  2.311   -0.545 1.00 0.00 ? 11 SER A HB3  5  
ATOM   1036 H HG   . SER A 1 11 ? 7.191  0.443   0.245  1.00 0.00 ? 11 SER A HG   5  
ATOM   1037 N N    . CYS A 1 12 ? 3.730  0.498   -3.246 1.00 0.00 ? 12 CYS A N    5  
ATOM   1038 C CA   . CYS A 1 12 ? 3.374  -0.309  -4.402 1.00 0.00 ? 12 CYS A CA   5  
ATOM   1039 C C    . CYS A 1 12 ? 4.596  -1.137  -4.803 1.00 0.00 ? 12 CYS A C    5  
ATOM   1040 O O    . CYS A 1 12 ? 5.360  -0.738  -5.681 1.00 0.00 ? 12 CYS A O    5  
ATOM   1041 C CB   . CYS A 1 12 ? 2.866  0.555   -5.557 1.00 0.00 ? 12 CYS A CB   5  
ATOM   1042 S SG   . CYS A 1 12 ? 1.275  1.404   -5.239 1.00 0.00 ? 12 CYS A SG   5  
ATOM   1043 H H    . CYS A 1 12 ? 3.415  1.446   -3.278 1.00 0.00 ? 12 CYS A H    5  
ATOM   1044 H HA   . CYS A 1 12 ? 2.554  -0.955  -4.092 1.00 0.00 ? 12 CYS A HA   5  
ATOM   1045 H HB3  . CYS A 1 12 ? 2.754  -0.074  -6.440 1.00 0.00 ? 12 CYS A HB3  5  
ATOM   1046 N N    . TYR A 1 1  ? 4.720  5.221   -2.777 1.00 0.00 ? 1  TYR A N    6  
ATOM   1047 C CA   . TYR A 1 1  ? 3.610  5.991   -3.312 1.00 0.00 ? 1  TYR A CA   6  
ATOM   1048 C C    . TYR A 1 1  ? 2.320  5.168   -3.307 1.00 0.00 ? 1  TYR A C    6  
ATOM   1049 O O    . TYR A 1 1  ? 1.258  5.671   -2.944 1.00 0.00 ? 1  TYR A O    6  
ATOM   1050 C CB   . TYR A 1 1  ? 3.982  6.323   -4.758 1.00 0.00 ? 1  TYR A CB   6  
ATOM   1051 C CG   . TYR A 1 1  ? 4.090  7.820   -5.045 1.00 0.00 ? 1  TYR A CG   6  
ATOM   1052 C CD1  . TYR A 1 1  ? 3.056  8.665   -4.698 1.00 0.00 ? 1  TYR A CD1  6  
ATOM   1053 C CD2  . TYR A 1 1  ? 5.223  8.327   -5.649 1.00 0.00 ? 1  TYR A CD2  6  
ATOM   1054 C CE1  . TYR A 1 1  ? 3.158  10.077  -4.968 1.00 0.00 ? 1  TYR A CE1  6  
ATOM   1055 C CE2  . TYR A 1 1  ? 5.325  9.738   -5.917 1.00 0.00 ? 1  TYR A CE2  6  
ATOM   1056 C CZ   . TYR A 1 1  ? 4.287  10.544  -5.565 1.00 0.00 ? 1  TYR A CZ   6  
ATOM   1057 O OH   . TYR A 1 1  ? 4.384  11.875  -5.819 1.00 0.00 ? 1  TYR A OH   6  
ATOM   1058 H H1   . TYR A 1 1  ? 4.970  4.413   -3.311 1.00 0.00 ? 1  TYR A H1   6  
ATOM   1059 H HA   . TYR A 1 1  ? 3.472  6.868   -2.681 1.00 0.00 ? 1  TYR A HA   6  
ATOM   1060 H HB3  . TYR A 1 1  ? 3.236  5.888   -5.425 1.00 0.00 ? 1  TYR A HB3  6  
ATOM   1061 H HD1  . TYR A 1 1  ? 2.162  8.266   -4.221 1.00 0.00 ? 1  TYR A HD1  6  
ATOM   1062 H HD2  . TYR A 1 1  ? 6.040  7.661   -5.921 1.00 0.00 ? 1  TYR A HD2  6  
ATOM   1063 H HE1  . TYR A 1 1  ? 2.347  10.756  -4.700 1.00 0.00 ? 1  TYR A HE1  6  
ATOM   1064 H HE2  . TYR A 1 1  ? 6.213  10.153  -6.394 1.00 0.00 ? 1  TYR A HE2  6  
ATOM   1065 H HH   . TYR A 1 1  ? 5.342  12.159  -5.807 1.00 0.00 ? 1  TYR A HH   6  
ATOM   1066 N N    . CYS A 1 2  ? 2.455  3.913   -3.715 1.00 0.00 ? 2  CYS A N    6  
ATOM   1067 C CA   . CYS A 1 2  ? 1.314  3.015   -3.762 1.00 0.00 ? 2  CYS A CA   6  
ATOM   1068 C C    . CYS A 1 2  ? 0.552  3.134   -2.440 1.00 0.00 ? 2  CYS A C    6  
ATOM   1069 O O    . CYS A 1 2  ? -0.389 3.917   -2.331 1.00 0.00 ? 2  CYS A O    6  
ATOM   1070 C CB   . CYS A 1 2  ? 1.740  1.573   -4.046 1.00 0.00 ? 2  CYS A CB   6  
ATOM   1071 S SG   . CYS A 1 2  ? 1.647  1.077   -5.804 1.00 0.00 ? 2  CYS A SG   6  
ATOM   1072 H H    . CYS A 1 2  ? 3.320  3.511   -4.009 1.00 0.00 ? 2  CYS A H    6  
ATOM   1073 H HA   . CYS A 1 2  ? 0.693  3.341   -4.597 1.00 0.00 ? 2  CYS A HA   6  
ATOM   1074 H HB3  . CYS A 1 2  ? 1.113  0.901   -3.460 1.00 0.00 ? 2  CYS A HB3  6  
ATOM   1075 N N    . LYS A 1 3  ? 0.989  2.346   -1.468 1.00 0.00 ? 3  LYS A N    6  
ATOM   1076 C CA   . LYS A 1 3  ? 0.362  2.355   -0.157 1.00 0.00 ? 3  LYS A CA   6  
ATOM   1077 C C    . LYS A 1 3  ? -1.121 2.007   -0.306 1.00 0.00 ? 3  LYS A C    6  
ATOM   1078 O O    . LYS A 1 3  ? -1.667 2.057   -1.408 1.00 0.00 ? 3  LYS A O    6  
ATOM   1079 C CB   . LYS A 1 3  ? 0.614  3.689   0.548  1.00 0.00 ? 3  LYS A CB   6  
ATOM   1080 C CG   . LYS A 1 3  ? 2.055  3.776   1.057  1.00 0.00 ? 3  LYS A CG   6  
ATOM   1081 C CD   . LYS A 1 3  ? 2.729  5.061   0.575  1.00 0.00 ? 3  LYS A CD   6  
ATOM   1082 C CE   . LYS A 1 3  ? 2.496  6.205   1.564  1.00 0.00 ? 3  LYS A CE   6  
ATOM   1083 N NZ   . LYS A 1 3  ? 3.717  7.036   1.692  1.00 0.00 ? 3  LYS A NZ   6  
ATOM   1084 H H    . LYS A 1 3  ? 1.757  1.712   -1.565 1.00 0.00 ? 3  LYS A H    6  
ATOM   1085 H HA   . LYS A 1 3  ? 0.840  1.579   0.438  1.00 0.00 ? 3  LYS A HA   6  
ATOM   1086 H HB3  . LYS A 1 3  ? -0.077 3.798   1.384  1.00 0.00 ? 3  LYS A HB3  6  
ATOM   1087 H HG3  . LYS A 1 3  ? 2.622  2.913   0.707  1.00 0.00 ? 3  LYS A HG3  6  
ATOM   1088 H HD3  . LYS A 1 3  ? 2.335  5.339   -0.404 1.00 0.00 ? 3  LYS A HD3  6  
ATOM   1089 H HE3  . LYS A 1 3  ? 2.222  5.801   2.538  1.00 0.00 ? 3  LYS A HE3  6  
ATOM   1090 H HZ1  . LYS A 1 3  ? 3.930  7.530   0.833  1.00 0.00 ? 3  LYS A HZ1  6  
ATOM   1091 H HZ2  . LYS A 1 3  ? 3.625  7.736   2.419  1.00 0.00 ? 3  LYS A HZ2  6  
ATOM   1092 N N    . PHE A 1 4  ? -1.732 1.666   0.818  1.00 0.00 ? 4  PHE A N    6  
ATOM   1093 C CA   . PHE A 1 4  ? -3.140 1.311   0.829  1.00 0.00 ? 4  PHE A CA   6  
ATOM   1094 C C    . PHE A 1 4  ? -3.497 0.453   -0.388 1.00 0.00 ? 4  PHE A C    6  
ATOM   1095 O O    . PHE A 1 4  ? -4.134 0.934   -1.325 1.00 0.00 ? 4  PHE A O    6  
ATOM   1096 C CB   . PHE A 1 4  ? -3.932 2.620   0.765  1.00 0.00 ? 4  PHE A CB   6  
ATOM   1097 C CG   . PHE A 1 4  ? -3.397 3.619   -0.264 1.00 0.00 ? 4  PHE A CG   6  
ATOM   1098 C CD1  . PHE A 1 4  ? -2.383 4.461   0.069  1.00 0.00 ? 4  PHE A CD1  6  
ATOM   1099 C CD2  . PHE A 1 4  ? -3.939 3.666   -1.509 1.00 0.00 ? 4  PHE A CD2  6  
ATOM   1100 C CE1  . PHE A 1 4  ? -1.888 5.388   -0.884 1.00 0.00 ? 4  PHE A CE1  6  
ATOM   1101 C CE2  . PHE A 1 4  ? -3.445 4.595   -2.465 1.00 0.00 ? 4  PHE A CE2  6  
ATOM   1102 C CZ   . PHE A 1 4  ? -2.430 5.435   -2.131 1.00 0.00 ? 4  PHE A CZ   6  
ATOM   1103 H H    . PHE A 1 4  ? -1.280 1.627   1.711  1.00 0.00 ? 4  PHE A H    6  
ATOM   1104 H HA   . PHE A 1 4  ? -3.324 0.741   1.740  1.00 0.00 ? 4  PHE A HA   6  
ATOM   1105 H HB3  . PHE A 1 4  ? -3.921 3.086   1.750  1.00 0.00 ? 4  PHE A HB3  6  
ATOM   1106 H HD1  . PHE A 1 4  ? -1.948 4.422   1.069  1.00 0.00 ? 4  PHE A HD1  6  
ATOM   1107 H HD2  . PHE A 1 4  ? -4.754 2.993   -1.776 1.00 0.00 ? 4  PHE A HD2  6  
ATOM   1108 H HE1  . PHE A 1 4  ? -1.074 6.063   -0.617 1.00 0.00 ? 4  PHE A HE1  6  
ATOM   1109 H HE2  . PHE A 1 4  ? -3.881 4.633   -3.464 1.00 0.00 ? 4  PHE A HE2  6  
ATOM   1110 H HZ   . PHE A 1 4  ? -2.051 6.149   -2.864 1.00 0.00 ? 4  PHE A HZ   6  
ATOM   1111 N N    . GLU A 1 5  ? -3.074 -0.802  -0.331 1.00 0.00 ? 5  GLU A N    6  
ATOM   1112 C CA   . GLU A 1 5  ? -3.341 -1.730  -1.415 1.00 0.00 ? 5  GLU A CA   6  
ATOM   1113 C C    . GLU A 1 5  ? -4.448 -2.708  -1.017 1.00 0.00 ? 5  GLU A C    6  
ATOM   1114 O O    . GLU A 1 5  ? -5.016 -3.389  -1.869 1.00 0.00 ? 5  GLU A O    6  
ATOM   1115 C CB   . GLU A 1 5  ? -2.070 -2.480  -1.822 1.00 0.00 ? 5  GLU A CB   6  
ATOM   1116 C CG   . GLU A 1 5  ? -0.836 -1.587  -1.670 1.00 0.00 ? 5  GLU A CG   6  
ATOM   1117 C CD   . GLU A 1 5  ? 0.293  -2.051  -2.596 1.00 0.00 ? 5  GLU A CD   6  
ATOM   1118 O OE1  . GLU A 1 5  ? 0.046  -2.338  -3.776 1.00 0.00 ? 5  GLU A OE1  6  
ATOM   1119 H H    . GLU A 1 5  ? -2.557 -1.183  0.435  1.00 0.00 ? 5  GLU A H    6  
ATOM   1120 H HA   . GLU A 1 5  ? -3.675 -1.113  -2.251 1.00 0.00 ? 5  GLU A HA   6  
ATOM   1121 H HB2  . GLU A 1 5  ? -1.957 -3.372  -1.206 1.00 0.00 ? 5  GLU A HB2  6  
ATOM   1122 H HB3  . GLU A 1 5  ? -2.156 -2.815  -2.856 1.00 0.00 ? 5  GLU A HB3  6  
ATOM   1123 H HG2  . GLU A 1 5  ? -1.099 -0.555  -1.900 1.00 0.00 ? 5  GLU A HG2  6  
ATOM   1124 H HG3  . GLU A 1 5  ? -0.495 -1.605  -0.636 1.00 0.00 ? 5  GLU A HG3  6  
HETATM 1125 N N    . DTR A 1 6  ? -4.724 -2.742  0.278  1.00 0.00 ? 6  DTR A N    6  
HETATM 1126 C CA   . DTR A 1 6  ? -5.753 -3.624  0.802  1.00 0.00 ? 6  DTR A CA   6  
HETATM 1127 C CB   . DTR A 1 6  ? -6.862 -2.751  1.390  1.00 0.00 ? 6  DTR A CB   6  
HETATM 1128 C CG   . DTR A 1 6  ? -6.894 -1.325  0.835  1.00 0.00 ? 6  DTR A CG   6  
HETATM 1129 C CD1  . DTR A 1 6  ? -6.806 -0.173  1.514  1.00 0.00 ? 6  DTR A CD1  6  
HETATM 1130 N NE1  . DTR A 1 6  ? -6.872 0.918   0.670  1.00 0.00 ? 6  DTR A NE1  6  
HETATM 1131 C CE2  . DTR A 1 6  ? -7.012 0.432   -0.625 1.00 0.00 ? 6  DTR A CE2  6  
HETATM 1132 C CZ2  . DTR A 1 6  ? -7.120 1.137   -1.830 1.00 0.00 ? 6  DTR A CZ2  6  
HETATM 1133 C CH2  . DTR A 1 6  ? -7.252 0.366   -2.992 1.00 0.00 ? 6  DTR A CH2  6  
HETATM 1134 C CZ3  . DTR A 1 6  ? -7.268 -1.022  -2.898 1.00 0.00 ? 6  DTR A CZ3  6  
HETATM 1135 C CE3  . DTR A 1 6  ? -7.159 -1.740  -1.703 1.00 0.00 ? 6  DTR A CE3  6  
HETATM 1136 C CD2  . DTR A 1 6  ? -7.028 -0.947  -0.551 1.00 0.00 ? 6  DTR A CD2  6  
HETATM 1137 C C    . DTR A 1 6  ? -5.127 -4.484  1.900  1.00 0.00 ? 6  DTR A C    6  
HETATM 1138 O O    . DTR A 1 6  ? -5.757 -4.745  2.924  1.00 0.00 ? 6  DTR A O    6  
HETATM 1139 H H    . DTR A 1 6  ? -4.258 -2.184  0.965  1.00 0.00 ? 6  DTR A H    6  
HETATM 1140 H HA   . DTR A 1 6  ? -6.205 -4.214  0.003  1.00 0.00 ? 6  DTR A HA   6  
HETATM 1141 H HB2  . DTR A 1 6  ? -7.825 -3.225  1.199  1.00 0.00 ? 6  DTR A HB2  6  
HETATM 1142 H HB3  . DTR A 1 6  ? -6.739 -2.706  2.473  1.00 0.00 ? 6  DTR A HB3  6  
HETATM 1143 H HD1  . DTR A 1 6  ? -6.693 -0.105  2.597  1.00 0.00 ? 6  DTR A HD1  6  
HETATM 1144 H HE1  . DTR A 1 6  ? -6.823 1.965   0.966  1.00 0.00 ? 6  DTR A HE1  6  
HETATM 1145 H HZ2  . DTR A 1 6  ? -7.106 2.226   -1.862 1.00 0.00 ? 6  DTR A HZ2  6  
HETATM 1146 H HH2  . DTR A 1 6  ? -7.342 0.851   -3.964 1.00 0.00 ? 6  DTR A HH2  6  
HETATM 1147 H HZ3  . DTR A 1 6  ? -7.372 -1.589  -3.825 1.00 0.00 ? 6  DTR A HZ3  6  
HETATM 1148 H HE3  . DTR A 1 6  ? -7.174 -2.829  -1.671 1.00 0.00 ? 6  DTR A HE3  6  
HETATM 1149 N N    . IAM A 1 7  ? -3.895 -4.902  1.647  1.00 0.00 ? 7  IAM A N    6  
HETATM 1150 C CA   . IAM A 1 7  ? -3.176 -5.730  2.603  1.00 0.00 ? 7  IAM A CA   6  
HETATM 1151 C CB   . IAM A 1 7  ? -2.002 -6.362  1.852  1.00 0.00 ? 7  IAM A CB   6  
HETATM 1152 C CG   . IAM A 1 7  ? -0.835 -6.771  2.753  1.00 0.00 ? 7  IAM A CG   6  
HETATM 1153 C CD1  . IAM A 1 7  ? 0.196  -5.908  2.964  1.00 0.00 ? 7  IAM A CD1  6  
HETATM 1154 C CE1  . IAM A 1 7  ? 1.279  -6.287  3.802  1.00 0.00 ? 7  IAM A CE1  6  
HETATM 1155 C CZ   . IAM A 1 7  ? 1.284  -7.512  4.392  1.00 0.00 ? 7  IAM A CZ   6  
HETATM 1156 C CE2  . IAM A 1 7  ? 0.253  -8.373  4.183  1.00 0.00 ? 7  IAM A CE2  6  
HETATM 1157 C CD2  . IAM A 1 7  ? -0.830 -7.994  3.344  1.00 0.00 ? 7  IAM A CD2  6  
HETATM 1158 C CT   . IAM A 1 7  ? 2.458  -7.923  5.301  1.00 0.00 ? 7  IAM A CT   6  
HETATM 1159 N NH   . IAM A 1 7  ? 3.519  -8.544  4.481  1.00 0.00 ? 7  IAM A NH   6  
HETATM 1160 C CI   . IAM A 1 7  ? 4.174  -7.769  3.406  1.00 0.00 ? 7  IAM A CI   6  
HETATM 1161 C CK1  . IAM A 1 7  ? 4.246  -8.625  2.125  1.00 0.00 ? 7  IAM A CK1  6  
HETATM 1162 C CK2  . IAM A 1 7  ? 5.593  -7.358  3.830  1.00 0.00 ? 7  IAM A CK2  6  
HETATM 1163 C C    . IAM A 1 7  ? -2.633 -4.887  3.759  1.00 0.00 ? 7  IAM A C    6  
HETATM 1164 O O    . IAM A 1 7  ? -2.928 -5.158  4.921  1.00 0.00 ? 7  IAM A O    6  
HETATM 1165 H H    . IAM A 1 7  ? -3.391 -4.687  0.812  1.00 0.00 ? 7  IAM A H    6  
HETATM 1166 H HA   . IAM A 1 7  ? -3.882 -6.465  2.991  1.00 0.00 ? 7  IAM A HA   6  
HETATM 1167 H HB   . IAM A 1 7  ? -2.357 -7.241  1.317  1.00 0.00 ? 7  IAM A HB   6  
HETATM 1168 H HB1  . IAM A 1 7  ? -1.640 -5.657  1.105  1.00 0.00 ? 7  IAM A HB1  6  
HETATM 1169 H HD1  . IAM A 1 7  ? 0.192  -4.927  2.489  1.00 0.00 ? 7  IAM A HD1  6  
HETATM 1170 H HE1  . IAM A 1 7  ? 2.105  -5.597  3.970  1.00 0.00 ? 7  IAM A HE1  6  
HETATM 1171 H HE2  . IAM A 1 7  ? 0.259  -9.355  4.657  1.00 0.00 ? 7  IAM A HE2  6  
HETATM 1172 H HD2  . IAM A 1 7  ? -1.656 -8.685  3.177  1.00 0.00 ? 7  IAM A HD2  6  
HETATM 1173 H HT1  . IAM A 1 7  ? 2.112  -8.623  6.032  1.00 0.00 ? 7  IAM A HT1  6  
HETATM 1174 H HT2  . IAM A 1 7  ? 2.850  -7.055  5.792  1.00 0.00 ? 7  IAM A HT2  6  
HETATM 1175 H HH   . IAM A 1 7  ? 3.804  -9.519  4.661  1.00 0.00 ? 7  IAM A HH   6  
HETATM 1176 H HI   . IAM A 1 7  ? 3.605  -6.885  3.207  1.00 0.00 ? 7  IAM A HI   6  
HETATM 1177 H HK11 . IAM A 1 7  ? 4.830  -9.503  2.319  1.00 0.00 ? 7  IAM A HK11 6  
HETATM 1178 H HK12 . IAM A 1 7  ? 3.260  -8.911  1.829  1.00 0.00 ? 7  IAM A HK12 6  
HETATM 1179 H HK13 . IAM A 1 7  ? 4.705  -8.057  1.342  1.00 0.00 ? 7  IAM A HK13 6  
HETATM 1180 H HK21 . IAM A 1 7  ? 6.211  -7.253  2.962  1.00 0.00 ? 7  IAM A HK21 6  
HETATM 1181 H HK22 . IAM A 1 7  ? 5.555  -6.425  4.355  1.00 0.00 ? 7  IAM A HK22 6  
HETATM 1182 H HK23 . IAM A 1 7  ? 6.006  -8.110  4.472  1.00 0.00 ? 7  IAM A HK23 6  
ATOM   1183 N N    . THR A 1 8  ? -1.849 -3.881  3.397  1.00 0.00 ? 8  THR A N    6  
ATOM   1184 C CA   . THR A 1 8  ? -1.262 -2.997  4.390  1.00 0.00 ? 8  THR A CA   6  
ATOM   1185 C C    . THR A 1 8  ? -0.640 -1.774  3.713  1.00 0.00 ? 8  THR A C    6  
ATOM   1186 O O    . THR A 1 8  ? -0.462 -1.757  2.495  1.00 0.00 ? 8  THR A O    6  
ATOM   1187 C CB   . THR A 1 8  ? -0.263 -3.810  5.216  1.00 0.00 ? 8  THR A CB   6  
ATOM   1188 O OG1  . THR A 1 8  ? -0.390 -3.281  6.533  1.00 0.00 ? 8  THR A OG1  6  
ATOM   1189 C CG2  . THR A 1 8  ? 1.188  -3.512  4.836  1.00 0.00 ? 8  THR A CG2  6  
ATOM   1190 H H    . THR A 1 8  ? -1.614 -3.668  2.450  1.00 0.00 ? 8  THR A H    6  
ATOM   1191 H HA   . THR A 1 8  ? -2.059 -2.631  5.040  1.00 0.00 ? 8  THR A HA   6  
ATOM   1192 H HB   . THR A 1 8  ? -0.475 -4.876  5.144  1.00 0.00 ? 8  THR A HB   6  
ATOM   1193 H HG1  . THR A 1 8  ? 0.009  -2.365  6.575  1.00 0.00 ? 8  THR A HG1  6  
ATOM   1194 H HG21 . THR A 1 8  ? 1.413  -2.467  5.043  1.00 0.00 ? 8  THR A HG21 6  
ATOM   1195 H HG22 . THR A 1 8  ? 1.854  -4.150  5.417  1.00 0.00 ? 8  THR A HG22 6  
ATOM   1196 H HG23 . THR A 1 8  ? 1.332  -3.712  3.772  1.00 0.00 ? 8  THR A HG23 6  
ATOM   1197 N N    . PHE A 1 9  ? -0.327 -0.780  4.531  1.00 0.00 ? 9  PHE A N    6  
ATOM   1198 C CA   . PHE A 1 9  ? 0.273  0.443   4.027  1.00 0.00 ? 9  PHE A CA   6  
ATOM   1199 C C    . PHE A 1 9  ? 1.669  0.179   3.464  1.00 0.00 ? 9  PHE A C    6  
ATOM   1200 O O    . PHE A 1 9  ? 2.671  0.521   4.092  1.00 0.00 ? 9  PHE A O    6  
ATOM   1201 C CB   . PHE A 1 9  ? 0.386  1.407   5.211  1.00 0.00 ? 9  PHE A CB   6  
ATOM   1202 C CG   . PHE A 1 9  ? -0.851 1.437   6.108  1.00 0.00 ? 9  PHE A CG   6  
ATOM   1203 C CD1  . PHE A 1 9  ? -2.038 1.887   5.619  1.00 0.00 ? 9  PHE A CD1  6  
ATOM   1204 C CD2  . PHE A 1 9  ? -0.764 1.016   7.400  1.00 0.00 ? 9  PHE A CD2  6  
ATOM   1205 C CE1  . PHE A 1 9  ? -3.186 1.913   6.454  1.00 0.00 ? 9  PHE A CE1  6  
ATOM   1206 C CE2  . PHE A 1 9  ? -1.913 1.045   8.235  1.00 0.00 ? 9  PHE A CE2  6  
ATOM   1207 C CZ   . PHE A 1 9  ? -3.100 1.493   7.744  1.00 0.00 ? 9  PHE A CZ   6  
ATOM   1208 H H    . PHE A 1 9  ? -0.476 -0.802  5.519  1.00 0.00 ? 9  PHE A H    6  
ATOM   1209 H HA   . PHE A 1 9  ? -0.374 0.817   3.232  1.00 0.00 ? 9  PHE A HA   6  
ATOM   1210 H HB3  . PHE A 1 9  ? 0.571  2.412   4.831  1.00 0.00 ? 9  PHE A HB3  6  
ATOM   1211 H HD1  . PHE A 1 9  ? -2.107 2.224   4.584  1.00 0.00 ? 9  PHE A HD1  6  
ATOM   1212 H HD2  . PHE A 1 9  ? 0.186  0.657   7.792  1.00 0.00 ? 9  PHE A HD2  6  
ATOM   1213 H HE1  . PHE A 1 9  ? -4.137 2.275   6.061  1.00 0.00 ? 9  PHE A HE1  6  
ATOM   1214 H HE2  . PHE A 1 9  ? -1.843 0.705   9.268  1.00 0.00 ? 9  PHE A HE2  6  
ATOM   1215 H HZ   . PHE A 1 9  ? -3.981 1.515   8.385  1.00 0.00 ? 9  PHE A HZ   6  
ATOM   1216 N N    . LYS A 1 10 ? 1.692  -0.427  2.285  1.00 0.00 ? 10 LYS A N    6  
ATOM   1217 C CA   . LYS A 1 10 ? 2.950  -0.743  1.630  1.00 0.00 ? 10 LYS A CA   6  
ATOM   1218 C C    . LYS A 1 10 ? 3.106  0.133   0.386  1.00 0.00 ? 10 LYS A C    6  
ATOM   1219 O O    . LYS A 1 10 ? 2.232  0.145   -0.481 1.00 0.00 ? 10 LYS A O    6  
ATOM   1220 C CB   . LYS A 1 10 ? 3.045  -2.243  1.343  1.00 0.00 ? 10 LYS A CB   6  
ATOM   1221 C CG   . LYS A 1 10 ? 2.322  -2.599  0.042  1.00 0.00 ? 10 LYS A CG   6  
ATOM   1222 C CD   . LYS A 1 10 ? 2.086  -4.106  -0.058 1.00 0.00 ? 10 LYS A CD   6  
ATOM   1223 C CE   . LYS A 1 10 ? 1.340  -4.460  -1.347 1.00 0.00 ? 10 LYS A CE   6  
ATOM   1224 N NZ   . LYS A 1 10 ? 1.484  -3.374  -2.344 1.00 0.00 ? 10 LYS A NZ   6  
ATOM   1225 H H    . LYS A 1 10 ? 0.873  -0.702  1.782  1.00 0.00 ? 10 LYS A H    6  
ATOM   1226 H HA   . LYS A 1 10 ? 3.752  -0.497  2.328  1.00 0.00 ? 10 LYS A HA   6  
ATOM   1227 H HB2  . LYS A 1 10 ? 4.091  -2.539  1.276  1.00 0.00 ? 10 LYS A HB2  6  
ATOM   1228 H HB3  . LYS A 1 10 ? 2.608  -2.803  2.171  1.00 0.00 ? 10 LYS A HB3  6  
ATOM   1229 H HG2  . LYS A 1 10 ? 1.368  -2.073  -0.004 1.00 0.00 ? 10 LYS A HG2  6  
ATOM   1230 H HG3  . LYS A 1 10 ? 2.915  -2.262  -0.810 1.00 0.00 ? 10 LYS A HG3  6  
ATOM   1231 H HD2  . LYS A 1 10 ? 3.040  -4.630  -0.030 1.00 0.00 ? 10 LYS A HD2  6  
ATOM   1232 H HD3  . LYS A 1 10 ? 1.509  -4.446  0.804  1.00 0.00 ? 10 LYS A HD3  6  
ATOM   1233 H HE2  . LYS A 1 10 ? 1.729  -5.392  -1.756 1.00 0.00 ? 10 LYS A HE2  6  
ATOM   1234 H HE3  . LYS A 1 10 ? 0.285  -4.624  -1.132 1.00 0.00 ? 10 LYS A HE3  6  
ATOM   1235 H HZ1  . LYS A 1 10 ? 1.697  -2.484  -1.907 1.00 0.00 ? 10 LYS A HZ1  6  
ATOM   1236 N N    . SER A 1 11 ? 4.222  0.843   0.336  1.00 0.00 ? 11 SER A N    6  
ATOM   1237 C CA   . SER A 1 11 ? 4.502  1.719   -0.790 1.00 0.00 ? 11 SER A CA   6  
ATOM   1238 C C    . SER A 1 11 ? 4.967  0.894   -1.990 1.00 0.00 ? 11 SER A C    6  
ATOM   1239 O O    . SER A 1 11 ? 5.261  -0.293  -1.858 1.00 0.00 ? 11 SER A O    6  
ATOM   1240 C CB   . SER A 1 11 ? 5.555  2.766   -0.424 1.00 0.00 ? 11 SER A CB   6  
ATOM   1241 O OG   . SER A 1 11 ? 6.770  2.169   0.022  1.00 0.00 ? 11 SER A OG   6  
ATOM   1242 H H    . SER A 1 11 ? 4.926  0.826   1.045  1.00 0.00 ? 11 SER A H    6  
ATOM   1243 H HA   . SER A 1 11 ? 3.557  2.216   -1.011 1.00 0.00 ? 11 SER A HA   6  
ATOM   1244 H HB3  . SER A 1 11 ? 5.164  3.417   0.359  1.00 0.00 ? 11 SER A HB3  6  
ATOM   1245 H HG   . SER A 1 11 ? 6.755  2.062   1.015  1.00 0.00 ? 11 SER A HG   6  
ATOM   1246 N N    . CYS A 1 12 ? 5.024  1.556   -3.137 1.00 0.00 ? 12 CYS A N    6  
ATOM   1247 C CA   . CYS A 1 12 ? 5.450  0.900   -4.362 1.00 0.00 ? 12 CYS A CA   6  
ATOM   1248 C C    . CYS A 1 12 ? 6.947  1.153   -4.547 1.00 0.00 ? 12 CYS A C    6  
ATOM   1249 O O    . CYS A 1 12 ? 7.770  0.561   -3.852 1.00 0.00 ? 12 CYS A O    6  
ATOM   1250 C CB   . CYS A 1 12 ? 4.638  1.373   -5.569 1.00 0.00 ? 12 CYS A CB   6  
ATOM   1251 S SG   . CYS A 1 12 ? 3.392  0.174   -6.174 1.00 0.00 ? 12 CYS A SG   6  
ATOM   1252 H H    . CYS A 1 12 ? 4.784  2.523   -3.238 1.00 0.00 ? 12 CYS A H    6  
ATOM   1253 H HA   . CYS A 1 12 ? 5.251  -0.164  -4.232 1.00 0.00 ? 12 CYS A HA   6  
ATOM   1254 H HB3  . CYS A 1 12 ? 5.324  1.602   -6.384 1.00 0.00 ? 12 CYS A HB3  6  
ATOM   1255 N N    . TYR A 1 1  ? 2.280  7.533   -2.103 1.00 0.00 ? 1  TYR A N    7  
ATOM   1256 C CA   . TYR A 1 1  ? 1.666  7.390   -3.412 1.00 0.00 ? 1  TYR A CA   7  
ATOM   1257 C C    . TYR A 1 1  ? 0.488  6.414   -3.360 1.00 0.00 ? 1  TYR A C    7  
ATOM   1258 O O    . TYR A 1 1  ? -0.655 6.803   -3.593 1.00 0.00 ? 1  TYR A O    7  
ATOM   1259 C CB   . TYR A 1 1  ? 2.750  6.814   -4.326 1.00 0.00 ? 1  TYR A CB   7  
ATOM   1260 C CG   . TYR A 1 1  ? 3.360  7.835   -5.288 1.00 0.00 ? 1  TYR A CG   7  
ATOM   1261 C CD1  . TYR A 1 1  ? 3.782  9.061   -4.816 1.00 0.00 ? 1  TYR A CD1  7  
ATOM   1262 C CD2  . TYR A 1 1  ? 3.488  7.530   -6.628 1.00 0.00 ? 1  TYR A CD2  7  
ATOM   1263 C CE1  . TYR A 1 1  ? 4.356  10.022  -5.722 1.00 0.00 ? 1  TYR A CE1  7  
ATOM   1264 C CE2  . TYR A 1 1  ? 4.062  8.491   -7.533 1.00 0.00 ? 1  TYR A CE2  7  
ATOM   1265 C CZ   . TYR A 1 1  ? 4.469  9.690   -7.034 1.00 0.00 ? 1  TYR A CZ   7  
ATOM   1266 O OH   . TYR A 1 1  ? 5.011  10.598  -7.891 1.00 0.00 ? 1  TYR A OH   7  
ATOM   1267 H H1   . TYR A 1 1  ? 2.795  6.737   -1.788 1.00 0.00 ? 1  TYR A H1   7  
ATOM   1268 H HA   . TYR A 1 1  ? 1.303  8.370   -3.724 1.00 0.00 ? 1  TYR A HA   7  
ATOM   1269 H HB3  . TYR A 1 1  ? 2.323  5.994   -4.905 1.00 0.00 ? 1  TYR A HB3  7  
ATOM   1270 H HD1  . TYR A 1 1  ? 3.681  9.302   -3.757 1.00 0.00 ? 1  TYR A HD1  7  
ATOM   1271 H HD2  . TYR A 1 1  ? 3.155  6.562   -7.002 1.00 0.00 ? 1  TYR A HD2  7  
ATOM   1272 H HE1  . TYR A 1 1  ? 4.694  10.994  -5.362 1.00 0.00 ? 1  TYR A HE1  7  
ATOM   1273 H HE2  . TYR A 1 1  ? 4.169  8.264   -8.595 1.00 0.00 ? 1  TYR A HE2  7  
ATOM   1274 H HH   . TYR A 1 1  ? 4.696  11.519  -7.656 1.00 0.00 ? 1  TYR A HH   7  
ATOM   1275 N N    . CYS A 1 2  ? 0.808  5.167   -3.053 1.00 0.00 ? 2  CYS A N    7  
ATOM   1276 C CA   . CYS A 1 2  ? -0.209 4.131   -2.967 1.00 0.00 ? 2  CYS A CA   7  
ATOM   1277 C C    . CYS A 1 2  ? -0.594 3.959   -1.497 1.00 0.00 ? 2  CYS A C    7  
ATOM   1278 O O    . CYS A 1 2  ? -1.761 4.115   -1.136 1.00 0.00 ? 2  CYS A O    7  
ATOM   1279 C CB   . CYS A 1 2  ? 0.267  2.818   -3.591 1.00 0.00 ? 2  CYS A CB   7  
ATOM   1280 S SG   . CYS A 1 2  ? 1.980  2.339   -3.158 1.00 0.00 ? 2  CYS A SG   7  
ATOM   1281 H H    . CYS A 1 2  ? 1.742  4.858   -2.865 1.00 0.00 ? 2  CYS A H    7  
ATOM   1282 H HA   . CYS A 1 2  ? -1.059 4.481   -3.554 1.00 0.00 ? 2  CYS A HA   7  
ATOM   1283 H HB3  . CYS A 1 2  ? 0.189  2.896   -4.675 1.00 0.00 ? 2  CYS A HB3  7  
ATOM   1284 N N    . LYS A 1 3  ? 0.405  3.640   -0.689 1.00 0.00 ? 3  LYS A N    7  
ATOM   1285 C CA   . LYS A 1 3  ? 0.183  3.445   0.733  1.00 0.00 ? 3  LYS A CA   7  
ATOM   1286 C C    . LYS A 1 3  ? -1.116 2.664   0.941  1.00 0.00 ? 3  LYS A C    7  
ATOM   1287 O O    . LYS A 1 3  ? -1.939 3.033   1.778  1.00 0.00 ? 3  LYS A O    7  
ATOM   1288 C CB   . LYS A 1 3  ? 0.221  4.784   1.472  1.00 0.00 ? 3  LYS A CB   7  
ATOM   1289 C CG   . LYS A 1 3  ? 1.663  5.241   1.708  1.00 0.00 ? 3  LYS A CG   7  
ATOM   1290 C CD   . LYS A 1 3  ? 2.380  5.500   0.383  1.00 0.00 ? 3  LYS A CD   7  
ATOM   1291 C CE   . LYS A 1 3  ? 3.351  4.365   0.052  1.00 0.00 ? 3  LYS A CE   7  
ATOM   1292 N NZ   . LYS A 1 3  ? 4.748  4.793   0.281  1.00 0.00 ? 3  LYS A NZ   7  
ATOM   1293 H H    . LYS A 1 3  ? 1.350  3.515   -0.990 1.00 0.00 ? 3  LYS A H    7  
ATOM   1294 H HA   . LYS A 1 3  ? 1.011  2.844   1.114  1.00 0.00 ? 3  LYS A HA   7  
ATOM   1295 H HB3  . LYS A 1 3  ? -0.297 4.693   2.426  1.00 0.00 ? 3  LYS A HB3  7  
ATOM   1296 H HG3  . LYS A 1 3  ? 2.199  4.477   2.273  1.00 0.00 ? 3  LYS A HG3  7  
ATOM   1297 H HD3  . LYS A 1 3  ? 2.925  6.443   0.439  1.00 0.00 ? 3  LYS A HD3  7  
ATOM   1298 H HE3  . LYS A 1 3  ? 3.223  4.061   -0.987 1.00 0.00 ? 3  LYS A HE3  7  
ATOM   1299 H HZ1  . LYS A 1 3  ? 5.060  5.462   -0.416 1.00 0.00 ? 3  LYS A HZ1  7  
ATOM   1300 H HZ2  . LYS A 1 3  ? 4.866  5.235   1.185  1.00 0.00 ? 3  LYS A HZ2  7  
ATOM   1301 N N    . PHE A 1 4  ? -1.260 1.600   0.165  1.00 0.00 ? 4  PHE A N    7  
ATOM   1302 C CA   . PHE A 1 4  ? -2.446 0.765   0.252  1.00 0.00 ? 4  PHE A CA   7  
ATOM   1303 C C    . PHE A 1 4  ? -2.540 -0.182  -0.944 1.00 0.00 ? 4  PHE A C    7  
ATOM   1304 O O    . PHE A 1 4  ? -3.005 0.208   -2.014 1.00 0.00 ? 4  PHE A O    7  
ATOM   1305 C CB   . PHE A 1 4  ? -3.655 1.703   0.242  1.00 0.00 ? 4  PHE A CB   7  
ATOM   1306 C CG   . PHE A 1 4  ? -4.430 1.735   1.560  1.00 0.00 ? 4  PHE A CG   7  
ATOM   1307 C CD1  . PHE A 1 4  ? -5.050 0.614   2.013  1.00 0.00 ? 4  PHE A CD1  7  
ATOM   1308 C CD2  . PHE A 1 4  ? -4.497 2.887   2.282  1.00 0.00 ? 4  PHE A CD2  7  
ATOM   1309 C CE1  . PHE A 1 4  ? -5.770 0.642   3.237  1.00 0.00 ? 4  PHE A CE1  7  
ATOM   1310 C CE2  . PHE A 1 4  ? -5.216 2.918   3.506  1.00 0.00 ? 4  PHE A CE2  7  
ATOM   1311 C CZ   . PHE A 1 4  ? -5.837 1.794   3.958  1.00 0.00 ? 4  PHE A CZ   7  
ATOM   1312 H H    . PHE A 1 4  ? -0.587 1.308   -0.514 1.00 0.00 ? 4  PHE A H    7  
ATOM   1313 H HA   . PHE A 1 4  ? -2.365 0.183   1.170  1.00 0.00 ? 4  PHE A HA   7  
ATOM   1314 H HB3  . PHE A 1 4  ? -4.331 1.399   -0.557 1.00 0.00 ? 4  PHE A HB3  7  
ATOM   1315 H HD1  . PHE A 1 4  ? -4.997 -0.310  1.435  1.00 0.00 ? 4  PHE A HD1  7  
ATOM   1316 H HD2  . PHE A 1 4  ? -4.000 3.786   1.920  1.00 0.00 ? 4  PHE A HD2  7  
ATOM   1317 H HE1  . PHE A 1 4  ? -6.268 -0.256  3.598  1.00 0.00 ? 4  PHE A HE1  7  
ATOM   1318 H HE2  . PHE A 1 4  ? -5.269 3.840   4.084  1.00 0.00 ? 4  PHE A HE2  7  
ATOM   1319 H HZ   . PHE A 1 4  ? -6.389 1.818   4.897  1.00 0.00 ? 4  PHE A HZ   7  
ATOM   1320 N N    . GLU A 1 5  ? -2.089 -1.410  -0.725 1.00 0.00 ? 5  GLU A N    7  
ATOM   1321 C CA   . GLU A 1 5  ? -2.116 -2.416  -1.771 1.00 0.00 ? 5  GLU A CA   7  
ATOM   1322 C C    . GLU A 1 5  ? -3.064 -3.554  -1.389 1.00 0.00 ? 5  GLU A C    7  
ATOM   1323 O O    . GLU A 1 5  ? -3.056 -4.611  -2.019 1.00 0.00 ? 5  GLU A O    7  
ATOM   1324 C CB   . GLU A 1 5  ? -0.709 -2.945  -2.060 1.00 0.00 ? 5  GLU A CB   7  
ATOM   1325 C CG   . GLU A 1 5  ? -0.330 -4.057  -1.079 1.00 0.00 ? 5  GLU A CG   7  
ATOM   1326 C CD   . GLU A 1 5  ? 1.074  -4.590  -1.370 1.00 0.00 ? 5  GLU A CD   7  
ATOM   1327 O OE1  . GLU A 1 5  ? 1.400  -4.869  -2.534 1.00 0.00 ? 5  GLU A OE1  7  
ATOM   1328 H H    . GLU A 1 5  ? -1.712 -1.718  0.149  1.00 0.00 ? 5  GLU A H    7  
ATOM   1329 H HA   . GLU A 1 5  ? -2.493 -1.902  -2.657 1.00 0.00 ? 5  GLU A HA   7  
ATOM   1330 H HB2  . GLU A 1 5  ? -0.663 -3.324  -3.079 1.00 0.00 ? 5  GLU A HB2  7  
ATOM   1331 H HB3  . GLU A 1 5  ? 0.010  -2.131  -1.989 1.00 0.00 ? 5  GLU A HB3  7  
ATOM   1332 H HG2  . GLU A 1 5  ? -0.374 -3.675  -0.058 1.00 0.00 ? 5  GLU A HG2  7  
ATOM   1333 H HG3  . GLU A 1 5  ? -1.054 -4.869  -1.146 1.00 0.00 ? 5  GLU A HG3  7  
HETATM 1334 N N    . DTR A 1 6  ? -3.858 -3.301  -0.359 1.00 0.00 ? 6  DTR A N    7  
HETATM 1335 C CA   . DTR A 1 6  ? -4.807 -4.291  0.115  1.00 0.00 ? 6  DTR A CA   7  
HETATM 1336 C CB   . DTR A 1 6  ? -6.207 -3.838  -0.307 1.00 0.00 ? 6  DTR A CB   7  
HETATM 1337 C CG   . DTR A 1 6  ? -6.233 -3.030  -1.606 1.00 0.00 ? 6  DTR A CG   7  
HETATM 1338 C CD1  . DTR A 1 6  ? -6.662 -1.774  -1.790 1.00 0.00 ? 6  DTR A CD1  7  
HETATM 1339 N NE1  . DTR A 1 6  ? -6.530 -1.383  -3.106 1.00 0.00 ? 6  DTR A NE1  7  
HETATM 1340 C CE2  . DTR A 1 6  ? -5.985 -2.451  -3.806 1.00 0.00 ? 6  DTR A CE2  7  
HETATM 1341 C CZ2  . DTR A 1 6  ? -5.661 -2.552  -5.165 1.00 0.00 ? 6  DTR A CZ2  7  
HETATM 1342 C CH2  . DTR A 1 6  ? -5.118 -3.771  -5.586 1.00 0.00 ? 6  DTR A CH2  7  
HETATM 1343 C CZ3  . DTR A 1 6  ? -4.930 -4.796  -4.669 1.00 0.00 ? 6  DTR A CZ3  7  
HETATM 1344 C CE3  . DTR A 1 6  ? -5.248 -4.712  -3.308 1.00 0.00 ? 6  DTR A CE3  7  
HETATM 1345 C CD2  . DTR A 1 6  ? -5.793 -3.479  -2.906 1.00 0.00 ? 6  DTR A CD2  7  
HETATM 1346 C C    . DTR A 1 6  ? -4.714 -4.345  1.640  1.00 0.00 ? 6  DTR A C    7  
HETATM 1347 O O    . DTR A 1 6  ? -5.605 -3.862  2.339  1.00 0.00 ? 6  DTR A O    7  
HETATM 1348 H H    . DTR A 1 6  ? -3.857 -2.439  0.147  1.00 0.00 ? 6  DTR A H    7  
HETATM 1349 H HA   . DTR A 1 6  ? -4.633 -5.259  -0.356 1.00 0.00 ? 6  DTR A HA   7  
HETATM 1350 H HB2  . DTR A 1 6  ? -6.844 -4.715  -0.424 1.00 0.00 ? 6  DTR A HB2  7  
HETATM 1351 H HB3  . DTR A 1 6  ? -6.639 -3.235  0.490  1.00 0.00 ? 6  DTR A HB3  7  
HETATM 1352 H HD1  . DTR A 1 6  ? -7.064 -1.142  -0.998 1.00 0.00 ? 6  DTR A HD1  7  
HETATM 1353 H HE1  . DTR A 1 6  ? -6.803 -0.411  -3.520 1.00 0.00 ? 6  DTR A HE1  7  
HETATM 1354 H HZ2  . DTR A 1 6  ? -5.823 -1.724  -5.855 1.00 0.00 ? 6  DTR A HZ2  7  
HETATM 1355 H HH2  . DTR A 1 6  ? -4.844 -3.915  -6.633 1.00 0.00 ? 6  DTR A HH2  7  
HETATM 1356 H HZ3  . DTR A 1 6  ? -4.505 -5.732  -5.032 1.00 0.00 ? 6  DTR A HZ3  7  
HETATM 1357 H HE3  . DTR A 1 6  ? -5.087 -5.539  -2.616 1.00 0.00 ? 6  DTR A HE3  7  
HETATM 1358 N N    . IAM A 1 7  ? -3.627 -4.937  2.115  1.00 0.00 ? 7  IAM A N    7  
HETATM 1359 C CA   . IAM A 1 7  ? -3.407 -5.061  3.547  1.00 0.00 ? 7  IAM A CA   7  
HETATM 1360 C CB   . IAM A 1 7  ? -2.133 -5.889  3.732  1.00 0.00 ? 7  IAM A CB   7  
HETATM 1361 C CG   . IAM A 1 7  ? -1.552 -5.827  5.145  1.00 0.00 ? 7  IAM A CG   7  
HETATM 1362 C CD1  . IAM A 1 7  ? -2.205 -6.427  6.176  1.00 0.00 ? 7  IAM A CD1  7  
HETATM 1363 C CE1  . IAM A 1 7  ? -1.665 -6.369  7.488  1.00 0.00 ? 7  IAM A CE1  7  
HETATM 1364 C CZ   . IAM A 1 7  ? -0.497 -5.714  7.714  1.00 0.00 ? 7  IAM A CZ   7  
HETATM 1365 C CE2  . IAM A 1 7  ? 0.158  -5.116  6.684  1.00 0.00 ? 7  IAM A CE2  7  
HETATM 1366 C CD2  . IAM A 1 7  ? -0.382 -5.172  5.370  1.00 0.00 ? 7  IAM A CD2  7  
HETATM 1367 C CT   . IAM A 1 7  ? 0.091  -5.654  9.136  1.00 0.00 ? 7  IAM A CT   7  
HETATM 1368 N NH   . IAM A 1 7  ? 1.424  -6.293  9.143  1.00 0.00 ? 7  IAM A NH   7  
HETATM 1369 C CI   . IAM A 1 7  ? 2.639  -5.474  8.934  1.00 0.00 ? 7  IAM A CI   7  
HETATM 1370 C CK1  . IAM A 1 7  ? 3.663  -6.276  8.111  1.00 0.00 ? 7  IAM A CK1  7  
HETATM 1371 C CK2  . IAM A 1 7  ? 3.258  -5.082  10.286 1.00 0.00 ? 7  IAM A CK2  7  
HETATM 1372 C C    . IAM A 1 7  ? -3.206 -3.689  4.189  1.00 0.00 ? 7  IAM A C    7  
HETATM 1373 O O    . IAM A 1 7  ? -3.972 -3.292  5.068  1.00 0.00 ? 7  IAM A O    7  
HETATM 1374 H H    . IAM A 1 7  ? -2.909 -5.328  1.541  1.00 0.00 ? 7  IAM A H    7  
HETATM 1375 H HA   . IAM A 1 7  ? -4.292 -5.534  3.971  1.00 0.00 ? 7  IAM A HA   7  
HETATM 1376 H HB   . IAM A 1 7  ? -2.349 -6.927  3.484  1.00 0.00 ? 7  IAM A HB   7  
HETATM 1377 H HB1  . IAM A 1 7  ? -1.379 -5.541  3.025  1.00 0.00 ? 7  IAM A HB1  7  
HETATM 1378 H HD1  . IAM A 1 7  ? -3.144 -6.951  5.995  1.00 0.00 ? 7  IAM A HD1  7  
HETATM 1379 H HE1  . IAM A 1 7  ? -2.188 -6.851  8.316  1.00 0.00 ? 7  IAM A HE1  7  
HETATM 1380 H HE2  . IAM A 1 7  ? 1.098  -4.591  6.865  1.00 0.00 ? 7  IAM A HE2  7  
HETATM 1381 H HD2  . IAM A 1 7  ? 0.142  -4.692  4.546  1.00 0.00 ? 7  IAM A HD2  7  
HETATM 1382 H HT1  . IAM A 1 7  ? -0.559 -6.172  9.813  1.00 0.00 ? 7  IAM A HT1  7  
HETATM 1383 H HT2  . IAM A 1 7  ? 0.183  -4.632  9.442  1.00 0.00 ? 7  IAM A HT2  7  
HETATM 1384 H HH   . IAM A 1 7  ? 1.508  -7.308  9.299  1.00 0.00 ? 7  IAM A HH   7  
HETATM 1385 H HI   . IAM A 1 7  ? 2.378  -4.581  8.404  1.00 0.00 ? 7  IAM A HI   7  
HETATM 1386 H HK11 . IAM A 1 7  ? 3.936  -7.162  8.646  1.00 0.00 ? 7  IAM A HK11 7  
HETATM 1387 H HK12 . IAM A 1 7  ? 3.231  -6.549  7.170  1.00 0.00 ? 7  IAM A HK12 7  
HETATM 1388 H HK13 . IAM A 1 7  ? 4.535  -5.679  7.942  1.00 0.00 ? 7  IAM A HK13 7  
HETATM 1389 H HK21 . IAM A 1 7  ? 2.645  -4.342  10.759 1.00 0.00 ? 7  IAM A HK21 7  
HETATM 1390 H HK22 . IAM A 1 7  ? 3.323  -5.945  10.913 1.00 0.00 ? 7  IAM A HK22 7  
HETATM 1391 H HK23 . IAM A 1 7  ? 4.239  -4.681  10.128 1.00 0.00 ? 7  IAM A HK23 7  
ATOM   1392 N N    . THR A 1 8  ? -2.173 -2.998  3.728  1.00 0.00 ? 8  THR A N    7  
ATOM   1393 C CA   . THR A 1 8  ? -1.864 -1.677  4.248  1.00 0.00 ? 8  THR A CA   7  
ATOM   1394 C C    . THR A 1 8  ? -0.719 -1.045  3.452  1.00 0.00 ? 8  THR A C    7  
ATOM   1395 O O    . THR A 1 8  ? -0.230 -1.632  2.488  1.00 0.00 ? 8  THR A O    7  
ATOM   1396 C CB   . THR A 1 8  ? -1.560 -1.815  5.740  1.00 0.00 ? 8  THR A CB   7  
ATOM   1397 O OG1  . THR A 1 8  ? -2.305 -0.761  6.346  1.00 0.00 ? 8  THR A OG1  7  
ATOM   1398 C CG2  . THR A 1 8  ? -0.105 -1.485  6.076  1.00 0.00 ? 8  THR A CG2  7  
ATOM   1399 H H    . THR A 1 8  ? -1.557 -3.326  3.014  1.00 0.00 ? 8  THR A H    7  
ATOM   1400 H HA   . THR A 1 8  ? -2.737 -1.041  4.110  1.00 0.00 ? 8  THR A HA   7  
ATOM   1401 H HB   . THR A 1 8  ? -1.827 -2.808  6.102  1.00 0.00 ? 8  THR A HB   7  
ATOM   1402 H HG1  . THR A 1 8  ? -2.184 0.084   5.825  1.00 0.00 ? 8  THR A HG1  7  
ATOM   1403 H HG21 . THR A 1 8  ? 0.016  -0.404  6.142  1.00 0.00 ? 8  THR A HG21 7  
ATOM   1404 H HG22 . THR A 1 8  ? 0.159  -1.937  7.033  1.00 0.00 ? 8  THR A HG22 7  
ATOM   1405 H HG23 . THR A 1 8  ? 0.547  -1.879  5.296  1.00 0.00 ? 8  THR A HG23 7  
ATOM   1406 N N    . PHE A 1 9  ? -0.325 0.142   3.885  1.00 0.00 ? 9  PHE A N    7  
ATOM   1407 C CA   . PHE A 1 9  ? 0.751  0.860   3.226  1.00 0.00 ? 9  PHE A CA   7  
ATOM   1408 C C    . PHE A 1 9  ? 1.971  -0.045  3.024  1.00 0.00 ? 9  PHE A C    7  
ATOM   1409 O O    . PHE A 1 9  ? 2.839  -0.124  3.892  1.00 0.00 ? 9  PHE A O    7  
ATOM   1410 C CB   . PHE A 1 9  ? 1.141  2.023   4.139  1.00 0.00 ? 9  PHE A CB   7  
ATOM   1411 C CG   . PHE A 1 9  ? 2.584  2.499   3.963  1.00 0.00 ? 9  PHE A CG   7  
ATOM   1412 C CD1  . PHE A 1 9  ? 3.188  2.402   2.749  1.00 0.00 ? 9  PHE A CD1  7  
ATOM   1413 C CD2  . PHE A 1 9  ? 3.264  3.016   5.022  1.00 0.00 ? 9  PHE A CD2  7  
ATOM   1414 C CE1  . PHE A 1 9  ? 4.528  2.844   2.584  1.00 0.00 ? 9  PHE A CE1  7  
ATOM   1415 C CE2  . PHE A 1 9  ? 4.605  3.457   4.857  1.00 0.00 ? 9  PHE A CE2  7  
ATOM   1416 C CZ   . PHE A 1 9  ? 5.207  3.362   3.643  1.00 0.00 ? 9  PHE A CZ   7  
ATOM   1417 H H    . PHE A 1 9  ? -0.727 0.614   4.671  1.00 0.00 ? 9  PHE A H    7  
ATOM   1418 H HA   . PHE A 1 9  ? 0.378  1.183   2.253  1.00 0.00 ? 9  PHE A HA   7  
ATOM   1419 H HB3  . PHE A 1 9  ? 0.993  1.722   5.178  1.00 0.00 ? 9  PHE A HB3  7  
ATOM   1420 H HD1  . PHE A 1 9  ? 2.643  1.989   1.900  1.00 0.00 ? 9  PHE A HD1  7  
ATOM   1421 H HD2  . PHE A 1 9  ? 2.780  3.093   5.995  1.00 0.00 ? 9  PHE A HD2  7  
ATOM   1422 H HE1  . PHE A 1 9  ? 5.012  2.767   1.610  1.00 0.00 ? 9  PHE A HE1  7  
ATOM   1423 H HE2  . PHE A 1 9  ? 5.150  3.871   5.706  1.00 0.00 ? 9  PHE A HE2  7  
ATOM   1424 H HZ   . PHE A 1 9  ? 6.236  3.699   3.517  1.00 0.00 ? 9  PHE A HZ   7  
ATOM   1425 N N    . LYS A 1 10 ? 1.996  -0.701  1.874  1.00 0.00 ? 10 LYS A N    7  
ATOM   1426 C CA   . LYS A 1 10 ? 3.094  -1.596  1.549  1.00 0.00 ? 10 LYS A CA   7  
ATOM   1427 C C    . LYS A 1 10 ? 3.038  -1.943  0.060  1.00 0.00 ? 10 LYS A C    7  
ATOM   1428 O O    . LYS A 1 10 ? 2.477  -2.967  -0.323 1.00 0.00 ? 10 LYS A O    7  
ATOM   1429 C CB   . LYS A 1 10 ? 3.076  -2.821  2.465  1.00 0.00 ? 10 LYS A CB   7  
ATOM   1430 C CG   . LYS A 1 10 ? 1.682  -3.450  2.514  1.00 0.00 ? 10 LYS A CG   7  
ATOM   1431 C CD   . LYS A 1 10 ? 1.771  -4.977  2.569  1.00 0.00 ? 10 LYS A CD   7  
ATOM   1432 C CE   . LYS A 1 10 ? 2.289  -5.545  1.246  1.00 0.00 ? 10 LYS A CE   7  
ATOM   1433 N NZ   . LYS A 1 10 ? 1.163  -5.818  0.324  1.00 0.00 ? 10 LYS A NZ   7  
ATOM   1434 H H    . LYS A 1 10 ? 1.287  -0.631  1.174  1.00 0.00 ? 10 LYS A H    7  
ATOM   1435 H HA   . LYS A 1 10 ? 4.022  -1.060  1.744  1.00 0.00 ? 10 LYS A HA   7  
ATOM   1436 H HB2  . LYS A 1 10 ? 3.798  -3.555  2.112  1.00 0.00 ? 10 LYS A HB2  7  
ATOM   1437 H HB3  . LYS A 1 10 ? 3.384  -2.532  3.469  1.00 0.00 ? 10 LYS A HB3  7  
ATOM   1438 H HG2  . LYS A 1 10 ? 1.144  -3.081  3.388  1.00 0.00 ? 10 LYS A HG2  7  
ATOM   1439 H HG3  . LYS A 1 10 ? 1.113  -3.147  1.637  1.00 0.00 ? 10 LYS A HG3  7  
ATOM   1440 H HD2  . LYS A 1 10 ? 2.434  -5.276  3.381  1.00 0.00 ? 10 LYS A HD2  7  
ATOM   1441 H HD3  . LYS A 1 10 ? 0.790  -5.394  2.789  1.00 0.00 ? 10 LYS A HD3  7  
ATOM   1442 H HE2  . LYS A 1 10 ? 2.979  -4.837  0.785  1.00 0.00 ? 10 LYS A HE2  7  
ATOM   1443 H HE3  . LYS A 1 10 ? 2.847  -6.461  1.429  1.00 0.00 ? 10 LYS A HE3  7  
ATOM   1444 H HZ1  . LYS A 1 10 ? 1.454  -6.360  -0.481 1.00 0.00 ? 10 LYS A HZ1  7  
ATOM   1445 N N    . SER A 1 11 ? 3.629  -1.067  -0.741 1.00 0.00 ? 11 SER A N    7  
ATOM   1446 C CA   . SER A 1 11 ? 3.654  -1.269  -2.180 1.00 0.00 ? 11 SER A CA   7  
ATOM   1447 C C    . SER A 1 11 ? 4.621  -0.277  -2.830 1.00 0.00 ? 11 SER A C    7  
ATOM   1448 O O    . SER A 1 11 ? 5.446  -0.661  -3.659 1.00 0.00 ? 11 SER A O    7  
ATOM   1449 C CB   . SER A 1 11 ? 2.257  -1.117  -2.782 1.00 0.00 ? 11 SER A CB   7  
ATOM   1450 O OG   . SER A 1 11 ? 1.791  -2.330  -3.365 1.00 0.00 ? 11 SER A OG   7  
ATOM   1451 H H    . SER A 1 11 ? 4.085  -0.237  -0.422 1.00 0.00 ? 11 SER A H    7  
ATOM   1452 H HA   . SER A 1 11 ? 4.002  -2.291  -2.322 1.00 0.00 ? 11 SER A HA   7  
ATOM   1453 H HB3  . SER A 1 11 ? 2.271  -0.333  -3.539 1.00 0.00 ? 11 SER A HB3  7  
ATOM   1454 H HG   . SER A 1 11 ? 1.437  -2.155  -4.284 1.00 0.00 ? 11 SER A HG   7  
ATOM   1455 N N    . CYS A 1 12 ? 4.491  0.978   -2.428 1.00 0.00 ? 12 CYS A N    7  
ATOM   1456 C CA   . CYS A 1 12 ? 5.344  2.027   -2.959 1.00 0.00 ? 12 CYS A CA   7  
ATOM   1457 C C    . CYS A 1 12 ? 5.406  3.163   -1.936 1.00 0.00 ? 12 CYS A C    7  
ATOM   1458 O O    . CYS A 1 12 ? 6.074  3.040   -0.911 1.00 0.00 ? 12 CYS A O    7  
ATOM   1459 C CB   . CYS A 1 12 ? 4.853  2.517   -4.324 1.00 0.00 ? 12 CYS A CB   7  
ATOM   1460 S SG   . CYS A 1 12 ? 3.241  3.380   -4.297 1.00 0.00 ? 12 CYS A SG   7  
ATOM   1461 H H    . CYS A 1 12 ? 3.819  1.282   -1.755 1.00 0.00 ? 12 CYS A H    7  
ATOM   1462 H HA   . CYS A 1 12 ? 6.329  1.584   -3.109 1.00 0.00 ? 12 CYS A HA   7  
ATOM   1463 H HB3  . CYS A 1 12 ? 4.781  1.661   -4.998 1.00 0.00 ? 12 CYS A HB3  7  
ATOM   1464 N N    . TYR A 1 1  ? 4.930  6.011   -4.614 1.00 0.00 ? 1  TYR A N    8  
ATOM   1465 C CA   . TYR A 1 1  ? 4.242  5.484   -3.447 1.00 0.00 ? 1  TYR A CA   8  
ATOM   1466 C C    . TYR A 1 1  ? 2.800  5.106   -3.785 1.00 0.00 ? 1  TYR A C    8  
ATOM   1467 O O    . TYR A 1 1  ? 2.078  5.885   -4.403 1.00 0.00 ? 1  TYR A O    8  
ATOM   1468 C CB   . TYR A 1 1  ? 4.234  6.615   -2.417 1.00 0.00 ? 1  TYR A CB   8  
ATOM   1469 C CG   . TYR A 1 1  ? 3.588  7.908   -2.917 1.00 0.00 ? 1  TYR A CG   8  
ATOM   1470 C CD1  . TYR A 1 1  ? 2.234  8.117   -2.741 1.00 0.00 ? 1  TYR A CD1  8  
ATOM   1471 C CD2  . TYR A 1 1  ? 4.357  8.866   -3.545 1.00 0.00 ? 1  TYR A CD2  8  
ATOM   1472 C CE1  . TYR A 1 1  ? 1.627  9.333   -3.213 1.00 0.00 ? 1  TYR A CE1  8  
ATOM   1473 C CE2  . TYR A 1 1  ? 3.751  10.084  -4.017 1.00 0.00 ? 1  TYR A CE2  8  
ATOM   1474 C CZ   . TYR A 1 1  ? 2.415  10.257  -3.827 1.00 0.00 ? 1  TYR A CZ   8  
ATOM   1475 O OH   . TYR A 1 1  ? 1.840  11.406  -4.272 1.00 0.00 ? 1  TYR A OH   8  
ATOM   1476 H H1   . TYR A 1 1  ? 4.842  5.458   -5.442 1.00 0.00 ? 1  TYR A H1   8  
ATOM   1477 H HA   . TYR A 1 1  ? 4.777  4.592   -3.116 1.00 0.00 ? 1  TYR A HA   8  
ATOM   1478 H HB3  . TYR A 1 1  ? 5.261  6.826   -2.115 1.00 0.00 ? 1  TYR A HB3  8  
ATOM   1479 H HD1  . TYR A 1 1  ? 1.627  7.361   -2.244 1.00 0.00 ? 1  TYR A HD1  8  
ATOM   1480 H HD2  . TYR A 1 1  ? 5.426  8.700   -3.686 1.00 0.00 ? 1  TYR A HD2  8  
ATOM   1481 H HE1  . TYR A 1 1  ? 0.561  9.512   -3.079 1.00 0.00 ? 1  TYR A HE1  8  
ATOM   1482 H HE2  . TYR A 1 1  ? 4.346  10.846  -4.515 1.00 0.00 ? 1  TYR A HE2  8  
ATOM   1483 H HH   . TYR A 1 1  ? 2.518  11.962  -4.754 1.00 0.00 ? 1  TYR A HH   8  
ATOM   1484 N N    . CYS A 1 2  ? 2.422  3.907   -3.362 1.00 0.00 ? 2  CYS A N    8  
ATOM   1485 C CA   . CYS A 1 2  ? 1.077  3.416   -3.613 1.00 0.00 ? 2  CYS A CA   8  
ATOM   1486 C C    . CYS A 1 2  ? 0.248  3.621   -2.343 1.00 0.00 ? 2  CYS A C    8  
ATOM   1487 O O    . CYS A 1 2  ? -0.739 4.358   -2.353 1.00 0.00 ? 2  CYS A O    8  
ATOM   1488 C CB   . CYS A 1 2  ? 1.083  1.954   -4.059 1.00 0.00 ? 2  CYS A CB   8  
ATOM   1489 S SG   . CYS A 1 2  ? 1.776  1.664   -5.728 1.00 0.00 ? 2  CYS A SG   8  
ATOM   1490 H H    . CYS A 1 2  ? 3.014  3.279   -2.858 1.00 0.00 ? 2  CYS A H    8  
ATOM   1491 H HA   . CYS A 1 2  ? 0.677  4.006   -4.435 1.00 0.00 ? 2  CYS A HA   8  
ATOM   1492 H HB3  . CYS A 1 2  ? 0.061  1.576   -4.036 1.00 0.00 ? 2  CYS A HB3  8  
ATOM   1493 N N    . LYS A 1 3  ? 0.676  2.958   -1.279 1.00 0.00 ? 3  LYS A N    8  
ATOM   1494 C CA   . LYS A 1 3  ? -0.013 3.059   -0.004 1.00 0.00 ? 3  LYS A CA   8  
ATOM   1495 C C    . LYS A 1 3  ? -1.438 2.521   -0.158 1.00 0.00 ? 3  LYS A C    8  
ATOM   1496 O O    . LYS A 1 3  ? -2.098 2.778   -1.163 1.00 0.00 ? 3  LYS A O    8  
ATOM   1497 C CB   . LYS A 1 3  ? 0.049  4.492   0.527  1.00 0.00 ? 3  LYS A CB   8  
ATOM   1498 C CG   . LYS A 1 3  ? -1.313 5.181   0.406  1.00 0.00 ? 3  LYS A CG   8  
ATOM   1499 C CD   . LYS A 1 3  ? -2.199 4.859   1.611  1.00 0.00 ? 3  LYS A CD   8  
ATOM   1500 C CE   . LYS A 1 3  ? -1.887 5.791   2.784  1.00 0.00 ? 3  LYS A CE   8  
ATOM   1501 N NZ   . LYS A 1 3  ? -3.096 6.553   3.175  1.00 0.00 ? 3  LYS A NZ   8  
ATOM   1502 H H    . LYS A 1 3  ? 1.481  2.362   -1.279 1.00 0.00 ? 3  LYS A H    8  
ATOM   1503 H HA   . LYS A 1 3  ? 0.520  2.428   0.707  1.00 0.00 ? 3  LYS A HA   8  
ATOM   1504 H HB3  . LYS A 1 3  ? 0.796  5.058   -0.028 1.00 0.00 ? 3  LYS A HB3  8  
ATOM   1505 H HG3  . LYS A 1 3  ? -1.808 4.859   -0.510 1.00 0.00 ? 3  LYS A HG3  8  
ATOM   1506 H HD3  . LYS A 1 3  ? -2.045 3.823   1.913  1.00 0.00 ? 3  LYS A HD3  8  
ATOM   1507 H HE3  . LYS A 1 3  ? -1.090 6.479   2.509  1.00 0.00 ? 3  LYS A HE3  8  
ATOM   1508 H HZ1  . LYS A 1 3  ? -3.274 6.498   4.171  1.00 0.00 ? 3  LYS A HZ1  8  
ATOM   1509 H HZ2  . LYS A 1 3  ? -3.014 7.536   2.944  1.00 0.00 ? 3  LYS A HZ2  8  
ATOM   1510 N N    . PHE A 1 4  ? -1.870 1.785   0.855  1.00 0.00 ? 4  PHE A N    8  
ATOM   1511 C CA   . PHE A 1 4  ? -3.205 1.209   0.846  1.00 0.00 ? 4  PHE A CA   8  
ATOM   1512 C C    . PHE A 1 4  ? -3.418 0.340   -0.396 1.00 0.00 ? 4  PHE A C    8  
ATOM   1513 O O    . PHE A 1 4  ? -3.965 0.802   -1.394 1.00 0.00 ? 4  PHE A O    8  
ATOM   1514 C CB   . PHE A 1 4  ? -4.195 2.375   0.814  1.00 0.00 ? 4  PHE A CB   8  
ATOM   1515 C CG   . PHE A 1 4  ? -4.735 2.767   2.190  1.00 0.00 ? 4  PHE A CG   8  
ATOM   1516 C CD1  . PHE A 1 4  ? -4.001 2.517   3.308  1.00 0.00 ? 4  PHE A CD1  8  
ATOM   1517 C CD2  . PHE A 1 4  ? -5.951 3.371   2.297  1.00 0.00 ? 4  PHE A CD2  8  
ATOM   1518 C CE1  . PHE A 1 4  ? -4.503 2.883   4.584  1.00 0.00 ? 4  PHE A CE1  8  
ATOM   1519 C CE2  . PHE A 1 4  ? -6.452 3.738   3.575  1.00 0.00 ? 4  PHE A CE2  8  
ATOM   1520 C CZ   . PHE A 1 4  ? -5.716 3.485   4.691  1.00 0.00 ? 4  PHE A CZ   8  
ATOM   1521 H H    . PHE A 1 4  ? -1.327 1.580   1.670  1.00 0.00 ? 4  PHE A H    8  
ATOM   1522 H HA   . PHE A 1 4  ? -3.297 0.591   1.738  1.00 0.00 ? 4  PHE A HA   8  
ATOM   1523 H HB3  . PHE A 1 4  ? -5.033 2.109   0.169  1.00 0.00 ? 4  PHE A HB3  8  
ATOM   1524 H HD1  . PHE A 1 4  ? -3.027 2.034   3.222  1.00 0.00 ? 4  PHE A HD1  8  
ATOM   1525 H HD2  . PHE A 1 4  ? -6.538 3.572   1.401  1.00 0.00 ? 4  PHE A HD2  8  
ATOM   1526 H HE1  . PHE A 1 4  ? -3.914 2.682   5.479  1.00 0.00 ? 4  PHE A HE1  8  
ATOM   1527 H HE2  . PHE A 1 4  ? -7.425 4.219   3.659  1.00 0.00 ? 4  PHE A HE2  8  
ATOM   1528 H HZ   . PHE A 1 4  ? -6.101 3.765   5.671  1.00 0.00 ? 4  PHE A HZ   8  
ATOM   1529 N N    . GLU A 1 5  ? -2.973 -0.905  -0.292 1.00 0.00 ? 5  GLU A N    8  
ATOM   1530 C CA   . GLU A 1 5  ? -3.108 -1.841  -1.393 1.00 0.00 ? 5  GLU A CA   8  
ATOM   1531 C C    . GLU A 1 5  ? -4.206 -2.864  -1.090 1.00 0.00 ? 5  GLU A C    8  
ATOM   1532 O O    . GLU A 1 5  ? -4.656 -3.580  -1.983 1.00 0.00 ? 5  GLU A O    8  
ATOM   1533 C CB   . GLU A 1 5  ? -1.778 -2.537  -1.687 1.00 0.00 ? 5  GLU A CB   8  
ATOM   1534 C CG   . GLU A 1 5  ? -0.599 -1.599  -1.430 1.00 0.00 ? 5  GLU A CG   8  
ATOM   1535 C CD   . GLU A 1 5  ? 0.692  -2.159  -2.032 1.00 0.00 ? 5  GLU A CD   8  
ATOM   1536 O OE1  . GLU A 1 5  ? 1.568  -1.389  -2.450 1.00 0.00 ? 5  GLU A OE1  8  
ATOM   1537 H H    . GLU A 1 5  ? -2.529 -1.272  0.524  1.00 0.00 ? 5  GLU A H    8  
ATOM   1538 H HA   . GLU A 1 5  ? -3.394 -1.238  -2.255 1.00 0.00 ? 5  GLU A HA   8  
ATOM   1539 H HB2  . GLU A 1 5  ? -1.683 -3.427  -1.064 1.00 0.00 ? 5  GLU A HB2  8  
ATOM   1540 H HB3  . GLU A 1 5  ? -1.760 -2.874  -2.725 1.00 0.00 ? 5  GLU A HB3  8  
ATOM   1541 H HG2  . GLU A 1 5  ? -0.809 -0.619  -1.862 1.00 0.00 ? 5  GLU A HG2  8  
ATOM   1542 H HG3  . GLU A 1 5  ? -0.472 -1.454  -0.358 1.00 0.00 ? 5  GLU A HG3  8  
HETATM 1543 N N    . DTR A 1 6  ? -4.606 -2.896  0.172  1.00 0.00 ? 6  DTR A N    8  
HETATM 1544 C CA   . DTR A 1 6  ? -5.643 -3.817  0.605  1.00 0.00 ? 6  DTR A CA   8  
HETATM 1545 C CB   . DTR A 1 6  ? -6.853 -2.988  1.042  1.00 0.00 ? 6  DTR A CB   8  
HETATM 1546 C CG   . DTR A 1 6  ? -6.892 -1.582  0.443  1.00 0.00 ? 6  DTR A CG   8  
HETATM 1547 C CD1  . DTR A 1 6  ? -6.922 -0.409  1.091  1.00 0.00 ? 6  DTR A CD1  8  
HETATM 1548 N NE1  . DTR A 1 6  ? -6.953 0.655   0.213  1.00 0.00 ? 6  DTR A NE1  8  
HETATM 1549 C CE2  . DTR A 1 6  ? -6.941 0.132   -1.074 1.00 0.00 ? 6  DTR A CE2  8  
HETATM 1550 C CZ2  . DTR A 1 6  ? -6.961 0.798   -2.304 1.00 0.00 ? 6  DTR A CZ2  8  
HETATM 1551 C CH2  . DTR A 1 6  ? -6.942 -0.006  -3.451 1.00 0.00 ? 6  DTR A CH2  8  
HETATM 1552 C CZ3  . DTR A 1 6  ? -6.906 -1.388  -3.318 1.00 0.00 ? 6  DTR A CZ3  8  
HETATM 1553 C CE3  . DTR A 1 6  ? -6.885 -2.070  -2.096 1.00 0.00 ? 6  DTR A CE3  8  
HETATM 1554 C CD2  . DTR A 1 6  ? -6.905 -1.243  -0.960 1.00 0.00 ? 6  DTR A CD2  8  
HETATM 1555 C C    . DTR A 1 6  ? -5.103 -4.617  1.791  1.00 0.00 ? 6  DTR A C    8  
HETATM 1556 O O    . DTR A 1 6  ? -5.827 -4.882  2.750  1.00 0.00 ? 6  DTR A O    8  
HETATM 1557 H H    . DTR A 1 6  ? -4.236 -2.308  0.893  1.00 0.00 ? 6  DTR A H    8  
HETATM 1558 H HA   . DTR A 1 6  ? -5.973 -4.450  -0.221 1.00 0.00 ? 6  DTR A HA   8  
HETATM 1559 H HB2  . DTR A 1 6  ? -7.764 -3.518  0.759  1.00 0.00 ? 6  DTR A HB2  8  
HETATM 1560 H HB3  . DTR A 1 6  ? -6.854 -2.911  2.128  1.00 0.00 ? 6  DTR A HB3  8  
HETATM 1561 H HD1  . DTR A 1 6  ? -6.922 -0.309  2.177  1.00 0.00 ? 6  DTR A HD1  8  
HETATM 1562 H HE1  . DTR A 1 6  ? -6.980 1.712   0.481  1.00 0.00 ? 6  DTR A HE1  8  
HETATM 1563 H HZ2  . DTR A 1 6  ? -6.990 1.887   -2.368 1.00 0.00 ? 6  DTR A HZ2  8  
HETATM 1564 H HH2  . DTR A 1 6  ? -6.957 0.449   -4.439 1.00 0.00 ? 6  DTR A HH2  8  
HETATM 1565 H HZ3  . DTR A 1 6  ? -6.891 -1.985  -4.231 1.00 0.00 ? 6  DTR A HZ3  8  
HETATM 1566 H HE3  . DTR A 1 6  ? -6.856 -3.158  -2.032 1.00 0.00 ? 6  DTR A HE3  8  
HETATM 1567 N N    . IAM A 1 7  ? -3.830 -4.978  1.690  1.00 0.00 ? 7  IAM A N    8  
HETATM 1568 C CA   . IAM A 1 7  ? -3.181 -5.740  2.743  1.00 0.00 ? 7  IAM A CA   8  
HETATM 1569 C CB   . IAM A 1 7  ? -1.976 -6.439  2.111  1.00 0.00 ? 7  IAM A CB   8  
HETATM 1570 C CG   . IAM A 1 7  ? -0.873 -6.796  3.109  1.00 0.00 ? 7  IAM A CG   8  
HETATM 1571 C CD1  . IAM A 1 7  ? 0.232  -6.010  3.212  1.00 0.00 ? 7  IAM A CD1  8  
HETATM 1572 C CE1  . IAM A 1 7  ? 1.255  -6.343  4.138  1.00 0.00 ? 7  IAM A CE1  8  
HETATM 1573 C CZ   . IAM A 1 7  ? 1.131  -7.450  4.920  1.00 0.00 ? 7  IAM A CZ   8  
HETATM 1574 C CE2  . IAM A 1 7  ? 0.027  -8.234  4.818  1.00 0.00 ? 7  IAM A CE2  8  
HETATM 1575 C CD2  . IAM A 1 7  ? -0.996 -7.902  3.891  1.00 0.00 ? 7  IAM A CD2  8  
HETATM 1576 C CT   . IAM A 1 7  ? 2.242  -7.808  5.926  1.00 0.00 ? 7  IAM A CT   8  
HETATM 1577 N NH   . IAM A 1 7  ? 3.410  -8.347  5.195  1.00 0.00 ? 7  IAM A NH   8  
HETATM 1578 C CI   . IAM A 1 7  ? 4.454  -7.428  4.691  1.00 0.00 ? 7  IAM A CI   8  
HETATM 1579 C CK1  . IAM A 1 7  ? 5.364  -8.180  3.700  1.00 0.00 ? 7  IAM A CK1  8  
HETATM 1580 C CK2  . IAM A 1 7  ? 5.299  -6.892  5.860  1.00 0.00 ? 7  IAM A CK2  8  
HETATM 1581 C C    . IAM A 1 7  ? -2.695 -4.822  3.865  1.00 0.00 ? 7  IAM A C    8  
HETATM 1582 O O    . IAM A 1 7  ? -3.080 -4.991  5.021  1.00 0.00 ? 7  IAM A O    8  
HETATM 1583 H H    . IAM A 1 7  ? -3.247 -4.756  0.908  1.00 0.00 ? 7  IAM A H    8  
HETATM 1584 H HA   . IAM A 1 7  ? -3.921 -6.437  3.140  1.00 0.00 ? 7  IAM A HA   8  
HETATM 1585 H HB   . IAM A 1 7  ? -2.316 -7.348  1.617  1.00 0.00 ? 7  IAM A HB   8  
HETATM 1586 H HB1  . IAM A 1 7  ? -1.559 -5.794  1.339  1.00 0.00 ? 7  IAM A HB1  8  
HETATM 1587 H HD1  . IAM A 1 7  ? 0.330  -5.126  2.585  1.00 0.00 ? 7  IAM A HD1  8  
HETATM 1588 H HE1  . IAM A 1 7  ? 2.141  -5.712  4.224  1.00 0.00 ? 7  IAM A HE1  8  
HETATM 1589 H HE2  . IAM A 1 7  ? -0.073 -9.122  5.444  1.00 0.00 ? 7  IAM A HE2  8  
HETATM 1590 H HD2  . IAM A 1 7  ? -1.881 -8.533  3.807  1.00 0.00 ? 7  IAM A HD2  8  
HETATM 1591 H HT1  . IAM A 1 7  ? 1.876  -8.544  6.611  1.00 0.00 ? 7  IAM A HT1  8  
HETATM 1592 H HT2  . IAM A 1 7  ? 2.533  -6.930  6.464  1.00 0.00 ? 7  IAM A HT2  8  
HETATM 1593 H HH   . IAM A 1 7  ? 3.495  -9.360  5.038  1.00 0.00 ? 7  IAM A HH   8  
HETATM 1594 H HI   . IAM A 1 7  ? 3.992  -6.601  4.193  1.00 0.00 ? 7  IAM A HI   8  
HETATM 1595 H HK11 . IAM A 1 7  ? 5.838  -8.998  4.202  1.00 0.00 ? 7  IAM A HK11 8  
HETATM 1596 H HK12 . IAM A 1 7  ? 4.775  -8.554  2.889  1.00 0.00 ? 7  IAM A HK12 8  
HETATM 1597 H HK13 . IAM A 1 7  ? 6.110  -7.512  3.323  1.00 0.00 ? 7  IAM A HK13 8  
HETATM 1598 H HK21 . IAM A 1 7  ? 6.200  -6.457  5.478  1.00 0.00 ? 7  IAM A HK21 8  
HETATM 1599 H HK22 . IAM A 1 7  ? 4.742  -6.149  6.392  1.00 0.00 ? 7  IAM A HK22 8  
HETATM 1600 H HK23 . IAM A 1 7  ? 5.545  -7.696  6.522  1.00 0.00 ? 7  IAM A HK23 8  
ATOM   1601 N N    . THR A 1 8  ? -1.856 -3.870  3.485  1.00 0.00 ? 8  THR A N    8  
ATOM   1602 C CA   . THR A 1 8  ? -1.312 -2.925  4.445  1.00 0.00 ? 8  THR A CA   8  
ATOM   1603 C C    . THR A 1 8  ? -0.609 -1.774  3.722  1.00 0.00 ? 8  THR A C    8  
ATOM   1604 O O    . THR A 1 8  ? -0.349 -1.857  2.522  1.00 0.00 ? 8  THR A O    8  
ATOM   1605 C CB   . THR A 1 8  ? -0.395 -3.694  5.399  1.00 0.00 ? 8  THR A CB   8  
ATOM   1606 O OG1  . THR A 1 8  ? -0.604 -3.066  6.660  1.00 0.00 ? 8  THR A OG1  8  
ATOM   1607 C CG2  . THR A 1 8  ? 1.087  -3.456  5.104  1.00 0.00 ? 8  THR A CG2  8  
ATOM   1608 H H    . THR A 1 8  ? -1.549 -3.739  2.543  1.00 0.00 ? 8  THR A H    8  
ATOM   1609 H HA   . THR A 1 8  ? -2.140 -2.490  5.007  1.00 0.00 ? 8  THR A HA   8  
ATOM   1610 H HB   . THR A 1 8  ? -0.630 -4.758  5.389  1.00 0.00 ? 8  THR A HB   8  
ATOM   1611 H HG1  . THR A 1 8  ? -0.185 -2.159  6.664  1.00 0.00 ? 8  THR A HG1  8  
ATOM   1612 H HG21 . THR A 1 8  ? 1.286  -3.667  4.054  1.00 0.00 ? 8  THR A HG21 8  
ATOM   1613 H HG22 . THR A 1 8  ? 1.339  -2.419  5.323  1.00 0.00 ? 8  THR A HG22 8  
ATOM   1614 H HG23 . THR A 1 8  ? 1.691  -4.116  5.729  1.00 0.00 ? 8  THR A HG23 8  
ATOM   1615 N N    . PHE A 1 9  ? -0.319 -0.729  4.481  1.00 0.00 ? 9  PHE A N    8  
ATOM   1616 C CA   . PHE A 1 9  ? 0.350  0.436   3.927  1.00 0.00 ? 9  PHE A CA   8  
ATOM   1617 C C    . PHE A 1 9  ? 1.730  0.067   3.378  1.00 0.00 ? 9  PHE A C    8  
ATOM   1618 O O    . PHE A 1 9  ? 2.746  0.298   4.032  1.00 0.00 ? 9  PHE A O    8  
ATOM   1619 C CB   . PHE A 1 9  ? 0.521  1.439   5.071  1.00 0.00 ? 9  PHE A CB   8  
ATOM   1620 C CG   . PHE A 1 9  ? 1.603  2.493   4.818  1.00 0.00 ? 9  PHE A CG   8  
ATOM   1621 C CD1  . PHE A 1 9  ? 1.397  3.467   3.891  1.00 0.00 ? 9  PHE A CD1  8  
ATOM   1622 C CD2  . PHE A 1 9  ? 2.767  2.453   5.518  1.00 0.00 ? 9  PHE A CD2  8  
ATOM   1623 C CE1  . PHE A 1 9  ? 2.400  4.445   3.657  1.00 0.00 ? 9  PHE A CE1  8  
ATOM   1624 C CE2  . PHE A 1 9  ? 3.769  3.429   5.283  1.00 0.00 ? 9  PHE A CE2  8  
ATOM   1625 C CZ   . PHE A 1 9  ? 3.566  4.406   4.357  1.00 0.00 ? 9  PHE A CZ   8  
ATOM   1626 H H    . PHE A 1 9  ? -0.532 -0.670  5.456  1.00 0.00 ? 9  PHE A H    8  
ATOM   1627 H HA   . PHE A 1 9  ? -0.273 0.811   3.116  1.00 0.00 ? 9  PHE A HA   8  
ATOM   1628 H HB3  . PHE A 1 9  ? 0.765  0.897   5.985  1.00 0.00 ? 9  PHE A HB3  8  
ATOM   1629 H HD1  . PHE A 1 9  ? 0.464  3.499   3.330  1.00 0.00 ? 9  PHE A HD1  8  
ATOM   1630 H HD2  . PHE A 1 9  ? 2.931  1.671   6.259  1.00 0.00 ? 9  PHE A HD2  8  
ATOM   1631 H HE1  . PHE A 1 9  ? 2.237  5.227   2.915  1.00 0.00 ? 9  PHE A HE1  8  
ATOM   1632 H HE2  . PHE A 1 9  ? 4.704  3.398   5.844  1.00 0.00 ? 9  PHE A HE2  8  
ATOM   1633 H HZ   . PHE A 1 9  ? 4.336  5.156   4.177  1.00 0.00 ? 9  PHE A HZ   8  
ATOM   1634 N N    . LYS A 1 10 ? 1.723  -0.501  2.181  1.00 0.00 ? 10 LYS A N    8  
ATOM   1635 C CA   . LYS A 1 10 ? 2.961  -0.905  1.536  1.00 0.00 ? 10 LYS A CA   8  
ATOM   1636 C C    . LYS A 1 10 ? 3.169  -0.067  0.273  1.00 0.00 ? 10 LYS A C    8  
ATOM   1637 O O    . LYS A 1 10 ? 2.334  -0.079  -0.629 1.00 0.00 ? 10 LYS A O    8  
ATOM   1638 C CB   . LYS A 1 10 ? 2.965  -2.413  1.282  1.00 0.00 ? 10 LYS A CB   8  
ATOM   1639 C CG   . LYS A 1 10 ? 1.888  -2.801  0.266  1.00 0.00 ? 10 LYS A CG   8  
ATOM   1640 C CD   . LYS A 1 10 ? 1.902  -4.307  -0.001 1.00 0.00 ? 10 LYS A CD   8  
ATOM   1641 C CE   . LYS A 1 10 ? 1.413  -4.619  -1.417 1.00 0.00 ? 10 LYS A CE   8  
ATOM   1642 N NZ   . LYS A 1 10 ? 0.132  -3.929  -1.686 1.00 0.00 ? 10 LYS A NZ   8  
ATOM   1643 H H    . LYS A 1 10 ? 0.892  -0.686  1.654  1.00 0.00 ? 10 LYS A H    8  
ATOM   1644 H HA   . LYS A 1 10 ? 3.775  -0.693  2.230  1.00 0.00 ? 10 LYS A HA   8  
ATOM   1645 H HB2  . LYS A 1 10 ? 3.944  -2.722  0.913  1.00 0.00 ? 10 LYS A HB2  8  
ATOM   1646 H HB3  . LYS A 1 10 ? 2.796  -2.945  2.217  1.00 0.00 ? 10 LYS A HB3  8  
ATOM   1647 H HG2  . LYS A 1 10 ? 0.907  -2.503  0.639  1.00 0.00 ? 10 LYS A HG2  8  
ATOM   1648 H HG3  . LYS A 1 10 ? 2.051  -2.261  -0.667 1.00 0.00 ? 10 LYS A HG3  8  
ATOM   1649 H HD2  . LYS A 1 10 ? 2.912  -4.696  0.134  1.00 0.00 ? 10 LYS A HD2  8  
ATOM   1650 H HD3  . LYS A 1 10 ? 1.269  -4.814  0.726  1.00 0.00 ? 10 LYS A HD3  8  
ATOM   1651 H HE2  . LYS A 1 10 ? 2.163  -4.304  -2.144 1.00 0.00 ? 10 LYS A HE2  8  
ATOM   1652 H HE3  . LYS A 1 10 ? 1.288  -5.695  -1.536 1.00 0.00 ? 10 LYS A HE3  8  
ATOM   1653 H HZ1  . LYS A 1 10 ? -0.636 -4.584  -1.798 1.00 0.00 ? 10 LYS A HZ1  8  
ATOM   1654 N N    . SER A 1 11 ? 4.289  0.641   0.250  1.00 0.00 ? 11 SER A N    8  
ATOM   1655 C CA   . SER A 1 11 ? 4.619  1.483   -0.888 1.00 0.00 ? 11 SER A CA   8  
ATOM   1656 C C    . SER A 1 11 ? 5.118  0.622   -2.049 1.00 0.00 ? 11 SER A C    8  
ATOM   1657 O O    . SER A 1 11 ? 5.429  -0.555  -1.865 1.00 0.00 ? 11 SER A O    8  
ATOM   1658 C CB   . SER A 1 11 ? 5.670  2.529   -0.513 1.00 0.00 ? 11 SER A CB   8  
ATOM   1659 O OG   . SER A 1 11 ? 6.892  1.929   -0.089 1.00 0.00 ? 11 SER A OG   8  
ATOM   1660 H H    . SER A 1 11 ? 4.964  0.646   0.987  1.00 0.00 ? 11 SER A H    8  
ATOM   1661 H HA   . SER A 1 11 ? 3.688  1.983   -1.154 1.00 0.00 ? 11 SER A HA   8  
ATOM   1662 H HB3  . SER A 1 11 ? 5.282  3.163   0.285  1.00 0.00 ? 11 SER A HB3  8  
ATOM   1663 H HG   . SER A 1 11 ? 6.745  1.416   0.757  1.00 0.00 ? 11 SER A HG   8  
ATOM   1664 N N    . CYS A 1 12 ? 5.178  1.240   -3.219 1.00 0.00 ? 12 CYS A N    8  
ATOM   1665 C CA   . CYS A 1 12 ? 5.635  0.544   -4.411 1.00 0.00 ? 12 CYS A CA   8  
ATOM   1666 C C    . CYS A 1 12 ? 7.071  0.983   -4.703 1.00 0.00 ? 12 CYS A C    8  
ATOM   1667 O O    . CYS A 1 12 ? 8.018  0.254   -4.412 1.00 0.00 ? 12 CYS A O    8  
ATOM   1668 C CB   . CYS A 1 12 ? 4.709  0.795   -5.601 1.00 0.00 ? 12 CYS A CB   8  
ATOM   1669 S SG   . CYS A 1 12 ? 3.056  0.021   -5.467 1.00 0.00 ? 12 CYS A SG   8  
ATOM   1670 H H    . CYS A 1 12 ? 4.924  2.196   -3.361 1.00 0.00 ? 12 CYS A H    8  
ATOM   1671 H HA   . CYS A 1 12 ? 5.593  -0.522  -4.187 1.00 0.00 ? 12 CYS A HA   8  
ATOM   1672 H HB3  . CYS A 1 12 ? 5.193  0.428   -6.507 1.00 0.00 ? 12 CYS A HB3  8  
ATOM   1673 N N    . TYR A 1 1  ? -2.661 3.804   -4.481 1.00 0.00 ? 1  TYR A N    9  
ATOM   1674 C CA   . TYR A 1 1  ? -2.009 2.531   -4.732 1.00 0.00 ? 1  TYR A CA   9  
ATOM   1675 C C    . TYR A 1 1  ? -0.716 2.406   -3.921 1.00 0.00 ? 1  TYR A C    9  
ATOM   1676 O O    . TYR A 1 1  ? -0.435 1.354   -3.351 1.00 0.00 ? 1  TYR A O    9  
ATOM   1677 C CB   . TYR A 1 1  ? -1.665 2.516   -6.221 1.00 0.00 ? 1  TYR A CB   9  
ATOM   1678 C CG   . TYR A 1 1  ? -0.768 3.674   -6.664 1.00 0.00 ? 1  TYR A CG   9  
ATOM   1679 C CD1  . TYR A 1 1  ? 0.603  3.564   -6.551 1.00 0.00 ? 1  TYR A CD1  9  
ATOM   1680 C CD2  . TYR A 1 1  ? -1.331 4.826   -7.176 1.00 0.00 ? 1  TYR A CD2  9  
ATOM   1681 C CE1  . TYR A 1 1  ? 1.447  4.654   -6.969 1.00 0.00 ? 1  TYR A CE1  9  
ATOM   1682 C CE2  . TYR A 1 1  ? -0.485 5.916   -7.591 1.00 0.00 ? 1  TYR A CE2  9  
ATOM   1683 C CZ   . TYR A 1 1  ? 0.862  5.776   -7.468 1.00 0.00 ? 1  TYR A CZ   9  
ATOM   1684 O OH   . TYR A 1 1  ? 1.659  6.804   -7.859 1.00 0.00 ? 1  TYR A OH   9  
ATOM   1685 H H1   . TYR A 1 1  ? -2.261 4.585   -4.962 1.00 0.00 ? 1  TYR A H1   9  
ATOM   1686 H HA   . TYR A 1 1  ? -2.695 1.736   -4.429 1.00 0.00 ? 1  TYR A HA   9  
ATOM   1687 H HB3  . TYR A 1 1  ? -2.591 2.547   -6.797 1.00 0.00 ? 1  TYR A HB3  9  
ATOM   1688 H HD1  . TYR A 1 1  ? 1.047  2.655   -6.148 1.00 0.00 ? 1  TYR A HD1  9  
ATOM   1689 H HD2  . TYR A 1 1  ? -2.414 4.910   -7.264 1.00 0.00 ? 1  TYR A HD2  9  
ATOM   1690 H HE1  . TYR A 1 1  ? 2.531  4.583   -6.884 1.00 0.00 ? 1  TYR A HE1  9  
ATOM   1691 H HE2  . TYR A 1 1  ? -0.917 6.831   -7.998 1.00 0.00 ? 1  TYR A HE2  9  
ATOM   1692 H HH   . TYR A 1 1  ? 2.254  7.084   -7.106 1.00 0.00 ? 1  TYR A HH   9  
ATOM   1693 N N    . CYS A 1 2  ? 0.034  3.497   -3.895 1.00 0.00 ? 2  CYS A N    9  
ATOM   1694 C CA   . CYS A 1 2  ? 1.288  3.526   -3.164 1.00 0.00 ? 2  CYS A CA   9  
ATOM   1695 C C    . CYS A 1 2  ? 1.055  2.909   -1.783 1.00 0.00 ? 2  CYS A C    9  
ATOM   1696 O O    . CYS A 1 2  ? 1.897  2.166   -1.281 1.00 0.00 ? 2  CYS A O    9  
ATOM   1697 C CB   . CYS A 1 2  ? 1.857  4.944   -3.066 1.00 0.00 ? 2  CYS A CB   9  
ATOM   1698 S SG   . CYS A 1 2  ? 3.490  5.173   -3.859 1.00 0.00 ? 2  CYS A SG   9  
ATOM   1699 H H    . CYS A 1 2  ? -0.204 4.350   -4.361 1.00 0.00 ? 2  CYS A H    9  
ATOM   1700 H HA   . CYS A 1 2  ? 2.000  2.930   -3.739 1.00 0.00 ? 2  CYS A HA   9  
ATOM   1701 H HB3  . CYS A 1 2  ? 1.937  5.217   -2.016 1.00 0.00 ? 2  CYS A HB3  9  
ATOM   1702 N N    . LYS A 1 3  ? -0.092 3.241   -1.209 1.00 0.00 ? 3  LYS A N    9  
ATOM   1703 C CA   . LYS A 1 3  ? -0.447 2.731   0.104  1.00 0.00 ? 3  LYS A CA   9  
ATOM   1704 C C    . LYS A 1 3  ? -1.852 2.126   0.049  1.00 0.00 ? 3  LYS A C    9  
ATOM   1705 O O    . LYS A 1 3  ? -2.643 2.468   -0.828 1.00 0.00 ? 3  LYS A O    9  
ATOM   1706 C CB   . LYS A 1 3  ? -0.288 3.821   1.164  1.00 0.00 ? 3  LYS A CB   9  
ATOM   1707 C CG   . LYS A 1 3  ? -1.557 4.667   1.276  1.00 0.00 ? 3  LYS A CG   9  
ATOM   1708 C CD   . LYS A 1 3  ? -1.748 5.536   0.030  1.00 0.00 ? 3  LYS A CD   9  
ATOM   1709 C CE   . LYS A 1 3  ? -2.953 5.067   -0.787 1.00 0.00 ? 3  LYS A CE   9  
ATOM   1710 N NZ   . LYS A 1 3  ? -3.769 6.223   -1.218 1.00 0.00 ? 3  LYS A NZ   9  
ATOM   1711 H H    . LYS A 1 3  ? -0.772 3.848   -1.625 1.00 0.00 ? 3  LYS A H    9  
ATOM   1712 H HA   . LYS A 1 3  ? 0.259  1.937   0.348  1.00 0.00 ? 3  LYS A HA   9  
ATOM   1713 H HB3  . LYS A 1 3  ? 0.558  4.459   0.911  1.00 0.00 ? 3  LYS A HB3  9  
ATOM   1714 H HG3  . LYS A 1 3  ? -1.499 5.302   2.160  1.00 0.00 ? 3  LYS A HG3  9  
ATOM   1715 H HD3  . LYS A 1 3  ? -0.847 5.496   -0.587 1.00 0.00 ? 3  LYS A HD3  9  
ATOM   1716 H HE3  . LYS A 1 3  ? -3.561 4.387   -0.191 1.00 0.00 ? 3  LYS A HE3  9  
ATOM   1717 H HZ1  . LYS A 1 3  ? -3.572 7.052   -0.668 1.00 0.00 ? 3  LYS A HZ1  9  
ATOM   1718 H HZ2  . LYS A 1 3  ? -3.600 6.468   -2.187 1.00 0.00 ? 3  LYS A HZ2  9  
ATOM   1719 N N    . PHE A 1 4  ? -2.118 1.240   0.995  1.00 0.00 ? 4  PHE A N    9  
ATOM   1720 C CA   . PHE A 1 4  ? -3.413 0.585   1.065  1.00 0.00 ? 4  PHE A CA   9  
ATOM   1721 C C    . PHE A 1 4  ? -3.722 -0.161  -0.234 1.00 0.00 ? 4  PHE A C    9  
ATOM   1722 O O    . PHE A 1 4  ? -4.390 0.374   -1.118 1.00 0.00 ? 4  PHE A O    9  
ATOM   1723 C CB   . PHE A 1 4  ? -4.458 1.684   1.270  1.00 0.00 ? 4  PHE A CB   9  
ATOM   1724 C CG   . PHE A 1 4  ? -5.840 1.161   1.670  1.00 0.00 ? 4  PHE A CG   9  
ATOM   1725 C CD1  . PHE A 1 4  ? -6.032 0.633   2.910  1.00 0.00 ? 4  PHE A CD1  9  
ATOM   1726 C CD2  . PHE A 1 4  ? -6.873 1.225   0.790  1.00 0.00 ? 4  PHE A CD2  9  
ATOM   1727 C CE1  . PHE A 1 4  ? -7.315 0.149   3.283  1.00 0.00 ? 4  PHE A CE1  9  
ATOM   1728 C CE2  . PHE A 1 4  ? -8.154 0.739   1.163  1.00 0.00 ? 4  PHE A CE2  9  
ATOM   1729 C CZ   . PHE A 1 4  ? -8.349 0.211   2.401  1.00 0.00 ? 4  PHE A CZ   9  
ATOM   1730 H H    . PHE A 1 4  ? -1.468 0.968   1.705  1.00 0.00 ? 4  PHE A H    9  
ATOM   1731 H HA   . PHE A 1 4  ? -3.371 -0.127  1.890  1.00 0.00 ? 4  PHE A HA   9  
ATOM   1732 H HB3  . PHE A 1 4  ? -4.554 2.257   0.348  1.00 0.00 ? 4  PHE A HB3  9  
ATOM   1733 H HD1  . PHE A 1 4  ? -5.205 0.583   3.616  1.00 0.00 ? 4  PHE A HD1  9  
ATOM   1734 H HD2  . PHE A 1 4  ? -6.719 1.646   -0.203 1.00 0.00 ? 4  PHE A HD2  9  
ATOM   1735 H HE1  . PHE A 1 4  ? -7.471 -0.274  4.275  1.00 0.00 ? 4  PHE A HE1  9  
ATOM   1736 H HE2  . PHE A 1 4  ? -8.984 0.789   0.456  1.00 0.00 ? 4  PHE A HE2  9  
ATOM   1737 H HZ   . PHE A 1 4  ? -9.333 -0.162  2.687  1.00 0.00 ? 4  PHE A HZ   9  
ATOM   1738 N N    . GLU A 1 5  ? -3.220 -1.384  -0.310 1.00 0.00 ? 5  GLU A N    9  
ATOM   1739 C CA   . GLU A 1 5  ? -3.434 -2.210  -1.487 1.00 0.00 ? 5  GLU A CA   9  
ATOM   1740 C C    . GLU A 1 5  ? -4.271 -3.438  -1.128 1.00 0.00 ? 5  GLU A C    9  
ATOM   1741 O O    . GLU A 1 5  ? -4.431 -4.344  -1.947 1.00 0.00 ? 5  GLU A O    9  
ATOM   1742 C CB   . GLU A 1 5  ? -2.101 -2.619  -2.118 1.00 0.00 ? 5  GLU A CB   9  
ATOM   1743 C CG   . GLU A 1 5  ? -1.520 -3.852  -1.421 1.00 0.00 ? 5  GLU A CG   9  
ATOM   1744 C CD   . GLU A 1 5  ? -0.146 -4.209  -1.992 1.00 0.00 ? 5  GLU A CD   9  
ATOM   1745 O OE1  . GLU A 1 5  ? 0.410  -3.443  -2.795 1.00 0.00 ? 5  GLU A OE1  9  
ATOM   1746 H H    . GLU A 1 5  ? -2.678 -1.812  0.414  1.00 0.00 ? 5  GLU A H    9  
ATOM   1747 H HA   . GLU A 1 5  ? -3.981 -1.579  -2.187 1.00 0.00 ? 5  GLU A HA   9  
ATOM   1748 H HB2  . GLU A 1 5  ? -2.245 -2.830  -3.177 1.00 0.00 ? 5  GLU A HB2  9  
ATOM   1749 H HB3  . GLU A 1 5  ? -1.393 -1.793  -2.050 1.00 0.00 ? 5  GLU A HB3  9  
ATOM   1750 H HG2  . GLU A 1 5  ? -1.438 -3.664  -0.351 1.00 0.00 ? 5  GLU A HG2  9  
ATOM   1751 H HG3  . GLU A 1 5  ? -2.198 -4.697  -1.545 1.00 0.00 ? 5  GLU A HG3  9  
HETATM 1752 N N    . DTR A 1 6  ? -4.784 -3.431  0.093  1.00 0.00 ? 6  DTR A N    9  
HETATM 1753 C CA   . DTR A 1 6  ? -5.601 -4.533  0.569  1.00 0.00 ? 6  DTR A CA   9  
HETATM 1754 C CB   . DTR A 1 6  ? -7.066 -4.101  0.485  1.00 0.00 ? 6  DTR A CB   9  
HETATM 1755 C CG   . DTR A 1 6  ? -7.416 -3.336  -0.795 1.00 0.00 ? 6  DTR A CG   9  
HETATM 1756 C CD1  . DTR A 1 6  ? -7.914 -2.096  -0.905 1.00 0.00 ? 6  DTR A CD1  9  
HETATM 1757 N NE1  . DTR A 1 6  ? -8.101 -1.743  -2.225 1.00 0.00 ? 6  DTR A NE1  9  
HETATM 1758 C CE2  . DTR A 1 6  ? -7.699 -2.819  -3.006 1.00 0.00 ? 6  DTR A CE2  9  
HETATM 1759 C CZ2  . DTR A 1 6  ? -7.692 -2.953  -4.400 1.00 0.00 ? 6  DTR A CZ2  9  
HETATM 1760 C CH2  . DTR A 1 6  ? -7.224 -4.172  -4.905 1.00 0.00 ? 6  DTR A CH2  9  
HETATM 1761 C CZ3  . DTR A 1 6  ? -6.797 -5.165  -4.029 1.00 0.00 ? 6  DTR A CZ3  9  
HETATM 1762 C CE3  . DTR A 1 6  ? -6.797 -5.045  -2.633 1.00 0.00 ? 6  DTR A CE3  9  
HETATM 1763 C CD2  . DTR A 1 6  ? -7.273 -3.814  -2.149 1.00 0.00 ? 6  DTR A CD2  9  
HETATM 1764 C C    . DTR A 1 6  ? -5.222 -4.810  2.024  1.00 0.00 ? 6  DTR A C    9  
HETATM 1765 O O    . DTR A 1 6  ? -6.090 -5.042  2.864  1.00 0.00 ? 6  DTR A O    9  
HETATM 1766 H H    . DTR A 1 6  ? -4.648 -2.690  0.752  1.00 0.00 ? 6  DTR A H    9  
HETATM 1767 H HA   . DTR A 1 6  ? -5.490 -5.406  -0.073 1.00 0.00 ? 6  DTR A HA   9  
HETATM 1768 H HB2  . DTR A 1 6  ? -7.700 -4.984  0.551  1.00 0.00 ? 6  DTR A HB2  9  
HETATM 1769 H HB3  . DTR A 1 6  ? -7.300 -3.473  1.345  1.00 0.00 ? 6  DTR A HB3  9  
HETATM 1770 H HD1  . DTR A 1 6  ? -8.143 -1.449  -0.059 1.00 0.00 ? 6  DTR A HD1  9  
HETATM 1771 H HE1  . DTR A 1 6  ? -8.493 -0.793  -2.588 1.00 0.00 ? 6  DTR A HE1  9  
HETATM 1772 H HZ2  . DTR A 1 6  ? -8.036 -2.155  -5.057 1.00 0.00 ? 6  DTR A HZ2  9  
HETATM 1773 H HH2  . DTR A 1 6  ? -7.194 -4.344  -5.980 1.00 0.00 ? 6  DTR A HH2  9  
HETATM 1774 H HZ3  . DTR A 1 6  ? -6.438 -6.099  -4.457 1.00 0.00 ? 6  DTR A HZ3  9  
HETATM 1775 H HE3  . DTR A 1 6  ? -6.454 -5.845  -1.977 1.00 0.00 ? 6  DTR A HE3  9  
HETATM 1776 N N    . IAM A 1 7  ? -3.921 -4.773  2.280  1.00 0.00 ? 7  IAM A N    9  
HETATM 1777 C CA   . IAM A 1 7  ? -3.418 -5.016  3.621  1.00 0.00 ? 7  IAM A CA   9  
HETATM 1778 C CB   . IAM A 1 7  ? -2.145 -5.856  3.475  1.00 0.00 ? 7  IAM A CB   9  
HETATM 1779 C CG   . IAM A 1 7  ? -1.175 -5.726  4.648  1.00 0.00 ? 7  IAM A CG   9  
HETATM 1780 C CD1  . IAM A 1 7  ? -1.651 -5.565  5.912  1.00 0.00 ? 7  IAM A CD1  9  
HETATM 1781 C CE1  . IAM A 1 7  ? -0.749 -5.443  7.002  1.00 0.00 ? 7  IAM A CE1  9  
HETATM 1782 C CZ   . IAM A 1 7  ? 0.594  -5.485  6.782  1.00 0.00 ? 7  IAM A CZ   9  
HETATM 1783 C CE2  . IAM A 1 7  ? 1.071  -5.647  5.518  1.00 0.00 ? 7  IAM A CE2  9  
HETATM 1784 C CD2  . IAM A 1 7  ? 0.167  -5.768  4.428  1.00 0.00 ? 7  IAM A CD2  9  
HETATM 1785 C CT   . IAM A 1 7  ? 1.570  -5.355  7.963  1.00 0.00 ? 7  IAM A CT   9  
HETATM 1786 N NH   . IAM A 1 7  ? 2.916  -5.798  7.538  1.00 0.00 ? 7  IAM A NH   9  
HETATM 1787 C CI   . IAM A 1 7  ? 3.822  -4.855  6.847  1.00 0.00 ? 7  IAM A CI   9  
HETATM 1788 C CK1  . IAM A 1 7  ? 4.744  -5.635  5.892  1.00 0.00 ? 7  IAM A CK1  9  
HETATM 1789 C CK2  . IAM A 1 7  ? 4.674  -4.088  7.874  1.00 0.00 ? 7  IAM A CK2  9  
HETATM 1790 C C    . IAM A 1 7  ? -3.066 -3.704  4.323  1.00 0.00 ? 7  IAM A C    9  
HETATM 1791 O O    . IAM A 1 7  ? -3.690 -3.343  5.320  1.00 0.00 ? 7  IAM A O    9  
HETATM 1792 H H    . IAM A 1 7  ? -3.221 -4.584  1.593  1.00 0.00 ? 7  IAM A H    9  
HETATM 1793 H HA   . IAM A 1 7  ? -4.204 -5.525  4.177  1.00 0.00 ? 7  IAM A HA   9  
HETATM 1794 H HB   . IAM A 1 7  ? -2.424 -6.904  3.364  1.00 0.00 ? 7  IAM A HB   9  
HETATM 1795 H HB1  . IAM A 1 7  ? -1.633 -5.565  2.557  1.00 0.00 ? 7  IAM A HB1  9  
HETATM 1796 H HD1  . IAM A 1 7  ? -2.726 -5.528  6.088  1.00 0.00 ? 7  IAM A HD1  9  
HETATM 1797 H HE1  . IAM A 1 7  ? -1.132 -5.316  8.016  1.00 0.00 ? 7  IAM A HE1  9  
HETATM 1798 H HE2  . IAM A 1 7  ? 2.146  -5.680  5.341  1.00 0.00 ? 7  IAM A HE2  9  
HETATM 1799 H HD2  . IAM A 1 7  ? 0.551  -5.896  3.417  1.00 0.00 ? 7  IAM A HD2  9  
HETATM 1800 H HT1  . IAM A 1 7  ? 1.231  -5.964  8.774  1.00 0.00 ? 7  IAM A HT1  9  
HETATM 1801 H HT2  . IAM A 1 7  ? 1.617  -4.332  8.279  1.00 0.00 ? 7  IAM A HT2  9  
HETATM 1802 H HH   . IAM A 1 7  ? 3.222  -6.764  7.725  1.00 0.00 ? 7  IAM A HH   9  
HETATM 1803 H HI   . IAM A 1 7  ? 3.244  -4.152  6.285  1.00 0.00 ? 7  IAM A HI   9  
HETATM 1804 H HK11 . IAM A 1 7  ? 5.334  -6.331  6.453  1.00 0.00 ? 7  IAM A HK11 9  
HETATM 1805 H HK12 . IAM A 1 7  ? 4.151  -6.169  5.178  1.00 0.00 ? 7  IAM A HK12 9  
HETATM 1806 H HK13 . IAM A 1 7  ? 5.389  -4.953  5.379  1.00 0.00 ? 7  IAM A HK13 9  
HETATM 1807 H HK21 . IAM A 1 7  ? 5.692  -4.063  7.544  1.00 0.00 ? 7  IAM A HK21 9  
HETATM 1808 H HK22 . IAM A 1 7  ? 4.307  -3.088  7.968  1.00 0.00 ? 7  IAM A HK22 9  
HETATM 1809 H HK23 . IAM A 1 7  ? 4.619  -4.579  8.822  1.00 0.00 ? 7  IAM A HK23 9  
ATOM   1810 N N    . THR A 1 8  ? -2.071 -3.023  3.776  1.00 0.00 ? 8  THR A N    9  
ATOM   1811 C CA   . THR A 1 8  ? -1.629 -1.758  4.335  1.00 0.00 ? 8  THR A CA   9  
ATOM   1812 C C    . THR A 1 8  ? -0.570 -1.117  3.438  1.00 0.00 ? 8  THR A C    9  
ATOM   1813 O O    . THR A 1 8  ? -0.201 -1.678  2.408  1.00 0.00 ? 8  THR A O    9  
ATOM   1814 C CB   . THR A 1 8  ? -1.142 -2.016  5.761  1.00 0.00 ? 8  THR A CB   9  
ATOM   1815 O OG1  . THR A 1 8  ? -1.761 -0.990  6.532  1.00 0.00 ? 8  THR A OG1  9  
ATOM   1816 C CG2  . THR A 1 8  ? 0.357  -1.752  5.926  1.00 0.00 ? 8  THR A CG2  9  
ATOM   1817 H H    . THR A 1 8  ? -1.567 -3.325  2.963  1.00 0.00 ? 8  THR A H    9  
ATOM   1818 H HA   . THR A 1 8  ? -2.482 -1.079  4.360  1.00 0.00 ? 8  THR A HA   9  
ATOM   1819 H HB   . THR A 1 8  ? -1.396 -3.026  6.083  1.00 0.00 ? 8  THR A HB   9  
ATOM   1820 H HG1  . THR A 1 8  ? -1.642 -0.104  6.082  1.00 0.00 ? 8  THR A HG1  9  
ATOM   1821 H HG21 . THR A 1 8  ? 0.896  -2.195  5.089  1.00 0.00 ? 8  THR A HG21 9  
ATOM   1822 H HG22 . THR A 1 8  ? 0.536  -0.678  5.946  1.00 0.00 ? 8  THR A HG22 9  
ATOM   1823 H HG23 . THR A 1 8  ? 0.703  -2.197  6.858  1.00 0.00 ? 8  THR A HG23 9  
ATOM   1824 N N    . PHE A 1 9  ? -0.110 0.052   3.859  1.00 0.00 ? 9  PHE A N    9  
ATOM   1825 C CA   . PHE A 1 9  ? 0.900  0.776   3.106  1.00 0.00 ? 9  PHE A CA   9  
ATOM   1826 C C    . PHE A 1 9  ? 2.033  -0.155  2.674  1.00 0.00 ? 9  PHE A C    9  
ATOM   1827 O O    . PHE A 1 9  ? 2.886  -0.519  3.481  1.00 0.00 ? 9  PHE A O    9  
ATOM   1828 C CB   . PHE A 1 9  ? 1.467  1.850   4.037  1.00 0.00 ? 9  PHE A CB   9  
ATOM   1829 C CG   . PHE A 1 9  ? 0.401  2.711   4.718  1.00 0.00 ? 9  PHE A CG   9  
ATOM   1830 C CD1  . PHE A 1 9  ? -0.875 2.711   4.247  1.00 0.00 ? 9  PHE A CD1  9  
ATOM   1831 C CD2  . PHE A 1 9  ? 0.728  3.477   5.792  1.00 0.00 ? 9  PHE A CD2  9  
ATOM   1832 C CE1  . PHE A 1 9  ? -1.865 3.511   4.876  1.00 0.00 ? 9  PHE A CE1  9  
ATOM   1833 C CE2  . PHE A 1 9  ? -0.262 4.276   6.423  1.00 0.00 ? 9  PHE A CE2  9  
ATOM   1834 C CZ   . PHE A 1 9  ? -1.537 4.277   5.951  1.00 0.00 ? 9  PHE A CZ   9  
ATOM   1835 H H    . PHE A 1 9  ? -0.416 0.502   4.699  1.00 0.00 ? 9  PHE A H    9  
ATOM   1836 H HA   . PHE A 1 9  ? 0.411  1.187   2.224  1.00 0.00 ? 9  PHE A HA   9  
ATOM   1837 H HB3  . PHE A 1 9  ? 2.132  2.498   3.466  1.00 0.00 ? 9  PHE A HB3  9  
ATOM   1838 H HD1  . PHE A 1 9  ? -1.137 2.096   3.384  1.00 0.00 ? 9  PHE A HD1  9  
ATOM   1839 H HD2  . PHE A 1 9  ? 1.751  3.477   6.169  1.00 0.00 ? 9  PHE A HD2  9  
ATOM   1840 H HE1  . PHE A 1 9  ? -2.887 3.511   4.499  1.00 0.00 ? 9  PHE A HE1  9  
ATOM   1841 H HE2  . PHE A 1 9  ? 0.001  4.891   7.284  1.00 0.00 ? 9  PHE A HE2  9  
ATOM   1842 H HZ   . PHE A 1 9  ? -2.298 4.889   6.436  1.00 0.00 ? 9  PHE A HZ   9  
ATOM   1843 N N    . LYS A 1 10 ? 2.002  -0.517  1.399  1.00 0.00 ? 10 LYS A N    9  
ATOM   1844 C CA   . LYS A 1 10 ? 3.017  -1.401  0.847  1.00 0.00 ? 10 LYS A CA   9  
ATOM   1845 C C    . LYS A 1 10 ? 3.050  -1.246  -0.675 1.00 0.00 ? 10 LYS A C    9  
ATOM   1846 O O    . LYS A 1 10 ? 2.155  -1.724  -1.370 1.00 0.00 ? 10 LYS A O    9  
ATOM   1847 C CB   . LYS A 1 10 ? 2.785  -2.838  1.313  1.00 0.00 ? 10 LYS A CB   9  
ATOM   1848 C CG   . LYS A 1 10 ? 1.532  -3.429  0.671  1.00 0.00 ? 10 LYS A CG   9  
ATOM   1849 C CD   . LYS A 1 10 ? 1.088  -4.700  1.396  1.00 0.00 ? 10 LYS A CD   9  
ATOM   1850 C CE   . LYS A 1 10 ? 0.695  -5.793  0.401  1.00 0.00 ? 10 LYS A CE   9  
ATOM   1851 N NZ   . LYS A 1 10 ? 1.111  -5.419  -0.969 1.00 0.00 ? 10 LYS A NZ   9  
ATOM   1852 H H    . LYS A 1 10 ? 1.305  -0.218  0.749  1.00 0.00 ? 10 LYS A H    9  
ATOM   1853 H HA   . LYS A 1 10 ? 3.980  -1.082  1.248  1.00 0.00 ? 10 LYS A HA   9  
ATOM   1854 H HB2  . LYS A 1 10 ? 3.651  -3.451  1.060  1.00 0.00 ? 10 LYS A HB2  9  
ATOM   1855 H HB3  . LYS A 1 10 ? 2.688  -2.862  2.400  1.00 0.00 ? 10 LYS A HB3  9  
ATOM   1856 H HG2  . LYS A 1 10 ? 0.726  -2.694  0.693  1.00 0.00 ? 10 LYS A HG2  9  
ATOM   1857 H HG3  . LYS A 1 10 ? 1.726  -3.655  -0.378 1.00 0.00 ? 10 LYS A HG3  9  
ATOM   1858 H HD2  . LYS A 1 10 ? 1.894  -5.058  2.036  1.00 0.00 ? 10 LYS A HD2  9  
ATOM   1859 H HD3  . LYS A 1 10 ? 0.242  -4.476  2.048  1.00 0.00 ? 10 LYS A HD3  9  
ATOM   1860 H HE2  . LYS A 1 10 ? 1.160  -6.736  0.684  1.00 0.00 ? 10 LYS A HE2  9  
ATOM   1861 H HE3  . LYS A 1 10 ? -0.384 -5.949  0.430  1.00 0.00 ? 10 LYS A HE3  9  
ATOM   1862 H HZ1  . LYS A 1 10 ? 2.085  -5.134  -1.005 1.00 0.00 ? 10 LYS A HZ1  9  
ATOM   1863 N N    . SER A 1 11 ? 4.090  -0.573  -1.147 1.00 0.00 ? 11 SER A N    9  
ATOM   1864 C CA   . SER A 1 11 ? 4.250  -0.350  -2.574 1.00 0.00 ? 11 SER A CA   9  
ATOM   1865 C C    . SER A 1 11 ? 5.536  0.438   -2.838 1.00 0.00 ? 11 SER A C    9  
ATOM   1866 O O    . SER A 1 11 ? 6.498  -0.104  -3.379 1.00 0.00 ? 11 SER A O    9  
ATOM   1867 C CB   . SER A 1 11 ? 3.045  0.394   -3.154 1.00 0.00 ? 11 SER A CB   9  
ATOM   1868 O OG   . SER A 1 11 ? 2.899  0.164   -4.553 1.00 0.00 ? 11 SER A OG   9  
ATOM   1869 H H    . SER A 1 11 ? 4.814  -0.187  -0.574 1.00 0.00 ? 11 SER A H    9  
ATOM   1870 H HA   . SER A 1 11 ? 4.312  -1.343  -3.017 1.00 0.00 ? 11 SER A HA   9  
ATOM   1871 H HB3  . SER A 1 11 ? 3.155  1.462   -2.970 1.00 0.00 ? 11 SER A HB3  9  
ATOM   1872 H HG   . SER A 1 11 ? 1.941  -0.019  -4.772 1.00 0.00 ? 11 SER A HG   9  
ATOM   1873 N N    . CYS A 1 12 ? 5.509  1.702   -2.445 1.00 0.00 ? 12 CYS A N    9  
ATOM   1874 C CA   . CYS A 1 12 ? 6.662  2.568   -2.631 1.00 0.00 ? 12 CYS A CA   9  
ATOM   1875 C C    . CYS A 1 12 ? 7.390  2.695   -1.293 1.00 0.00 ? 12 CYS A C    9  
ATOM   1876 O O    . CYS A 1 12 ? 8.489  3.244   -1.229 1.00 0.00 ? 12 CYS A O    9  
ATOM   1877 C CB   . CYS A 1 12 ? 6.256  3.933   -3.193 1.00 0.00 ? 12 CYS A CB   9  
ATOM   1878 S SG   . CYS A 1 12 ? 4.791  4.687   -2.397 1.00 0.00 ? 12 CYS A SG   9  
ATOM   1879 H H    . CYS A 1 12 ? 4.722  2.135   -2.005 1.00 0.00 ? 12 CYS A H    9  
ATOM   1880 H HA   . CYS A 1 12 ? 7.297  2.088   -3.375 1.00 0.00 ? 12 CYS A HA   9  
ATOM   1881 H HB3  . CYS A 1 12 ? 6.058  3.828   -4.259 1.00 0.00 ? 12 CYS A HB3  9  
ATOM   1882 N N    . TYR A 1 1  ? 5.971  5.512   -4.126 1.00 0.00 ? 1  TYR A N    10 
ATOM   1883 C CA   . TYR A 1 1  ? 5.122  5.575   -2.950 1.00 0.00 ? 1  TYR A CA   10 
ATOM   1884 C C    . TYR A 1 1  ? 3.654  5.753   -3.341 1.00 0.00 ? 1  TYR A C    10 
ATOM   1885 O O    . TYR A 1 1  ? 3.318  6.645   -4.118 1.00 0.00 ? 1  TYR A O    10 
ATOM   1886 C CB   . TYR A 1 1  ? 5.581  6.806   -2.165 1.00 0.00 ? 1  TYR A CB   10 
ATOM   1887 C CG   . TYR A 1 1  ? 5.283  8.134   -2.862 1.00 0.00 ? 1  TYR A CG   10 
ATOM   1888 C CD1  . TYR A 1 1  ? 6.013  8.510   -3.971 1.00 0.00 ? 1  TYR A CD1  10 
ATOM   1889 C CD2  . TYR A 1 1  ? 4.284  8.958   -2.381 1.00 0.00 ? 1  TYR A CD2  10 
ATOM   1890 C CE1  . TYR A 1 1  ? 5.733  9.763   -4.627 1.00 0.00 ? 1  TYR A CE1  10 
ATOM   1891 C CE2  . TYR A 1 1  ? 4.003  10.209  -3.038 1.00 0.00 ? 1  TYR A CE2  10 
ATOM   1892 C CZ   . TYR A 1 1  ? 4.742  10.549  -4.128 1.00 0.00 ? 1  TYR A CZ   10 
ATOM   1893 O OH   . TYR A 1 1  ? 4.478  11.729  -4.748 1.00 0.00 ? 1  TYR A OH   10 
ATOM   1894 H H1   . TYR A 1 1  ? 6.935  5.725   -3.966 1.00 0.00 ? 1  TYR A H1   10 
ATOM   1895 H HA   . TYR A 1 1  ? 5.235  4.638   -2.403 1.00 0.00 ? 1  TYR A HA   10 
ATOM   1896 H HB3  . TYR A 1 1  ? 6.654  6.733   -1.989 1.00 0.00 ? 1  TYR A HB3  10 
ATOM   1897 H HD1  . TYR A 1 1  ? 6.803  7.862   -4.350 1.00 0.00 ? 1  TYR A HD1  10 
ATOM   1898 H HD2  . TYR A 1 1  ? 3.707  8.660   -1.506 1.00 0.00 ? 1  TYR A HD2  10 
ATOM   1899 H HE1  . TYR A 1 1  ? 6.301  10.071  -5.503 1.00 0.00 ? 1  TYR A HE1  10 
ATOM   1900 H HE2  . TYR A 1 1  ? 3.218  10.866  -2.670 1.00 0.00 ? 1  TYR A HE2  10 
ATOM   1901 H HH   . TYR A 1 1  ? 4.353  12.453  -4.068 1.00 0.00 ? 1  TYR A HH   10 
ATOM   1902 N N    . CYS A 1 2  ? 2.818  4.888   -2.784 1.00 0.00 ? 2  CYS A N    10 
ATOM   1903 C CA   . CYS A 1 2  ? 1.393  4.939   -3.062 1.00 0.00 ? 2  CYS A CA   10 
ATOM   1904 C C    . CYS A 1 2  ? 0.639  4.615   -1.773 1.00 0.00 ? 2  CYS A C    10 
ATOM   1905 O O    . CYS A 1 2  ? -0.244 5.365   -1.361 1.00 0.00 ? 2  CYS A O    10 
ATOM   1906 C CB   . CYS A 1 2  ? 1.007  3.992   -4.203 1.00 0.00 ? 2  CYS A CB   10 
ATOM   1907 S SG   . CYS A 1 2  ? 2.342  3.663   -5.411 1.00 0.00 ? 2  CYS A SG   10 
ATOM   1908 H H    . CYS A 1 2  ? 3.099  4.166   -2.152 1.00 0.00 ? 2  CYS A H    10 
ATOM   1909 H HA   . CYS A 1 2  ? 1.175  5.953   -3.396 1.00 0.00 ? 2  CYS A HA   10 
ATOM   1910 H HB3  . CYS A 1 2  ? 0.153  4.414   -4.733 1.00 0.00 ? 2  CYS A HB3  10 
ATOM   1911 N N    . LYS A 1 3  ? 1.011  3.495   -1.170 1.00 0.00 ? 3  LYS A N    10 
ATOM   1912 C CA   . LYS A 1 3  ? 0.380  3.063   0.065  1.00 0.00 ? 3  LYS A CA   10 
ATOM   1913 C C    . LYS A 1 3  ? -0.978 2.436   -0.254 1.00 0.00 ? 3  LYS A C    10 
ATOM   1914 O O    . LYS A 1 3  ? -1.588 2.754   -1.275 1.00 0.00 ? 3  LYS A O    10 
ATOM   1915 C CB   . LYS A 1 3  ? 0.307  4.220   1.062  1.00 0.00 ? 3  LYS A CB   10 
ATOM   1916 C CG   . LYS A 1 3  ? 1.635  4.977   1.123  1.00 0.00 ? 3  LYS A CG   10 
ATOM   1917 C CD   . LYS A 1 3  ? 2.650  4.231   1.992  1.00 0.00 ? 3  LYS A CD   10 
ATOM   1918 C CE   . LYS A 1 3  ? 3.655  3.465   1.126  1.00 0.00 ? 3  LYS A CE   10 
ATOM   1919 N NZ   . LYS A 1 3  ? 4.490  4.405   0.347  1.00 0.00 ? 3  LYS A NZ   10 
ATOM   1920 H H    . LYS A 1 3  ? 1.731  2.891   -1.513 1.00 0.00 ? 3  LYS A H    10 
ATOM   1921 H HA   . LYS A 1 3  ? 1.017  2.298   0.507  1.00 0.00 ? 3  LYS A HA   10 
ATOM   1922 H HB3  . LYS A 1 3  ? 0.056  3.838   2.051  1.00 0.00 ? 3  LYS A HB3  10 
ATOM   1923 H HG3  . LYS A 1 3  ? 1.471  5.976   1.528  1.00 0.00 ? 3  LYS A HG3  10 
ATOM   1924 H HD3  . LYS A 1 3  ? 2.130  3.535   2.652  1.00 0.00 ? 3  LYS A HD3  10 
ATOM   1925 H HE3  . LYS A 1 3  ? 3.123  2.795   0.451  1.00 0.00 ? 3  LYS A HE3  10 
ATOM   1926 H HZ1  . LYS A 1 3  ? 5.371  3.990   0.069  1.00 0.00 ? 3  LYS A HZ1  10 
ATOM   1927 H HZ2  . LYS A 1 3  ? 4.027  4.710   -0.502 1.00 0.00 ? 3  LYS A HZ2  10 
ATOM   1928 N N    . PHE A 1 4  ? -1.416 1.561   0.640  1.00 0.00 ? 4  PHE A N    10 
ATOM   1929 C CA   . PHE A 1 4  ? -2.691 0.889   0.465  1.00 0.00 ? 4  PHE A CA   10 
ATOM   1930 C C    . PHE A 1 4  ? -2.694 0.036   -0.803 1.00 0.00 ? 4  PHE A C    10 
ATOM   1931 O O    . PHE A 1 4  ? -3.088 0.503   -1.870 1.00 0.00 ? 4  PHE A O    10 
ATOM   1932 C CB   . PHE A 1 4  ? -3.756 1.979   0.334  1.00 0.00 ? 4  PHE A CB   10 
ATOM   1933 C CG   . PHE A 1 4  ? -3.654 3.079   1.393  1.00 0.00 ? 4  PHE A CG   10 
ATOM   1934 C CD1  . PHE A 1 4  ? -4.004 2.820   2.681  1.00 0.00 ? 4  PHE A CD1  10 
ATOM   1935 C CD2  . PHE A 1 4  ? -3.214 4.318   1.044  1.00 0.00 ? 4  PHE A CD2  10 
ATOM   1936 C CE1  . PHE A 1 4  ? -3.908 3.842   3.661  1.00 0.00 ? 4  PHE A CE1  10 
ATOM   1937 C CE2  . PHE A 1 4  ? -3.120 5.341   2.024  1.00 0.00 ? 4  PHE A CE2  10 
ATOM   1938 C CZ   . PHE A 1 4  ? -3.468 5.080   3.314  1.00 0.00 ? 4  PHE A CZ   10 
ATOM   1939 H H    . PHE A 1 4  ? -0.912 1.309   1.466  1.00 0.00 ? 4  PHE A H    10 
ATOM   1940 H HA   . PHE A 1 4  ? -2.838 0.246   1.333  1.00 0.00 ? 4  PHE A HA   10 
ATOM   1941 H HB3  . PHE A 1 4  ? -4.743 1.519   0.399  1.00 0.00 ? 4  PHE A HB3  10 
ATOM   1942 H HD1  . PHE A 1 4  ? -4.357 1.827   2.960  1.00 0.00 ? 4  PHE A HD1  10 
ATOM   1943 H HD2  . PHE A 1 4  ? -2.935 4.527   0.010  1.00 0.00 ? 4  PHE A HD2  10 
ATOM   1944 H HE1  . PHE A 1 4  ? -4.189 3.633   4.695  1.00 0.00 ? 4  PHE A HE1  10 
ATOM   1945 H HE2  . PHE A 1 4  ? -2.765 6.333   1.745  1.00 0.00 ? 4  PHE A HE2  10 
ATOM   1946 H HZ   . PHE A 1 4  ? -3.394 5.865   4.066  1.00 0.00 ? 4  PHE A HZ   10 
ATOM   1947 N N    . GLU A 1 5  ? -2.248 -1.204  -0.647 1.00 0.00 ? 5  GLU A N    10 
ATOM   1948 C CA   . GLU A 1 5  ? -2.193 -2.127  -1.767 1.00 0.00 ? 5  GLU A CA   10 
ATOM   1949 C C    . GLU A 1 5  ? -3.218 -3.247  -1.582 1.00 0.00 ? 5  GLU A C    10 
ATOM   1950 O O    . GLU A 1 5  ? -3.420 -4.063  -2.478 1.00 0.00 ? 5  GLU A O    10 
ATOM   1951 C CB   . GLU A 1 5  ? -0.784 -2.697  -1.938 1.00 0.00 ? 5  GLU A CB   10 
ATOM   1952 C CG   . GLU A 1 5  ? -0.565 -3.905  -1.023 1.00 0.00 ? 5  GLU A CG   10 
ATOM   1953 C CD   . GLU A 1 5  ? 0.906  -4.029  -0.620 1.00 0.00 ? 5  GLU A CD   10 
ATOM   1954 O OE1  . GLU A 1 5  ? 1.792  -3.965  -1.484 1.00 0.00 ? 5  GLU A OE1  10 
ATOM   1955 H H    . GLU A 1 5  ? -1.928 -1.577  0.225  1.00 0.00 ? 5  GLU A H    10 
ATOM   1956 H HA   . GLU A 1 5  ? -2.447 -1.532  -2.645 1.00 0.00 ? 5  GLU A HA   10 
ATOM   1957 H HB2  . GLU A 1 5  ? -0.630 -2.991  -2.977 1.00 0.00 ? 5  GLU A HB2  10 
ATOM   1958 H HB3  . GLU A 1 5  ? -0.046 -1.928  -1.712 1.00 0.00 ? 5  GLU A HB3  10 
ATOM   1959 H HG2  . GLU A 1 5  ? -1.184 -3.805  -0.131 1.00 0.00 ? 5  GLU A HG2  10 
ATOM   1960 H HG3  . GLU A 1 5  ? -0.885 -4.814  -1.531 1.00 0.00 ? 5  GLU A HG3  10 
HETATM 1961 N N    . DTR A 1 6  ? -3.840 -3.247  -0.413 1.00 0.00 ? 6  DTR A N    10 
HETATM 1962 C CA   . DTR A 1 6  ? -4.842 -4.253  -0.099 1.00 0.00 ? 6  DTR A CA   10 
HETATM 1963 C CB   . DTR A 1 6  ? -6.195 -3.734  -0.583 1.00 0.00 ? 6  DTR A CB   10 
HETATM 1964 C CG   . DTR A 1 6  ? -6.242 -3.418  -2.081 1.00 0.00 ? 6  DTR A CG   10 
HETATM 1965 C CD1  . DTR A 1 6  ? -6.591 -2.265  -2.669 1.00 0.00 ? 6  DTR A CD1  10 
HETATM 1966 N NE1  . DTR A 1 6  ? -6.513 -2.358  -4.044 1.00 0.00 ? 6  DTR A NE1  10 
HETATM 1967 C CE2  . DTR A 1 6  ? -6.087 -3.645  -4.352 1.00 0.00 ? 6  DTR A CE2  10 
HETATM 1968 C CZ2  . DTR A 1 6  ? -5.854 -4.230  -5.601 1.00 0.00 ? 6  DTR A CZ2  10 
HETATM 1969 C CH2  . DTR A 1 6  ? -5.425 -5.563  -5.595 1.00 0.00 ? 6  DTR A CH2  10 
HETATM 1970 C CZ3  . DTR A 1 6  ? -5.256 -6.227  -4.387 1.00 0.00 ? 6  DTR A CZ3  10 
HETATM 1971 C CE3  . DTR A 1 6  ? -5.486 -5.657  -3.128 1.00 0.00 ? 6  DTR A CE3  10 
HETATM 1972 C CD2  . DTR A 1 6  ? -5.915 -4.319  -3.158 1.00 0.00 ? 6  DTR A CD2  10 
HETATM 1973 C C    . DTR A 1 6  ? -4.865 -4.439  1.420  1.00 0.00 ? 6  DTR A C    10 
HETATM 1974 O O    . DTR A 1 6  ? -5.897 -4.238  2.057  1.00 0.00 ? 6  DTR A O    10 
HETATM 1975 H H    . DTR A 1 6  ? -3.672 -2.580  0.312  1.00 0.00 ? 6  DTR A H    10 
HETATM 1976 H HA   . DTR A 1 6  ? -4.647 -5.180  -0.638 1.00 0.00 ? 6  DTR A HA   10 
HETATM 1977 H HB2  . DTR A 1 6  ? -6.963 -4.475  -0.354 1.00 0.00 ? 6  DTR A HB2  10 
HETATM 1978 H HB3  . DTR A 1 6  ? -6.448 -2.832  -0.025 1.00 0.00 ? 6  DTR A HB3  10 
HETATM 1979 H HD1  . DTR A 1 6  ? -6.899 -1.369  -2.131 1.00 0.00 ? 6  DTR A HD1  10 
HETATM 1980 H HE1  . DTR A 1 6  ? -6.740 -1.567  -4.758 1.00 0.00 ? 6  DTR A HE1  10 
HETATM 1981 H HZ2  . DTR A 1 6  ? -5.997 -3.677  -6.529 1.00 0.00 ? 6  DTR A HZ2  10 
HETATM 1982 H HH2  . DTR A 1 6  ? -5.226 -6.078  -6.534 1.00 0.00 ? 6  DTR A HH2  10 
HETATM 1983 H HZ3  . DTR A 1 6  ? -4.923 -7.263  -4.419 1.00 0.00 ? 6  DTR A HZ3  10 
HETATM 1984 H HE3  . DTR A 1 6  ? -5.342 -6.210  -2.199 1.00 0.00 ? 6  DTR A HE3  10 
HETATM 1985 N N    . IAM A 1 7  ? -3.715 -4.822  1.955  1.00 0.00 ? 7  IAM A N    10 
HETATM 1986 C CA   . IAM A 1 7  ? -3.591 -5.036  3.386  1.00 0.00 ? 7  IAM A CA   10 
HETATM 1987 C CB   . IAM A 1 7  ? -2.429 -6.012  3.592  1.00 0.00 ? 7  IAM A CB   10 
HETATM 1988 C CG   . IAM A 1 7  ? -2.243 -7.009  2.447  1.00 0.00 ? 7  IAM A CG   10 
HETATM 1989 C CD1  . IAM A 1 7  ? -1.330 -6.759  1.471  1.00 0.00 ? 7  IAM A CD1  10 
HETATM 1990 C CE1  . IAM A 1 7  ? -1.155 -7.686  0.410  1.00 0.00 ? 7  IAM A CE1  10 
HETATM 1991 C CZ   . IAM A 1 7  ? -1.904 -8.821  0.369  1.00 0.00 ? 7  IAM A CZ   10 
HETATM 1992 C CE2  . IAM A 1 7  ? -2.817 -9.072  1.345  1.00 0.00 ? 7  IAM A CE2  10 
HETATM 1993 C CD2  . IAM A 1 7  ? -2.990 -8.144  2.407  1.00 0.00 ? 7  IAM A CD2  10 
HETATM 1994 C CT   . IAM A 1 7  ? -1.715 -9.826  -0.782 1.00 0.00 ? 7  IAM A CT   10 
HETATM 1995 N NH   . IAM A 1 7  ? -0.443 -10.557 -0.591 1.00 0.00 ? 7  IAM A NH   10 
HETATM 1996 C CI   . IAM A 1 7  ? 0.845  -9.839  -0.689 1.00 0.00 ? 7  IAM A CI   10 
HETATM 1997 C CK1  . IAM A 1 7  ? 1.002  -9.254  -2.106 1.00 0.00 ? 7  IAM A CK1  10 
HETATM 1998 C CK2  . IAM A 1 7  ? 2.012  -10.797 -0.396 1.00 0.00 ? 7  IAM A CK2  10 
HETATM 1999 C C    . IAM A 1 7  ? -3.278 -3.728  4.113  1.00 0.00 ? 7  IAM A C    10 
HETATM 2000 O O    . IAM A 1 7  ? -4.018 -3.316  5.004  1.00 0.00 ? 7  IAM A O    10 
HETATM 2001 H H    . IAM A 1 7  ? -2.879 -4.984  1.429  1.00 0.00 ? 7  IAM A H    10 
HETATM 2002 H HA   . IAM A 1 7  ? -4.545 -5.426  3.739  1.00 0.00 ? 7  IAM A HA   10 
HETATM 2003 H HB   . IAM A 1 7  ? -1.508 -5.442  3.717  1.00 0.00 ? 7  IAM A HB   10 
HETATM 2004 H HB1  . IAM A 1 7  ? -2.591 -6.562  4.519  1.00 0.00 ? 7  IAM A HB1  10 
HETATM 2005 H HD1  . IAM A 1 7  ? -0.731 -5.850  1.504  1.00 0.00 ? 7  IAM A HD1  10 
HETATM 2006 H HE1  . IAM A 1 7  ? -0.422 -7.488  -0.374 1.00 0.00 ? 7  IAM A HE1  10 
HETATM 2007 H HE2  . IAM A 1 7  ? -3.416 -9.980  1.311  1.00 0.00 ? 7  IAM A HE2  10 
HETATM 2008 H HD2  . IAM A 1 7  ? -3.723 -8.342  3.189  1.00 0.00 ? 7  IAM A HD2  10 
HETATM 2009 H HT1  . IAM A 1 7  ? -1.689 -9.300  -1.716 1.00 0.00 ? 7  IAM A HT1  10 
HETATM 2010 H HT2  . IAM A 1 7  ? -2.529 -10.522 -0.788 1.00 0.00 ? 7  IAM A HT2  10 
HETATM 2011 H HH   . IAM A 1 7  ? -0.456 -11.567 -0.389 1.00 0.00 ? 7  IAM A HH   10 
HETATM 2012 H HI   . IAM A 1 7  ? 0.865  -9.043  0.027  1.00 0.00 ? 7  IAM A HI   10 
HETATM 2013 H HK11 . IAM A 1 7  ? 0.998  -10.053 -2.822 1.00 0.00 ? 7  IAM A HK11 10 
HETATM 2014 H HK12 . IAM A 1 7  ? 0.191  -8.589  -2.311 1.00 0.00 ? 7  IAM A HK12 10 
HETATM 2015 H HK13 . IAM A 1 7  ? 1.928  -8.722  -2.173 1.00 0.00 ? 7  IAM A HK13 10 
HETATM 2016 H HK21 . IAM A 1 7  ? 2.255  -11.345 -1.283 1.00 0.00 ? 7  IAM A HK21 10 
HETATM 2017 H HK22 . IAM A 1 7  ? 2.867  -10.236 -0.081 1.00 0.00 ? 7  IAM A HK22 10 
HETATM 2018 H HK23 . IAM A 1 7  ? 1.729  -11.479 0.379  1.00 0.00 ? 7  IAM A HK23 10 
ATOM   2019 N N    . THR A 1 8  ? -2.179 -3.110  3.703  1.00 0.00 ? 8  THR A N    10 
ATOM   2020 C CA   . THR A 1 8  ? -1.760 -1.855  4.305  1.00 0.00 ? 8  THR A CA   10 
ATOM   2021 C C    . THR A 1 8  ? -0.514 -1.314  3.597  1.00 0.00 ? 8  THR A C    10 
ATOM   2022 O O    . THR A 1 8  ? 0.054  -1.985  2.737  1.00 0.00 ? 8  THR A O    10 
ATOM   2023 C CB   . THR A 1 8  ? -1.552 -2.092  5.802  1.00 0.00 ? 8  THR A CB   10 
ATOM   2024 O OG1  . THR A 1 8  ? -2.145 -0.956  6.419  1.00 0.00 ? 8  THR A OG1  10 
ATOM   2025 C CG2  . THR A 1 8  ? -0.080 -2.012  6.209  1.00 0.00 ? 8  THR A CG2  10 
ATOM   2026 H H    . THR A 1 8  ? -1.582 -3.451  2.976  1.00 0.00 ? 8  THR A H    10 
ATOM   2027 H HA   . THR A 1 8  ? -2.551 -1.121  4.160  1.00 0.00 ? 8  THR A HA   10 
ATOM   2028 H HB   . THR A 1 8  ? -1.990 -3.042  6.108  1.00 0.00 ? 8  THR A HB   10 
ATOM   2029 H HG1  . THR A 1 8  ? -1.580 -0.146  6.260  1.00 0.00 ? 8  THR A HG1  10 
ATOM   2030 H HG21 . THR A 1 8  ? 0.240  -0.971  6.215  1.00 0.00 ? 8  THR A HG21 10 
ATOM   2031 H HG22 . THR A 1 8  ? 0.046  -2.437  7.205  1.00 0.00 ? 8  THR A HG22 10 
ATOM   2032 H HG23 . THR A 1 8  ? 0.525  -2.575  5.497  1.00 0.00 ? 8  THR A HG23 10 
ATOM   2033 N N    . PHE A 1 9  ? -0.127 -0.109  3.986  1.00 0.00 ? 9  PHE A N    10 
ATOM   2034 C CA   . PHE A 1 9  ? 1.040  0.527   3.400  1.00 0.00 ? 9  PHE A CA   10 
ATOM   2035 C C    . PHE A 1 9  ? 2.142  -0.496  3.124  1.00 0.00 ? 9  PHE A C    10 
ATOM   2036 O O    . PHE A 1 9  ? 2.904  -0.850  4.022  1.00 0.00 ? 9  PHE A O    10 
ATOM   2037 C CB   . PHE A 1 9  ? 1.551  1.548   4.419  1.00 0.00 ? 9  PHE A CB   10 
ATOM   2038 C CG   . PHE A 1 9  ? 1.438  1.087   5.874  1.00 0.00 ? 9  PHE A CG   10 
ATOM   2039 C CD1  . PHE A 1 9  ? 0.308  1.347   6.583  1.00 0.00 ? 9  PHE A CD1  10 
ATOM   2040 C CD2  . PHE A 1 9  ? 2.469  0.415   6.455  1.00 0.00 ? 9  PHE A CD2  10 
ATOM   2041 C CE1  . PHE A 1 9  ? 0.203  0.918   7.934  1.00 0.00 ? 9  PHE A CE1  10 
ATOM   2042 C CE2  . PHE A 1 9  ? 2.362  -0.013  7.805  1.00 0.00 ? 9  PHE A CE2  10 
ATOM   2043 C CZ   . PHE A 1 9  ? 1.232  0.246   8.516  1.00 0.00 ? 9  PHE A CZ   10 
ATOM   2044 H H    . PHE A 1 9  ? -0.597 0.429   4.687  1.00 0.00 ? 9  PHE A H    10 
ATOM   2045 H HA   . PHE A 1 9  ? 0.723  0.981   2.460  1.00 0.00 ? 9  PHE A HA   10 
ATOM   2046 H HB3  . PHE A 1 9  ? 0.992  2.477   4.298  1.00 0.00 ? 9  PHE A HB3  10 
ATOM   2047 H HD1  . PHE A 1 9  ? -0.518 1.884   6.117  1.00 0.00 ? 9  PHE A HD1  10 
ATOM   2048 H HD2  . PHE A 1 9  ? 3.373  0.208   5.886  1.00 0.00 ? 9  PHE A HD2  10 
ATOM   2049 H HE1  . PHE A 1 9  ? -0.704 1.125   8.503  1.00 0.00 ? 9  PHE A HE1  10 
ATOM   2050 H HE2  . PHE A 1 9  ? 3.188  -0.550  8.272  1.00 0.00 ? 9  PHE A HE2  10 
ATOM   2051 H HZ   . PHE A 1 9  ? 1.152  -0.083  9.551  1.00 0.00 ? 9  PHE A HZ   10 
ATOM   2052 N N    . LYS A 1 10 ? 2.193  -0.943  1.878  1.00 0.00 ? 10 LYS A N    10 
ATOM   2053 C CA   . LYS A 1 10 ? 3.189  -1.917  1.472  1.00 0.00 ? 10 LYS A CA   10 
ATOM   2054 C C    . LYS A 1 10 ? 3.815  -1.481  0.146  1.00 0.00 ? 10 LYS A C    10 
ATOM   2055 O O    . LYS A 1 10 ? 3.708  -2.187  -0.857 1.00 0.00 ? 10 LYS A O    10 
ATOM   2056 C CB   . LYS A 1 10 ? 2.581  -3.322  1.433  1.00 0.00 ? 10 LYS A CB   10 
ATOM   2057 C CG   . LYS A 1 10 ? 2.816  -4.061  2.752  1.00 0.00 ? 10 LYS A CG   10 
ATOM   2058 C CD   . LYS A 1 10 ? 1.971  -5.334  2.826  1.00 0.00 ? 10 LYS A CD   10 
ATOM   2059 C CE   . LYS A 1 10 ? 1.950  -6.057  1.479  1.00 0.00 ? 10 LYS A CE   10 
ATOM   2060 N NZ   . LYS A 1 10 ? 0.896  -5.496  0.606  1.00 0.00 ? 10 LYS A NZ   10 
ATOM   2061 H H    . LYS A 1 10 ? 1.570  -0.648  1.154  1.00 0.00 ? 10 LYS A H    10 
ATOM   2062 H HA   . LYS A 1 10 ? 3.969  -1.926  2.235  1.00 0.00 ? 10 LYS A HA   10 
ATOM   2063 H HB2  . LYS A 1 10 ? 1.511  -3.252  1.236  1.00 0.00 ? 10 LYS A HB2  10 
ATOM   2064 H HB3  . LYS A 1 10 ? 3.020  -3.890  0.613  1.00 0.00 ? 10 LYS A HB3  10 
ATOM   2065 H HG2  . LYS A 1 10 ? 3.872  -4.312  2.849  1.00 0.00 ? 10 LYS A HG2  10 
ATOM   2066 H HG3  . LYS A 1 10 ? 2.567  -3.404  3.589  1.00 0.00 ? 10 LYS A HG3  10 
ATOM   2067 H HD2  . LYS A 1 10 ? 2.374  -5.995  3.593  1.00 0.00 ? 10 LYS A HD2  10 
ATOM   2068 H HD3  . LYS A 1 10 ? 0.953  -5.082  3.124  1.00 0.00 ? 10 LYS A HD3  10 
ATOM   2069 H HE2  . LYS A 1 10 ? 2.922  -5.960  0.994  1.00 0.00 ? 10 LYS A HE2  10 
ATOM   2070 H HE3  . LYS A 1 10 ? 1.776  -7.121  1.633  1.00 0.00 ? 10 LYS A HE3  10 
ATOM   2071 H HZ1  . LYS A 1 10 ? 0.598  -4.577  0.912  1.00 0.00 ? 10 LYS A HZ1  10 
ATOM   2072 N N    . SER A 1 11 ? 4.454  -0.322  0.183  1.00 0.00 ? 11 SER A N    10 
ATOM   2073 C CA   . SER A 1 11 ? 5.096  0.219   -1.003 1.00 0.00 ? 11 SER A CA   10 
ATOM   2074 C C    . SER A 1 11 ? 4.226  -0.043  -2.235 1.00 0.00 ? 11 SER A C    10 
ATOM   2075 O O    . SER A 1 11 ? 4.599  -0.821  -3.111 1.00 0.00 ? 11 SER A O    10 
ATOM   2076 C CB   . SER A 1 11 ? 6.488  -0.387  -1.199 1.00 0.00 ? 11 SER A CB   10 
ATOM   2077 O OG   . SER A 1 11 ? 6.457  -1.813  -1.189 1.00 0.00 ? 11 SER A OG   10 
ATOM   2078 H H    . SER A 1 11 ? 4.536  0.245   1.004  1.00 0.00 ? 11 SER A H    10 
ATOM   2079 H HA   . SER A 1 11 ? 5.189  1.289   -0.821 1.00 0.00 ? 11 SER A HA   10 
ATOM   2080 H HB3  . SER A 1 11 ? 7.152  -0.035  -0.412 1.00 0.00 ? 11 SER A HB3  10 
ATOM   2081 H HG   . SER A 1 11 ? 6.310  -2.145  -0.258 1.00 0.00 ? 11 SER A HG   10 
ATOM   2082 N N    . CYS A 1 12 ? 3.080  0.622   -2.260 1.00 0.00 ? 12 CYS A N    10 
ATOM   2083 C CA   . CYS A 1 12 ? 2.153  0.472   -3.370 1.00 0.00 ? 12 CYS A CA   10 
ATOM   2084 C C    . CYS A 1 12 ? 1.526  -0.919  -3.286 1.00 0.00 ? 12 CYS A C    10 
ATOM   2085 O O    . CYS A 1 12 ? 0.864  -1.365  -4.223 1.00 0.00 ? 12 CYS A O    10 
ATOM   2086 C CB   . CYS A 1 12 ? 2.838  0.711   -4.715 1.00 0.00 ? 12 CYS A CB   10 
ATOM   2087 S SG   . CYS A 1 12 ? 1.856  1.681   -5.916 1.00 0.00 ? 12 CYS A SG   10 
ATOM   2088 H H    . CYS A 1 12 ? 2.782  1.254   -1.543 1.00 0.00 ? 12 CYS A H    10 
ATOM   2089 H HA   . CYS A 1 12 ? 1.394  1.247   -3.250 1.00 0.00 ? 12 CYS A HA   10 
ATOM   2090 H HB3  . CYS A 1 12 ? 3.080  -0.254  -5.160 1.00 0.00 ? 12 CYS A HB3  10 
# 
loop_
_pdbx_poly_seq_scheme.asym_id 
_pdbx_poly_seq_scheme.entity_id 
_pdbx_poly_seq_scheme.seq_id 
_pdbx_poly_seq_scheme.mon_id 
_pdbx_poly_seq_scheme.ndb_seq_num 
_pdbx_poly_seq_scheme.pdb_seq_num 
_pdbx_poly_seq_scheme.auth_seq_num 
_pdbx_poly_seq_scheme.pdb_mon_id 
_pdbx_poly_seq_scheme.auth_mon_id 
_pdbx_poly_seq_scheme.pdb_strand_id 
_pdbx_poly_seq_scheme.pdb_ins_code 
_pdbx_poly_seq_scheme.hetero 
A 1 1  TYR 1  1  1  TYR TYR A . n 
A 1 2  CYS 2  2  2  CYS CYS A . n 
A 1 3  LYS 3  3  3  LYS LYS A . n 
A 1 4  PHE 4  4  4  PHE PHE A . n 
A 1 5  GLU 5  5  5  GLU GLU A . n 
A 1 6  DTR 6  6  6  DTR DTR A . n 
A 1 7  IAM 7  7  7  IAM IAM A . n 
A 1 8  THR 8  8  8  THR THR A . n 
A 1 9  PHE 9  9  9  PHE PHE A . n 
A 1 10 LYS 10 10 10 LYS LYS A . n 
A 1 11 SER 11 11 11 SER SER A . n 
A 1 12 CYS 12 12 12 CYS CYS A . n 
# 
loop_
_pdbx_struct_mod_residue.id 
_pdbx_struct_mod_residue.label_asym_id 
_pdbx_struct_mod_residue.label_comp_id 
_pdbx_struct_mod_residue.label_seq_id 
_pdbx_struct_mod_residue.auth_asym_id 
_pdbx_struct_mod_residue.auth_comp_id 
_pdbx_struct_mod_residue.auth_seq_id 
_pdbx_struct_mod_residue.PDB_ins_code 
_pdbx_struct_mod_residue.parent_comp_id 
_pdbx_struct_mod_residue.details 
1 A DTR 6 A DTR 6 ? TRP D-TRYPTOPHAN                              
2 A IAM 7 A IAM 7 ? ALA '4-[(ISOPROPYLAMINO)METHYL]PHENYLALANINE' 
# 
_pdbx_struct_assembly.id                   1 
_pdbx_struct_assembly.details              author_defined_assembly 
_pdbx_struct_assembly.method_details       ? 
_pdbx_struct_assembly.oligomeric_details   monomeric 
_pdbx_struct_assembly.oligomeric_count     1 
# 
_pdbx_struct_assembly_gen.assembly_id       1 
_pdbx_struct_assembly_gen.oper_expression   1 
_pdbx_struct_assembly_gen.asym_id_list      A 
# 
_pdbx_struct_oper_list.id                   1 
_pdbx_struct_oper_list.type                 'identity operation' 
_pdbx_struct_oper_list.name                 1_555 
_pdbx_struct_oper_list.symmetry_operation   x,y,z 
_pdbx_struct_oper_list.matrix[1][1]         1.0000000000 
_pdbx_struct_oper_list.matrix[1][2]         0.0000000000 
_pdbx_struct_oper_list.matrix[1][3]         0.0000000000 
_pdbx_struct_oper_list.vector[1]            0.0000000000 
_pdbx_struct_oper_list.matrix[2][1]         0.0000000000 
_pdbx_struct_oper_list.matrix[2][2]         1.0000000000 
_pdbx_struct_oper_list.matrix[2][3]         0.0000000000 
_pdbx_struct_oper_list.vector[2]            0.0000000000 
_pdbx_struct_oper_list.matrix[3][1]         0.0000000000 
_pdbx_struct_oper_list.matrix[3][2]         0.0000000000 
_pdbx_struct_oper_list.matrix[3][3]         1.0000000000 
_pdbx_struct_oper_list.vector[3]            0.0000000000 
# 
loop_
_pdbx_audit_revision_history.ordinal 
_pdbx_audit_revision_history.data_content_type 
_pdbx_audit_revision_history.major_revision 
_pdbx_audit_revision_history.minor_revision 
_pdbx_audit_revision_history.revision_date 
1 'Structure model' 1 0 2005-02-15 
2 'Structure model' 1 1 2008-04-30 
3 'Structure model' 1 2 2011-07-13 
4 'Structure model' 1 3 2022-03-02 
# 
_pdbx_audit_revision_details.ordinal             1 
_pdbx_audit_revision_details.revision_ordinal    1 
_pdbx_audit_revision_details.data_content_type   'Structure model' 
_pdbx_audit_revision_details.provider            repository 
_pdbx_audit_revision_details.type                'Initial release' 
_pdbx_audit_revision_details.description         ? 
_pdbx_audit_revision_details.details             ? 
# 
loop_
_pdbx_audit_revision_group.ordinal 
_pdbx_audit_revision_group.revision_ordinal 
_pdbx_audit_revision_group.data_content_type 
_pdbx_audit_revision_group.group 
1 2 'Structure model' 'Version format compliance' 
2 3 'Structure model' 'Version format compliance' 
3 4 'Structure model' 'Data collection'           
4 4 'Structure model' 'Database references'       
5 4 'Structure model' 'Derived calculations'      
# 
loop_
_pdbx_audit_revision_category.ordinal 
_pdbx_audit_revision_category.revision_ordinal 
_pdbx_audit_revision_category.data_content_type 
_pdbx_audit_revision_category.category 
1 4 'Structure model' database_2            
2 4 'Structure model' pdbx_nmr_spectrometer 
3 4 'Structure model' pdbx_struct_assembly  
4 4 'Structure model' pdbx_struct_oper_list 
5 4 'Structure model' struct_conn           
# 
loop_
_pdbx_audit_revision_item.ordinal 
_pdbx_audit_revision_item.revision_ordinal 
_pdbx_audit_revision_item.data_content_type 
_pdbx_audit_revision_item.item 
1 4 'Structure model' '_database_2.pdbx_DOI'                
2 4 'Structure model' '_database_2.pdbx_database_accession' 
3 4 'Structure model' '_pdbx_nmr_spectrometer.model'        
4 4 'Structure model' '_struct_conn.pdbx_leaving_atom_flag' 
# 
loop_
_pdbx_validate_close_contact.id 
_pdbx_validate_close_contact.PDB_model_num 
_pdbx_validate_close_contact.auth_atom_id_1 
_pdbx_validate_close_contact.auth_asym_id_1 
_pdbx_validate_close_contact.auth_comp_id_1 
_pdbx_validate_close_contact.auth_seq_id_1 
_pdbx_validate_close_contact.PDB_ins_code_1 
_pdbx_validate_close_contact.label_alt_id_1 
_pdbx_validate_close_contact.auth_atom_id_2 
_pdbx_validate_close_contact.auth_asym_id_2 
_pdbx_validate_close_contact.auth_comp_id_2 
_pdbx_validate_close_contact.auth_seq_id_2 
_pdbx_validate_close_contact.PDB_ins_code_2 
_pdbx_validate_close_contact.label_alt_id_2 
_pdbx_validate_close_contact.dist 
1  1  OE1 A GLU 5 ? ? HZ1 A LYS 10 ? ? 1.38 
2  1  CD  A GLU 5 ? ? NZ  A LYS 10 ? ? 1.82 
3  1  OE1 A GLU 5 ? ? NZ  A LYS 10 ? ? 2.19 
4  2  CD  A GLU 5 ? ? NZ  A LYS 10 ? ? 1.96 
5  3  CD  A GLU 5 ? ? NZ  A LYS 10 ? ? 2.10 
6  4  CD  A GLU 5 ? ? NZ  A LYS 10 ? ? 2.05 
7  5  OE1 A GLU 5 ? ? HZ1 A LYS 10 ? ? 1.43 
8  5  OE1 A GLU 5 ? ? NZ  A LYS 10 ? ? 1.81 
9  5  CD  A GLU 5 ? ? NZ  A LYS 10 ? ? 1.91 
10 6  CD  A GLU 5 ? ? NZ  A LYS 10 ? ? 1.80 
11 7  CD  A GLU 5 ? ? NZ  A LYS 10 ? ? 2.09 
12 8  CD  A GLU 5 ? ? NZ  A LYS 10 ? ? 1.89 
13 9  CD  A GLU 5 ? ? NZ  A LYS 10 ? ? 2.02 
14 10 CD  A GLU 5 ? ? NZ  A LYS 10 ? ? 1.91 
# 
loop_
_pdbx_validate_torsion.id 
_pdbx_validate_torsion.PDB_model_num 
_pdbx_validate_torsion.auth_comp_id 
_pdbx_validate_torsion.auth_asym_id 
_pdbx_validate_torsion.auth_seq_id 
_pdbx_validate_torsion.PDB_ins_code 
_pdbx_validate_torsion.label_alt_id 
_pdbx_validate_torsion.phi 
_pdbx_validate_torsion.psi 
1  1  CYS A 2  ? ? 58.78   -100.08 
2  1  PHE A 4  ? ? 51.96   81.13   
3  1  DTR A 6  ? ? 147.05  -42.41  
4  1  IAM A 7  ? ? -97.42  -64.65  
5  1  PHE A 9  ? ? -38.87  96.67   
6  1  SER A 11 ? ? 65.26   140.12  
7  2  CYS A 2  ? ? 49.04   -171.75 
8  2  LYS A 3  ? ? 179.11  113.59  
9  2  PHE A 4  ? ? 72.16   94.43   
10 2  PHE A 9  ? ? -37.49  100.02  
11 2  SER A 11 ? ? -39.18  120.02  
12 3  LYS A 3  ? ? 70.40   50.29   
13 3  PHE A 4  ? ? 162.97  99.43   
14 3  PHE A 9  ? ? -37.05  107.09  
15 3  LYS A 10 ? ? -150.61 85.85   
16 3  SER A 11 ? ? 176.53  -72.76  
17 4  LYS A 3  ? ? -41.96  162.06  
18 4  PHE A 4  ? ? 64.77   89.93   
19 4  THR A 8  ? ? -175.35 -179.32 
20 4  PHE A 9  ? ? -45.27  97.88   
21 4  LYS A 10 ? ? -161.91 102.27  
22 4  SER A 11 ? ? -173.67 -179.18 
23 5  CYS A 2  ? ? -179.32 125.79  
24 5  PHE A 4  ? ? 54.45   82.82   
25 5  THR A 8  ? ? -174.34 -178.79 
26 5  PHE A 9  ? ? -67.51  90.21   
27 6  CYS A 2  ? ? -47.22  -86.83  
28 6  LYS A 3  ? ? 58.33   164.38  
29 6  PHE A 4  ? ? 40.60   74.36   
30 6  PHE A 9  ? ? -65.86  74.80   
31 7  PHE A 4  ? ? 166.47  97.69   
32 7  THR A 8  ? ? -174.27 -177.39 
33 7  PHE A 9  ? ? -49.40  90.76   
34 7  LYS A 10 ? ? -166.39 85.02   
35 7  SER A 11 ? ? -168.82 -47.24  
36 8  CYS A 2  ? ? -99.68  -62.22  
37 8  LYS A 3  ? ? 62.33   139.25  
38 8  PHE A 4  ? ? 56.31   84.08   
39 8  PHE A 9  ? ? -61.39  79.55   
40 9  PHE A 4  ? ? 57.89   84.83   
41 9  IAM A 7  ? ? -101.04 -64.82  
42 9  PHE A 9  ? ? -46.05  103.34  
43 9  SER A 11 ? ? -179.46 -70.04  
44 10 CYS A 2  ? ? -142.06 -52.28  
45 10 LYS A 3  ? ? 77.99   154.76  
46 10 PHE A 4  ? ? 61.98   88.03   
47 10 DTR A 6  ? ? 152.67  -59.22  
48 10 PHE A 9  ? ? -37.39  97.53   
49 10 SER A 11 ? ? 39.24   67.71   
# 
loop_
_pdbx_unobs_or_zero_occ_atoms.id 
_pdbx_unobs_or_zero_occ_atoms.PDB_model_num 
_pdbx_unobs_or_zero_occ_atoms.polymer_flag 
_pdbx_unobs_or_zero_occ_atoms.occupancy_flag 
_pdbx_unobs_or_zero_occ_atoms.auth_asym_id 
_pdbx_unobs_or_zero_occ_atoms.auth_comp_id 
_pdbx_unobs_or_zero_occ_atoms.auth_seq_id 
_pdbx_unobs_or_zero_occ_atoms.PDB_ins_code 
_pdbx_unobs_or_zero_occ_atoms.auth_atom_id 
_pdbx_unobs_or_zero_occ_atoms.label_alt_id 
_pdbx_unobs_or_zero_occ_atoms.label_asym_id 
_pdbx_unobs_or_zero_occ_atoms.label_comp_id 
_pdbx_unobs_or_zero_occ_atoms.label_seq_id 
_pdbx_unobs_or_zero_occ_atoms.label_atom_id 
1  1  Y 1 A GLU 5 ? OE2 ? A GLU 5 OE2 
2  2  Y 1 A GLU 5 ? OE2 ? A GLU 5 OE2 
3  3  Y 1 A GLU 5 ? OE2 ? A GLU 5 OE2 
4  4  Y 1 A GLU 5 ? OE2 ? A GLU 5 OE2 
5  5  Y 1 A GLU 5 ? OE2 ? A GLU 5 OE2 
6  6  Y 1 A GLU 5 ? OE2 ? A GLU 5 OE2 
7  7  Y 1 A GLU 5 ? OE2 ? A GLU 5 OE2 
8  8  Y 1 A GLU 5 ? OE2 ? A GLU 5 OE2 
9  9  Y 1 A GLU 5 ? OE2 ? A GLU 5 OE2 
10 10 Y 1 A GLU 5 ? OE2 ? A GLU 5 OE2 
# 
